data_1AQD
#
_entry.id   1AQD
#
_cell.length_a   134.514
_cell.length_b   134.320
_cell.length_c   131.232
_cell.angle_alpha   90.00
_cell.angle_beta   104.82
_cell.angle_gamma   90.00
#
_symmetry.space_group_name_H-M   'C 1 2 1'
#
loop_
_entity.id
_entity.type
_entity.pdbx_description
1 polymer 'HLA-DR1 CLASS II HISTOCOMPATIBILITY PROTEIN'
2 polymer 'HLA-DR1 CLASS II HISTOCOMPATIBILITY PROTEIN'
3 polymer HLA-A2
4 water water
#
loop_
_entity_poly.entity_id
_entity_poly.type
_entity_poly.pdbx_seq_one_letter_code
_entity_poly.pdbx_strand_id
1 'polypeptide(L)'
;IKEEHVIIQAEFYLNPDQSGEFMFDFDGDEIFHVDMAKKETVWRLEEFGRFASFEAQGALANIAVDKANLEIMTKRSNYT
PITNVPPEVTVLTNSPVELREPNVLICFIDKFTPPVVNVTWLRNGKPVTTGVSETVFLPREDHLFRKFHYLPFLPSTEDV
YDCRVEHWGLDEPLLKHWEFDAPSPLPETTEN
;
A,D,G,J
2 'polypeptide(L)'
;GDTRPRFLWQLKFECHFFNGTERVRLLERCIYNQEESVRFDSDVGEYRAVTELGRPDAEYWNSQKDLLEQRRAAVDTYCR
HNYGVGESFTVQRRVEPKVTVYPSKTQPLQHHNLLVCSVSGFYPGSIEVRWFRNGQEEKAGVVSTGLIQNGDWTFQTLVM
LETVPRSGEVYTCQVEHPSVTSPLTVEWRARSESAQSK
;
B,E,H,K
3 'polypeptide(L)' VGSDWRFLRGYHQYA C,F,I,L
#
# COMPACT_ATOMS: atom_id res chain seq x y z
N GLU A 3 40.00 -37.05 9.95
CA GLU A 3 39.93 -36.77 8.51
C GLU A 3 40.76 -35.55 8.06
N GLU A 4 41.45 -35.70 6.92
CA GLU A 4 42.26 -34.62 6.36
C GLU A 4 41.51 -33.79 5.33
N HIS A 5 41.03 -34.40 4.25
CA HIS A 5 40.31 -33.61 3.23
C HIS A 5 39.10 -34.34 2.71
N VAL A 6 38.29 -33.65 1.91
CA VAL A 6 37.11 -34.26 1.34
C VAL A 6 36.92 -33.54 0.04
N ILE A 7 36.81 -34.30 -1.05
CA ILE A 7 36.53 -33.72 -2.37
C ILE A 7 35.09 -34.15 -2.64
N ILE A 8 34.23 -33.24 -3.06
CA ILE A 8 32.85 -33.60 -3.28
C ILE A 8 32.34 -33.27 -4.64
N GLN A 9 31.89 -34.29 -5.38
CA GLN A 9 31.28 -34.10 -6.71
C GLN A 9 29.81 -33.99 -6.43
N ALA A 10 29.28 -32.82 -6.73
CA ALA A 10 27.87 -32.52 -6.44
C ALA A 10 27.11 -32.06 -7.66
N GLU A 11 25.94 -32.64 -7.87
CA GLU A 11 25.11 -32.25 -9.00
C GLU A 11 23.66 -32.19 -8.54
N PHE A 12 22.86 -31.42 -9.28
CA PHE A 12 21.46 -31.33 -8.96
C PHE A 12 20.70 -30.99 -10.19
N TYR A 13 19.43 -31.38 -10.15
CA TYR A 13 18.48 -31.06 -11.20
C TYR A 13 17.17 -30.62 -10.52
N LEU A 14 16.66 -29.45 -10.90
CA LEU A 14 15.49 -28.93 -10.26
C LEU A 14 14.38 -28.65 -11.23
N ASN A 15 13.16 -29.04 -10.83
CA ASN A 15 11.95 -28.75 -11.61
C ASN A 15 11.02 -27.90 -10.77
N PRO A 16 10.14 -27.15 -11.42
CA PRO A 16 10.00 -27.04 -12.85
C PRO A 16 11.00 -26.17 -13.54
N ASP A 17 11.96 -25.66 -12.79
CA ASP A 17 12.95 -24.76 -13.34
C ASP A 17 13.81 -25.36 -14.45
N GLN A 18 14.07 -26.65 -14.29
CA GLN A 18 14.87 -27.40 -15.25
C GLN A 18 16.22 -26.77 -15.21
N SER A 19 16.72 -26.58 -13.99
CA SER A 19 18.03 -25.98 -13.73
C SER A 19 18.87 -27.12 -13.23
N GLY A 20 20.10 -27.20 -13.71
CA GLY A 20 20.97 -28.28 -13.28
C GLY A 20 22.31 -27.73 -12.89
N GLU A 21 23.11 -28.53 -12.21
CA GLU A 21 24.42 -28.06 -11.75
C GLU A 21 25.38 -29.21 -11.55
N PHE A 22 26.61 -28.98 -11.96
CA PHE A 22 27.68 -29.95 -11.86
C PHE A 22 28.91 -29.18 -11.36
N MET A 23 29.47 -29.66 -10.25
CA MET A 23 30.64 -29.03 -9.63
C MET A 23 31.44 -29.93 -8.69
N PHE A 24 32.66 -29.46 -8.42
CA PHE A 24 33.58 -30.12 -7.48
C PHE A 24 33.90 -29.21 -6.32
N ASP A 25 34.08 -29.85 -5.19
CA ASP A 25 34.29 -29.12 -3.99
C ASP A 25 35.41 -29.72 -3.14
N PHE A 26 36.39 -28.90 -2.85
CA PHE A 26 37.46 -29.30 -1.98
C PHE A 26 37.37 -28.53 -0.65
N ASP A 27 37.09 -29.24 0.43
CA ASP A 27 37.01 -28.66 1.75
C ASP A 27 36.18 -27.38 1.89
N GLY A 28 35.12 -27.27 1.11
CA GLY A 28 34.23 -26.15 1.21
C GLY A 28 34.36 -25.19 0.10
N ASP A 29 35.40 -25.38 -0.70
CA ASP A 29 35.67 -24.48 -1.79
C ASP A 29 35.46 -25.12 -3.12
N GLU A 30 34.81 -24.39 -4.03
CA GLU A 30 34.52 -24.84 -5.38
C GLU A 30 35.80 -24.91 -6.18
N ILE A 31 36.08 -26.10 -6.73
CA ILE A 31 37.23 -26.31 -7.60
C ILE A 31 36.85 -25.79 -9.00
N PHE A 32 35.69 -26.23 -9.48
CA PHE A 32 35.18 -25.78 -10.78
C PHE A 32 33.71 -26.25 -10.88
N HIS A 33 33.01 -25.70 -11.87
CA HIS A 33 31.64 -26.10 -12.18
C HIS A 33 31.55 -26.04 -13.71
N VAL A 34 30.61 -26.78 -14.28
CA VAL A 34 30.41 -26.78 -15.73
C VAL A 34 29.26 -25.84 -16.14
N ASP A 35 29.57 -24.86 -16.99
CA ASP A 35 28.56 -23.98 -17.50
C ASP A 35 27.78 -24.89 -18.45
N MET A 36 26.53 -25.20 -18.09
CA MET A 36 25.66 -26.07 -18.88
C MET A 36 25.34 -25.40 -20.20
N ALA A 37 25.00 -24.12 -20.18
CA ALA A 37 24.67 -23.36 -21.40
C ALA A 37 25.85 -23.30 -22.39
N LYS A 38 26.98 -22.78 -21.93
CA LYS A 38 28.17 -22.68 -22.77
C LYS A 38 28.87 -23.99 -22.87
N LYS A 39 28.36 -24.98 -22.16
CA LYS A 39 28.95 -26.32 -22.13
C LYS A 39 30.45 -26.27 -21.88
N GLU A 40 30.87 -25.51 -20.87
CA GLU A 40 32.29 -25.41 -20.57
C GLU A 40 32.67 -25.44 -19.11
N THR A 41 33.84 -26.00 -18.84
CA THR A 41 34.38 -26.10 -17.49
C THR A 41 34.86 -24.71 -17.03
N VAL A 42 34.38 -24.26 -15.89
CA VAL A 42 34.82 -22.97 -15.36
C VAL A 42 35.56 -23.27 -14.04
N TRP A 43 36.85 -22.95 -13.98
CA TRP A 43 37.69 -23.17 -12.78
C TRP A 43 37.55 -21.98 -11.83
N ARG A 44 37.33 -22.28 -10.54
CA ARG A 44 37.15 -21.25 -9.50
C ARG A 44 38.32 -20.25 -9.50
N LEU A 45 39.54 -20.78 -9.53
CA LEU A 45 40.73 -19.96 -9.64
C LEU A 45 41.31 -20.30 -11.02
N GLU A 46 41.51 -19.30 -11.87
CA GLU A 46 42.03 -19.51 -13.21
C GLU A 46 43.22 -20.46 -13.19
N GLU A 47 44.14 -20.17 -12.29
CA GLU A 47 45.33 -20.96 -12.12
C GLU A 47 45.14 -22.49 -11.84
N PHE A 48 43.90 -22.93 -11.66
CA PHE A 48 43.61 -24.33 -11.41
C PHE A 48 43.61 -25.05 -12.73
N GLY A 49 43.12 -24.37 -13.76
CA GLY A 49 43.07 -24.97 -15.09
C GLY A 49 44.42 -25.16 -15.80
N ARG A 50 45.53 -24.87 -15.13
CA ARG A 50 46.87 -25.00 -15.67
C ARG A 50 47.44 -26.22 -15.07
N PHE A 51 46.64 -26.90 -14.27
CA PHE A 51 47.10 -28.09 -13.62
C PHE A 51 46.23 -29.31 -13.81
N ALA A 52 45.03 -29.09 -14.35
CA ALA A 52 44.11 -30.18 -14.53
C ALA A 52 43.19 -29.83 -15.66
N SER A 53 42.57 -30.86 -16.19
CA SER A 53 41.63 -30.75 -17.31
C SER A 53 40.34 -31.56 -17.01
N PHE A 54 39.21 -31.03 -17.45
CA PHE A 54 37.95 -31.71 -17.26
C PHE A 54 37.09 -31.56 -18.52
N GLU A 55 36.66 -32.68 -19.10
CA GLU A 55 35.85 -32.56 -20.30
C GLU A 55 34.35 -32.44 -19.95
N ALA A 56 33.90 -31.21 -20.16
CA ALA A 56 32.54 -30.73 -19.90
C ALA A 56 31.38 -31.56 -20.40
N GLN A 57 31.54 -32.26 -21.53
CA GLN A 57 30.45 -33.05 -22.11
C GLN A 57 29.97 -34.16 -21.15
N GLY A 58 30.88 -34.60 -20.29
CA GLY A 58 30.57 -35.64 -19.33
C GLY A 58 29.56 -35.18 -18.30
N ALA A 59 29.75 -33.94 -17.86
CA ALA A 59 28.88 -33.34 -16.88
C ALA A 59 27.50 -33.31 -17.47
N LEU A 60 27.44 -32.82 -18.70
CA LEU A 60 26.19 -32.67 -19.44
C LEU A 60 25.39 -33.98 -19.50
N ALA A 61 26.12 -35.09 -19.56
CA ALA A 61 25.51 -36.42 -19.61
C ALA A 61 24.96 -36.76 -18.27
N ASN A 62 25.76 -36.43 -17.26
CA ASN A 62 25.39 -36.66 -15.88
C ASN A 62 24.11 -35.89 -15.55
N ILE A 63 23.99 -34.67 -16.05
CA ILE A 63 22.82 -33.90 -15.73
C ILE A 63 21.57 -34.51 -16.29
N ALA A 64 21.73 -35.19 -17.43
CA ALA A 64 20.63 -35.88 -18.11
C ALA A 64 20.05 -37.07 -17.31
N VAL A 65 20.94 -37.87 -16.74
CA VAL A 65 20.52 -38.99 -15.91
C VAL A 65 19.80 -38.44 -14.70
N ASP A 66 20.27 -37.27 -14.21
CA ASP A 66 19.75 -36.57 -13.03
C ASP A 66 18.35 -36.08 -13.33
N LYS A 67 18.19 -35.48 -14.50
CA LYS A 67 16.89 -35.02 -14.93
C LYS A 67 15.92 -36.22 -14.93
N ALA A 68 16.38 -37.30 -15.53
CA ALA A 68 15.60 -38.51 -15.62
C ALA A 68 15.25 -39.04 -14.28
N ASN A 69 16.24 -39.19 -13.41
CA ASN A 69 16.02 -39.78 -12.11
C ASN A 69 15.07 -38.92 -11.27
N LEU A 70 15.14 -37.61 -11.48
CA LEU A 70 14.28 -36.70 -10.75
C LEU A 70 12.83 -37.04 -11.07
N GLU A 71 12.54 -37.20 -12.35
CA GLU A 71 11.17 -37.50 -12.80
C GLU A 71 10.63 -38.79 -12.18
N ILE A 72 11.49 -39.78 -12.07
CA ILE A 72 11.16 -41.07 -11.46
C ILE A 72 10.84 -40.88 -9.98
N MET A 73 11.70 -40.12 -9.30
CA MET A 73 11.54 -39.87 -7.86
C MET A 73 10.34 -39.03 -7.52
N THR A 74 10.11 -37.95 -8.27
CA THR A 74 8.99 -37.07 -8.01
C THR A 74 7.74 -37.90 -7.96
N LYS A 75 7.51 -38.69 -9.00
CA LYS A 75 6.34 -39.55 -9.05
C LYS A 75 6.37 -40.61 -7.91
N ARG A 76 7.55 -41.21 -7.69
CA ARG A 76 7.70 -42.25 -6.67
C ARG A 76 7.34 -41.75 -5.29
N SER A 77 7.51 -40.44 -5.11
CA SER A 77 7.20 -39.78 -3.85
C SER A 77 5.74 -39.31 -3.78
N ASN A 78 4.90 -39.74 -4.73
CA ASN A 78 3.51 -39.32 -4.76
C ASN A 78 3.56 -37.82 -4.92
N TYR A 79 4.53 -37.41 -5.73
CA TYR A 79 4.72 -36.03 -6.09
C TYR A 79 5.04 -35.00 -5.07
N THR A 80 5.59 -35.41 -3.93
CA THR A 80 5.95 -34.50 -2.85
C THR A 80 6.95 -33.44 -3.26
N PRO A 81 6.54 -32.19 -3.27
CA PRO A 81 7.36 -31.07 -3.65
C PRO A 81 8.27 -30.68 -2.51
N ILE A 82 9.33 -29.94 -2.84
CA ILE A 82 10.31 -29.43 -1.89
C ILE A 82 9.77 -28.25 -1.02
N THR A 83 10.09 -28.35 0.26
CA THR A 83 9.74 -27.37 1.27
C THR A 83 10.78 -26.26 1.32
N ASN A 84 10.40 -25.08 0.88
CA ASN A 84 11.33 -23.97 0.89
C ASN A 84 11.88 -23.77 2.30
N VAL A 85 13.17 -23.44 2.34
CA VAL A 85 13.95 -23.11 3.57
C VAL A 85 14.66 -21.81 3.17
N PRO A 86 14.15 -20.66 3.65
CA PRO A 86 14.70 -19.33 3.35
C PRO A 86 16.13 -19.23 3.84
N PRO A 87 16.93 -18.45 3.15
CA PRO A 87 18.34 -18.25 3.50
C PRO A 87 18.71 -17.31 4.69
N GLU A 88 19.87 -17.58 5.29
CA GLU A 88 20.43 -16.74 6.29
C GLU A 88 21.37 -15.86 5.42
N VAL A 89 21.32 -14.54 5.57
CA VAL A 89 22.17 -13.66 4.78
C VAL A 89 23.09 -12.85 5.69
N THR A 90 24.35 -12.67 5.25
CA THR A 90 25.35 -11.95 6.02
C THR A 90 26.13 -11.14 5.06
N VAL A 91 26.43 -9.91 5.38
CA VAL A 91 27.25 -9.09 4.51
C VAL A 91 28.55 -8.74 5.27
N LEU A 92 29.70 -8.94 4.65
CA LEU A 92 30.96 -8.60 5.30
C LEU A 92 31.93 -8.13 4.27
N THR A 93 33.13 -7.80 4.70
CA THR A 93 34.13 -7.31 3.79
C THR A 93 35.29 -8.28 3.80
N ASN A 94 36.17 -8.15 2.82
CA ASN A 94 37.31 -9.04 2.72
C ASN A 94 38.29 -8.82 3.87
N SER A 95 38.47 -7.54 4.20
CA SER A 95 39.35 -7.17 5.28
C SER A 95 38.87 -5.87 5.94
N PRO A 96 39.54 -5.48 7.04
CA PRO A 96 39.21 -4.26 7.79
C PRO A 96 39.14 -3.04 6.90
N VAL A 97 37.99 -2.41 6.91
CA VAL A 97 37.84 -1.27 6.05
C VAL A 97 38.65 -0.07 6.47
N GLU A 98 39.24 0.55 5.47
CA GLU A 98 40.04 1.75 5.63
C GLU A 98 39.55 2.61 4.53
N LEU A 99 39.21 3.84 4.87
CA LEU A 99 38.73 4.80 3.89
C LEU A 99 39.76 4.92 2.76
N ARG A 100 39.25 4.99 1.54
CA ARG A 100 40.09 5.11 0.39
C ARG A 100 41.09 3.96 0.32
N GLU A 101 40.58 2.78 0.51
CA GLU A 101 41.34 1.59 0.46
C GLU A 101 40.41 0.59 -0.16
N PRO A 102 40.57 0.28 -1.48
CA PRO A 102 39.73 -0.70 -2.17
C PRO A 102 39.47 -1.95 -1.29
N ASN A 103 38.20 -2.34 -1.18
CA ASN A 103 37.87 -3.53 -0.39
C ASN A 103 36.80 -4.26 -1.16
N VAL A 104 36.33 -5.36 -0.59
CA VAL A 104 35.29 -6.19 -1.19
C VAL A 104 34.19 -6.58 -0.20
N LEU A 105 32.95 -6.28 -0.59
CA LEU A 105 31.76 -6.63 0.18
C LEU A 105 31.33 -7.99 -0.26
N ILE A 106 31.32 -8.91 0.70
CA ILE A 106 30.86 -10.29 0.50
C ILE A 106 29.39 -10.46 1.06
N CYS A 107 28.47 -10.95 0.25
CA CYS A 107 27.13 -11.26 0.69
C CYS A 107 27.07 -12.76 0.77
N PHE A 108 27.02 -13.30 1.97
CA PHE A 108 26.96 -14.71 2.19
C PHE A 108 25.54 -15.22 2.47
N ILE A 109 25.04 -16.04 1.54
CA ILE A 109 23.69 -16.61 1.58
C ILE A 109 23.88 -18.09 1.98
N ASP A 110 23.25 -18.52 3.06
CA ASP A 110 23.47 -19.86 3.57
C ASP A 110 22.17 -20.52 4.05
N LYS A 111 22.22 -21.85 4.17
CA LYS A 111 21.13 -22.69 4.65
C LYS A 111 19.78 -22.61 3.97
N PHE A 112 19.76 -22.54 2.65
CA PHE A 112 18.53 -22.47 1.86
C PHE A 112 18.32 -23.61 0.86
N THR A 113 17.09 -23.73 0.41
CA THR A 113 16.69 -24.70 -0.59
C THR A 113 15.26 -24.33 -0.97
N PRO A 114 14.91 -24.46 -2.27
CA PRO A 114 15.77 -24.95 -3.36
C PRO A 114 16.84 -23.95 -3.81
N PRO A 115 17.74 -24.41 -4.69
CA PRO A 115 18.80 -23.52 -5.16
C PRO A 115 18.38 -22.51 -6.23
N VAL A 116 17.58 -21.53 -5.85
CA VAL A 116 17.14 -20.49 -6.77
C VAL A 116 17.08 -19.25 -5.85
N VAL A 117 17.74 -18.13 -6.20
CA VAL A 117 17.76 -16.95 -5.34
C VAL A 117 17.98 -15.79 -6.27
N ASN A 118 17.51 -14.60 -5.94
CA ASN A 118 17.80 -13.42 -6.78
C ASN A 118 18.54 -12.46 -5.87
N VAL A 119 19.76 -12.08 -6.23
CA VAL A 119 20.60 -11.18 -5.41
C VAL A 119 21.01 -9.89 -6.13
N THR A 120 20.76 -8.76 -5.47
CA THR A 120 21.08 -7.45 -5.99
C THR A 120 21.92 -6.68 -4.96
N TRP A 121 22.88 -5.94 -5.46
CA TRP A 121 23.72 -5.10 -4.64
C TRP A 121 23.16 -3.70 -4.85
N LEU A 122 22.82 -3.02 -3.78
CA LEU A 122 22.26 -1.68 -3.94
C LEU A 122 23.24 -0.73 -3.31
N ARG A 123 23.55 0.33 -4.05
CA ARG A 123 24.39 1.42 -3.65
C ARG A 123 23.53 2.66 -3.50
N ASN A 124 23.33 3.10 -2.25
CA ASN A 124 22.51 4.22 -1.82
C ASN A 124 21.16 3.94 -2.47
N GLY A 125 20.72 2.69 -2.26
CA GLY A 125 19.44 2.24 -2.79
C GLY A 125 19.36 1.95 -4.27
N LYS A 126 20.36 2.34 -5.03
CA LYS A 126 20.36 2.08 -6.45
C LYS A 126 21.25 0.88 -6.67
N PRO A 127 20.82 -0.06 -7.51
CA PRO A 127 21.57 -1.28 -7.83
C PRO A 127 22.93 -1.04 -8.46
N VAL A 128 23.90 -1.85 -8.05
CA VAL A 128 25.30 -1.80 -8.51
C VAL A 128 25.69 -3.10 -9.25
N THR A 129 26.38 -2.97 -10.39
CA THR A 129 26.81 -4.13 -11.15
C THR A 129 28.30 -4.13 -11.49
N THR A 130 28.92 -2.97 -11.43
CA THR A 130 30.34 -2.85 -11.69
C THR A 130 31.25 -3.78 -10.83
N GLY A 131 31.90 -4.71 -11.51
CA GLY A 131 32.80 -5.64 -10.86
C GLY A 131 32.21 -6.74 -10.04
N VAL A 132 30.89 -6.85 -9.98
CA VAL A 132 30.28 -7.90 -9.16
C VAL A 132 30.57 -9.32 -9.72
N SER A 133 30.48 -10.32 -8.86
CA SER A 133 30.68 -11.73 -9.17
C SER A 133 29.96 -12.56 -8.10
N GLU A 134 29.87 -13.86 -8.27
CA GLU A 134 29.18 -14.65 -7.29
C GLU A 134 29.61 -16.07 -7.52
N THR A 135 29.29 -16.99 -6.62
CA THR A 135 29.67 -18.38 -6.84
C THR A 135 28.40 -19.13 -7.23
N VAL A 136 28.52 -20.39 -7.62
CA VAL A 136 27.35 -21.20 -7.95
C VAL A 136 26.83 -21.72 -6.60
N PHE A 137 25.85 -22.63 -6.60
CA PHE A 137 25.33 -23.17 -5.33
C PHE A 137 26.26 -24.20 -4.75
N LEU A 138 26.81 -23.92 -3.58
CA LEU A 138 27.71 -24.84 -2.92
C LEU A 138 26.93 -25.78 -2.02
N PRO A 139 27.20 -27.08 -2.11
CA PRO A 139 26.50 -28.05 -1.28
C PRO A 139 26.75 -27.84 0.21
N ARG A 140 25.89 -28.44 1.03
CA ARG A 140 26.02 -28.39 2.47
C ARG A 140 25.67 -29.82 2.93
N GLU A 141 26.24 -30.30 4.05
CA GLU A 141 25.96 -31.65 4.56
C GLU A 141 24.50 -31.90 4.91
N ASP A 142 23.74 -30.84 5.18
CA ASP A 142 22.34 -31.00 5.51
C ASP A 142 21.49 -31.06 4.26
N HIS A 143 22.17 -30.87 3.14
CA HIS A 143 21.60 -30.87 1.79
C HIS A 143 20.91 -29.62 1.37
N LEU A 144 21.26 -28.54 2.07
CA LEU A 144 20.78 -27.20 1.77
C LEU A 144 21.94 -26.63 0.93
N PHE A 145 21.88 -25.36 0.55
CA PHE A 145 22.99 -24.83 -0.25
C PHE A 145 23.62 -23.58 0.36
N ARG A 146 24.76 -23.15 -0.22
CA ARG A 146 25.51 -21.93 0.13
C ARG A 146 25.77 -21.17 -1.17
N LYS A 147 26.03 -19.87 -1.08
CA LYS A 147 26.34 -19.08 -2.26
C LYS A 147 26.93 -17.75 -1.79
N PHE A 148 27.83 -17.17 -2.59
CA PHE A 148 28.50 -15.92 -2.26
C PHE A 148 28.38 -14.91 -3.38
N HIS A 149 28.20 -13.65 -3.02
CA HIS A 149 28.14 -12.60 -4.02
C HIS A 149 29.18 -11.61 -3.58
N TYR A 150 29.86 -10.99 -4.53
CA TYR A 150 30.98 -10.09 -4.23
C TYR A 150 30.86 -8.71 -4.87
N LEU A 151 31.16 -7.67 -4.10
CA LEU A 151 31.10 -6.33 -4.62
C LEU A 151 32.38 -5.55 -4.24
N PRO A 152 33.29 -5.36 -5.22
CA PRO A 152 34.53 -4.63 -5.01
C PRO A 152 34.08 -3.20 -4.79
N PHE A 153 34.62 -2.51 -3.81
CA PHE A 153 34.15 -1.16 -3.56
C PHE A 153 35.23 -0.31 -2.90
N LEU A 154 35.04 1.00 -2.97
CA LEU A 154 36.01 1.91 -2.39
C LEU A 154 35.35 2.51 -1.14
N PRO A 155 35.81 2.11 0.04
CA PRO A 155 35.25 2.61 1.30
C PRO A 155 35.07 4.13 1.36
N SER A 156 33.96 4.57 1.94
CA SER A 156 33.59 5.98 2.04
C SER A 156 32.54 6.14 3.13
N THR A 157 32.36 7.37 3.59
CA THR A 157 31.36 7.67 4.61
C THR A 157 30.16 8.33 3.90
N GLU A 158 30.19 8.33 2.58
CA GLU A 158 29.16 9.00 1.84
C GLU A 158 28.06 8.13 1.34
N ASP A 159 28.17 6.84 1.55
CA ASP A 159 27.11 5.96 1.02
C ASP A 159 26.74 4.73 1.90
N VAL A 160 25.57 4.11 1.82
CA VAL A 160 25.25 2.94 2.73
C VAL A 160 25.24 1.73 1.79
N TYR A 161 25.20 0.44 2.14
CA TYR A 161 25.16 -0.68 1.16
C TYR A 161 24.21 -1.74 1.60
N ASP A 162 23.54 -2.40 0.66
CA ASP A 162 22.66 -3.51 1.03
C ASP A 162 22.76 -4.59 -0.01
N CYS A 163 22.71 -5.82 0.51
CA CYS A 163 22.67 -6.99 -0.34
C CYS A 163 21.17 -7.37 -0.31
N ARG A 164 20.48 -7.36 -1.46
CA ARG A 164 19.07 -7.71 -1.52
C ARG A 164 18.87 -9.13 -2.04
N VAL A 165 18.33 -9.99 -1.19
CA VAL A 165 18.11 -11.39 -1.51
C VAL A 165 16.60 -11.75 -1.60
N GLU A 166 16.24 -12.42 -2.70
CA GLU A 166 14.88 -12.88 -2.93
C GLU A 166 14.92 -14.40 -3.02
N HIS A 167 14.12 -15.07 -2.19
CA HIS A 167 14.02 -16.54 -2.19
C HIS A 167 12.58 -16.90 -1.88
N TRP A 168 12.09 -17.99 -2.49
CA TRP A 168 10.71 -18.44 -2.29
C TRP A 168 10.31 -18.64 -0.82
N GLY A 169 11.26 -19.02 0.04
CA GLY A 169 10.92 -19.21 1.43
C GLY A 169 10.87 -17.93 2.26
N LEU A 170 11.04 -16.75 1.62
CA LEU A 170 11.03 -15.44 2.31
C LEU A 170 9.73 -14.73 2.00
N ASP A 171 9.06 -14.23 3.05
CA ASP A 171 7.80 -13.48 2.89
C ASP A 171 8.03 -12.27 1.99
N GLU A 172 9.18 -11.58 2.18
CA GLU A 172 9.57 -10.42 1.37
C GLU A 172 11.08 -10.41 1.17
N PRO A 173 11.58 -9.70 0.16
CA PRO A 173 13.01 -9.57 -0.14
C PRO A 173 13.74 -9.12 1.08
N LEU A 174 14.86 -9.75 1.37
CA LEU A 174 15.68 -9.47 2.55
C LEU A 174 16.80 -8.56 2.15
N LEU A 175 16.83 -7.36 2.70
CA LEU A 175 17.95 -6.44 2.41
C LEU A 175 18.92 -6.42 3.65
N LYS A 176 20.16 -6.89 3.49
CA LYS A 176 21.17 -6.83 4.54
C LYS A 176 22.05 -5.58 4.26
N HIS A 177 22.18 -4.76 5.29
CA HIS A 177 22.89 -3.49 5.21
C HIS A 177 24.36 -3.52 5.65
N TRP A 178 25.16 -2.64 5.05
CA TRP A 178 26.53 -2.41 5.41
C TRP A 178 26.85 -0.95 5.17
N GLU A 179 27.50 -0.33 6.13
CA GLU A 179 27.97 1.01 5.91
C GLU A 179 29.32 1.18 6.65
N PHE A 180 30.19 2.10 6.21
CA PHE A 180 31.50 2.31 6.84
C PHE A 180 31.37 3.13 8.09
N ASP A 181 31.95 2.67 9.18
CA ASP A 181 31.81 3.42 10.41
C ASP A 181 32.49 4.77 10.65
N ARG B 4 4.07 -22.51 -7.94
CA ARG B 4 4.30 -23.88 -8.41
C ARG B 4 5.30 -24.64 -7.58
N PRO B 5 4.98 -25.90 -7.29
CA PRO B 5 5.88 -26.76 -6.50
C PRO B 5 7.16 -27.10 -7.29
N ARG B 6 8.25 -27.25 -6.52
CA ARG B 6 9.57 -27.59 -7.03
C ARG B 6 9.87 -28.95 -6.47
N PHE B 7 10.62 -29.70 -7.25
CA PHE B 7 11.03 -31.02 -6.87
C PHE B 7 12.50 -30.92 -7.22
N LEU B 8 13.33 -31.44 -6.32
CA LEU B 8 14.79 -31.39 -6.50
C LEU B 8 15.45 -32.71 -6.29
N TRP B 9 16.44 -32.95 -7.14
CA TRP B 9 17.26 -34.16 -7.07
C TRP B 9 18.72 -33.73 -7.00
N GLN B 10 19.48 -34.41 -6.14
CA GLN B 10 20.91 -34.19 -5.93
C GLN B 10 21.60 -35.50 -5.85
N LEU B 11 22.80 -35.52 -6.40
CA LEU B 11 23.65 -36.72 -6.36
C LEU B 11 25.03 -36.22 -5.92
N LYS B 12 25.62 -36.92 -4.97
CA LYS B 12 26.90 -36.51 -4.45
C LYS B 12 27.79 -37.67 -4.26
N PHE B 13 29.05 -37.47 -4.65
CA PHE B 13 30.17 -38.45 -4.55
C PHE B 13 31.19 -37.73 -3.65
N GLU B 14 31.41 -38.28 -2.45
CA GLU B 14 32.30 -37.71 -1.47
C GLU B 14 33.47 -38.63 -1.24
N CYS B 15 34.67 -38.08 -1.43
CA CYS B 15 35.93 -38.79 -1.25
C CYS B 15 36.56 -38.20 0.01
N HIS B 16 36.58 -39.02 1.06
CA HIS B 16 37.14 -38.64 2.37
C HIS B 16 38.51 -39.24 2.53
N PHE B 17 39.52 -38.40 2.67
CA PHE B 17 40.92 -38.81 2.83
C PHE B 17 41.51 -38.67 4.24
N PHE B 18 42.09 -39.74 4.75
CA PHE B 18 42.76 -39.77 6.04
C PHE B 18 44.22 -40.13 5.86
N ASN B 19 45.08 -39.37 6.53
CA ASN B 19 46.52 -39.57 6.49
C ASN B 19 46.91 -39.70 5.03
N GLY B 20 46.79 -38.60 4.30
CA GLY B 20 47.09 -38.56 2.88
C GLY B 20 46.00 -39.36 2.22
N THR B 21 46.39 -40.32 1.40
CA THR B 21 45.44 -41.20 0.77
C THR B 21 45.62 -42.58 1.41
N GLU B 22 46.22 -42.60 2.59
CA GLU B 22 46.39 -43.83 3.32
C GLU B 22 45.03 -44.49 3.42
N ARG B 23 44.08 -43.79 4.07
CA ARG B 23 42.71 -44.27 4.23
C ARG B 23 41.82 -43.39 3.38
N VAL B 24 40.95 -43.95 2.54
CA VAL B 24 40.04 -43.18 1.71
C VAL B 24 38.67 -43.84 1.85
N ARG B 25 37.60 -43.05 1.84
CA ARG B 25 36.23 -43.59 1.94
C ARG B 25 35.47 -42.81 0.86
N LEU B 26 34.63 -43.52 0.12
CA LEU B 26 33.82 -42.89 -0.93
C LEU B 26 32.36 -43.09 -0.56
N LEU B 27 31.58 -42.02 -0.71
CA LEU B 27 30.14 -42.02 -0.43
C LEU B 27 29.40 -41.43 -1.59
N GLU B 28 28.44 -42.19 -2.09
CA GLU B 28 27.57 -41.72 -3.17
C GLU B 28 26.22 -41.58 -2.49
N ARG B 29 25.61 -40.40 -2.58
CA ARG B 29 24.37 -40.12 -1.90
C ARG B 29 23.41 -39.57 -2.87
N CYS B 30 22.16 -40.02 -2.76
CA CYS B 30 21.07 -39.55 -3.60
C CYS B 30 20.11 -38.92 -2.66
N ILE B 31 19.76 -37.69 -2.97
CA ILE B 31 18.88 -36.88 -2.15
C ILE B 31 17.69 -36.30 -2.98
N TYR B 32 16.48 -36.65 -2.53
CA TYR B 32 15.28 -36.18 -3.15
C TYR B 32 14.85 -35.03 -2.24
N ASN B 33 14.85 -33.83 -2.81
CA ASN B 33 14.49 -32.62 -2.11
C ASN B 33 15.53 -32.36 -0.98
N GLN B 34 15.24 -32.77 0.25
CA GLN B 34 16.15 -32.56 1.36
C GLN B 34 16.37 -33.84 2.13
N GLU B 35 15.83 -34.95 1.61
CA GLU B 35 15.95 -36.26 2.22
C GLU B 35 16.86 -37.16 1.39
N GLU B 36 17.93 -37.64 2.01
CA GLU B 36 18.84 -38.58 1.36
C GLU B 36 18.11 -39.93 1.39
N SER B 37 17.87 -40.49 0.22
CA SER B 37 17.13 -41.72 0.07
C SER B 37 17.92 -43.05 0.02
N VAL B 38 19.06 -43.01 -0.68
CA VAL B 38 19.96 -44.14 -0.84
C VAL B 38 21.41 -43.66 -0.98
N ARG B 39 22.35 -44.46 -0.45
CA ARG B 39 23.77 -44.15 -0.52
C ARG B 39 24.64 -45.39 -0.68
N PHE B 40 25.83 -45.18 -1.28
CA PHE B 40 26.85 -46.22 -1.44
C PHE B 40 27.98 -45.75 -0.52
N ASP B 41 28.38 -46.61 0.40
CA ASP B 41 29.47 -46.30 1.32
C ASP B 41 30.58 -47.35 1.04
N SER B 42 31.75 -46.87 0.60
CA SER B 42 32.84 -47.75 0.28
C SER B 42 33.10 -48.70 1.46
N ASP B 43 32.89 -48.24 2.68
CA ASP B 43 33.14 -49.10 3.82
C ASP B 43 32.11 -50.19 4.00
N VAL B 44 31.04 -50.09 3.23
CA VAL B 44 29.98 -51.07 3.29
C VAL B 44 30.09 -52.00 2.10
N GLY B 45 30.41 -51.44 0.95
CA GLY B 45 30.54 -52.24 -0.24
C GLY B 45 29.28 -52.31 -1.09
N GLU B 46 28.17 -51.87 -0.58
CA GLU B 46 26.97 -51.89 -1.40
C GLU B 46 26.00 -50.76 -1.02
N TYR B 47 24.97 -50.60 -1.83
CA TYR B 47 23.98 -49.59 -1.60
C TYR B 47 23.10 -49.95 -0.42
N ARG B 48 22.49 -48.95 0.19
CA ARG B 48 21.60 -49.17 1.31
C ARG B 48 20.57 -48.06 1.21
N ALA B 49 19.32 -48.41 1.46
CA ALA B 49 18.28 -47.42 1.39
C ALA B 49 18.38 -46.64 2.69
N VAL B 50 18.50 -45.31 2.59
CA VAL B 50 18.54 -44.44 3.79
C VAL B 50 17.08 -44.21 4.26
N THR B 51 16.20 -44.00 3.30
CA THR B 51 14.80 -43.90 3.57
C THR B 51 14.10 -44.91 2.64
N GLU B 52 12.87 -45.26 3.01
CA GLU B 52 12.09 -46.19 2.23
C GLU B 52 11.90 -45.76 0.76
N LEU B 53 12.03 -44.49 0.44
CA LEU B 53 11.85 -44.03 -0.95
C LEU B 53 13.03 -44.51 -1.79
N GLY B 54 14.10 -44.87 -1.11
CA GLY B 54 15.29 -45.35 -1.78
C GLY B 54 15.43 -46.85 -1.76
N ARG B 55 14.52 -47.56 -1.11
CA ARG B 55 14.62 -49.01 -1.06
C ARG B 55 14.66 -49.66 -2.44
N PRO B 56 13.84 -49.18 -3.38
CA PRO B 56 13.83 -49.75 -4.73
C PRO B 56 15.25 -49.73 -5.31
N ASP B 57 15.83 -48.53 -5.30
CA ASP B 57 17.15 -48.29 -5.83
C ASP B 57 18.18 -49.18 -5.20
N ALA B 58 18.16 -49.29 -3.89
CA ALA B 58 19.12 -50.14 -3.20
C ALA B 58 18.99 -51.57 -3.65
N GLU B 59 17.76 -52.07 -3.71
CA GLU B 59 17.48 -53.45 -4.13
C GLU B 59 18.01 -53.65 -5.55
N TYR B 60 17.61 -52.72 -6.42
CA TYR B 60 17.99 -52.72 -7.80
C TYR B 60 19.48 -52.56 -8.04
N TRP B 61 20.07 -51.48 -7.59
CA TRP B 61 21.49 -51.32 -7.85
C TRP B 61 22.35 -52.39 -7.24
N ASN B 62 21.93 -52.99 -6.15
CA ASN B 62 22.74 -54.06 -5.59
C ASN B 62 22.63 -55.28 -6.47
N SER B 63 21.51 -55.42 -7.16
CA SER B 63 21.35 -56.49 -8.15
C SER B 63 22.43 -56.25 -9.22
N GLN B 64 22.43 -55.07 -9.86
CA GLN B 64 23.45 -54.81 -10.89
C GLN B 64 24.78 -54.87 -10.19
N LYS B 65 25.58 -55.84 -10.61
CA LYS B 65 26.86 -56.20 -10.05
C LYS B 65 28.16 -55.73 -10.69
N ASP B 66 27.95 -55.13 -11.82
CA ASP B 66 29.01 -54.52 -12.59
C ASP B 66 29.17 -53.17 -11.91
N LEU B 67 28.02 -52.54 -11.70
CA LEU B 67 27.89 -51.25 -11.02
C LEU B 67 28.52 -51.29 -9.59
N LEU B 68 28.39 -52.39 -8.85
CA LEU B 68 29.01 -52.51 -7.52
C LEU B 68 30.52 -52.65 -7.60
N GLU B 69 30.99 -53.37 -8.62
CA GLU B 69 32.41 -53.54 -8.75
C GLU B 69 33.05 -52.23 -9.14
N GLN B 70 32.42 -51.52 -10.07
CA GLN B 70 32.84 -50.20 -10.51
C GLN B 70 33.04 -49.26 -9.29
N ARG B 71 32.02 -49.18 -8.42
CA ARG B 71 32.02 -48.34 -7.21
C ARG B 71 33.07 -48.76 -6.20
N ARG B 72 33.14 -50.05 -5.94
CA ARG B 72 34.13 -50.56 -5.00
C ARG B 72 35.55 -50.13 -5.36
N ALA B 73 35.79 -49.92 -6.66
CA ALA B 73 37.09 -49.53 -7.21
C ALA B 73 37.30 -48.05 -7.44
N ALA B 74 36.27 -47.25 -7.19
CA ALA B 74 36.30 -45.80 -7.39
C ALA B 74 37.25 -45.13 -6.40
N VAL B 75 37.44 -45.82 -5.27
CA VAL B 75 38.36 -45.38 -4.23
C VAL B 75 39.78 -45.17 -4.77
N ASP B 76 40.13 -45.89 -5.83
CA ASP B 76 41.45 -45.77 -6.43
C ASP B 76 41.37 -45.04 -7.75
N THR B 77 40.48 -45.48 -8.61
CA THR B 77 40.30 -44.89 -9.94
C THR B 77 39.79 -43.43 -9.95
N TYR B 78 39.01 -43.10 -8.93
CA TYR B 78 38.36 -41.81 -8.82
C TYR B 78 38.91 -40.99 -7.66
N CYS B 79 38.76 -41.52 -6.47
CA CYS B 79 39.20 -40.81 -5.29
C CYS B 79 40.70 -40.48 -5.25
N ARG B 80 41.55 -41.51 -5.19
CA ARG B 80 42.99 -41.31 -5.15
C ARG B 80 43.58 -40.66 -6.40
N HIS B 81 42.89 -40.81 -7.53
CA HIS B 81 43.36 -40.23 -8.77
C HIS B 81 43.23 -38.71 -8.75
N ASN B 82 42.04 -38.24 -8.36
CA ASN B 82 41.67 -36.82 -8.31
C ASN B 82 42.44 -36.10 -7.21
N TYR B 83 42.68 -36.78 -6.10
CA TYR B 83 43.49 -36.20 -5.04
C TYR B 83 44.82 -35.94 -5.73
N GLY B 84 45.32 -37.01 -6.35
CA GLY B 84 46.56 -36.96 -7.08
C GLY B 84 46.63 -35.78 -8.02
N VAL B 85 45.67 -35.64 -8.91
CA VAL B 85 45.66 -34.54 -9.85
C VAL B 85 45.53 -33.18 -9.17
N GLY B 86 44.79 -33.12 -8.08
CA GLY B 86 44.52 -31.84 -7.47
C GLY B 86 45.50 -31.36 -6.45
N GLU B 87 46.18 -32.31 -5.81
CA GLU B 87 47.12 -32.01 -4.74
C GLU B 87 48.00 -30.74 -4.76
N SER B 88 48.58 -30.41 -5.90
CA SER B 88 49.43 -29.23 -5.97
C SER B 88 48.73 -27.92 -5.58
N PHE B 89 47.57 -27.67 -6.19
CA PHE B 89 46.80 -26.46 -5.97
C PHE B 89 45.73 -26.52 -4.83
N THR B 90 45.55 -27.64 -4.16
CA THR B 90 44.53 -27.70 -3.13
C THR B 90 45.14 -28.10 -1.78
N VAL B 91 45.52 -29.35 -1.65
CA VAL B 91 46.13 -29.88 -0.43
C VAL B 91 47.32 -29.07 0.00
N GLN B 92 48.07 -28.53 -0.97
CA GLN B 92 49.27 -27.77 -0.67
C GLN B 92 49.11 -26.27 -0.76
N ARG B 93 47.92 -25.78 -1.03
CA ARG B 93 47.74 -24.34 -1.13
C ARG B 93 48.11 -23.67 0.18
N ARG B 94 48.77 -22.52 0.07
CA ARG B 94 49.21 -21.84 1.26
C ARG B 94 49.34 -20.35 1.15
N VAL B 95 48.33 -19.66 1.69
CA VAL B 95 48.29 -18.22 1.69
C VAL B 95 48.50 -17.68 3.14
N GLU B 96 49.36 -16.70 3.31
CA GLU B 96 49.66 -16.16 4.62
C GLU B 96 48.65 -15.13 5.05
N PRO B 97 48.29 -15.16 6.33
CA PRO B 97 47.31 -14.22 6.88
C PRO B 97 47.79 -12.77 7.05
N LYS B 98 46.87 -11.82 6.88
CA LYS B 98 47.14 -10.39 7.08
C LYS B 98 46.68 -10.28 8.53
N VAL B 99 47.52 -9.79 9.44
CA VAL B 99 47.13 -9.61 10.85
C VAL B 99 47.06 -8.11 11.24
N THR B 100 45.91 -7.67 11.70
CA THR B 100 45.66 -6.28 12.11
C THR B 100 45.13 -6.25 13.53
N VAL B 101 45.52 -5.26 14.32
CA VAL B 101 45.06 -5.14 15.70
C VAL B 101 44.51 -3.73 15.86
N TYR B 102 43.32 -3.65 16.41
CA TYR B 102 42.72 -2.37 16.60
C TYR B 102 41.63 -2.44 17.64
N PRO B 103 41.45 -1.36 18.42
CA PRO B 103 40.38 -1.34 19.43
C PRO B 103 39.04 -1.10 18.71
N SER B 104 38.01 -1.84 19.09
CA SER B 104 36.76 -1.65 18.41
C SER B 104 36.18 -0.28 18.58
N LYS B 105 36.31 0.33 19.76
CA LYS B 105 35.78 1.67 19.93
C LYS B 105 36.83 2.68 20.42
N THR B 106 36.61 3.95 20.09
CA THR B 106 37.51 5.01 20.50
C THR B 106 37.04 5.63 21.84
N GLN B 107 36.75 4.76 22.83
CA GLN B 107 36.26 5.14 24.16
C GLN B 107 37.52 5.15 25.04
N PRO B 108 38.04 6.36 25.35
CA PRO B 108 39.23 6.78 26.16
C PRO B 108 39.60 6.01 27.41
N LEU B 109 40.93 5.85 27.57
CA LEU B 109 41.53 5.04 28.62
C LEU B 109 40.94 4.85 29.99
N GLN B 110 41.00 3.59 30.39
CA GLN B 110 40.52 3.09 31.64
C GLN B 110 39.08 2.69 31.59
N HIS B 111 38.59 2.58 30.35
CA HIS B 111 37.24 2.17 30.09
C HIS B 111 37.37 0.89 29.30
N HIS B 112 36.51 -0.04 29.65
CA HIS B 112 36.45 -1.32 29.01
C HIS B 112 36.46 -1.17 27.51
N ASN B 113 37.27 -1.97 26.82
CA ASN B 113 37.30 -1.95 25.36
C ASN B 113 37.55 -3.37 24.79
N LEU B 114 37.17 -3.55 23.54
CA LEU B 114 37.33 -4.82 22.88
C LEU B 114 38.44 -4.63 21.90
N LEU B 115 39.52 -5.34 22.12
CA LEU B 115 40.65 -5.30 21.22
C LEU B 115 40.43 -6.38 20.16
N VAL B 116 40.46 -5.97 18.90
CA VAL B 116 40.20 -6.87 17.83
C VAL B 116 41.42 -7.29 17.11
N CYS B 117 41.66 -8.59 17.02
CA CYS B 117 42.76 -9.11 16.21
C CYS B 117 42.18 -9.64 14.87
N SER B 118 42.31 -8.89 13.80
CA SER B 118 41.78 -9.34 12.52
C SER B 118 42.81 -10.14 11.73
N VAL B 119 42.51 -11.43 11.49
CA VAL B 119 43.38 -12.32 10.70
C VAL B 119 42.66 -12.69 9.40
N SER B 120 43.19 -12.21 8.30
CA SER B 120 42.50 -12.53 7.08
C SER B 120 43.34 -13.07 5.90
N GLY B 121 42.62 -13.42 4.82
CA GLY B 121 43.20 -13.92 3.60
C GLY B 121 44.09 -15.14 3.67
N PHE B 122 43.92 -15.95 4.70
CA PHE B 122 44.74 -17.12 4.85
C PHE B 122 44.14 -18.40 4.31
N TYR B 123 45.03 -19.32 3.96
CA TYR B 123 44.67 -20.63 3.42
C TYR B 123 45.86 -21.53 3.74
N PRO B 124 45.62 -22.70 4.35
CA PRO B 124 44.33 -23.24 4.75
C PRO B 124 43.63 -22.67 5.99
N GLY B 125 42.56 -23.36 6.35
CA GLY B 125 41.70 -22.98 7.46
C GLY B 125 42.28 -23.01 8.86
N SER B 126 42.97 -24.08 9.23
CA SER B 126 43.55 -24.17 10.56
C SER B 126 44.53 -23.01 10.86
N ILE B 127 44.42 -22.48 12.08
CA ILE B 127 45.22 -21.36 12.55
C ILE B 127 44.99 -21.25 14.07
N GLU B 128 45.95 -20.67 14.81
CA GLU B 128 45.84 -20.47 16.26
C GLU B 128 46.13 -19.02 16.45
N VAL B 129 45.20 -18.27 17.03
CA VAL B 129 45.35 -16.83 17.33
C VAL B 129 45.30 -16.74 18.87
N ARG B 130 46.35 -16.19 19.49
CA ARG B 130 46.43 -16.05 20.93
C ARG B 130 46.63 -14.60 21.27
N TRP B 131 46.23 -14.26 22.49
CA TRP B 131 46.32 -12.88 22.99
C TRP B 131 47.27 -12.84 24.18
N PHE B 132 48.08 -11.81 24.26
CA PHE B 132 49.02 -11.67 25.36
C PHE B 132 48.92 -10.25 25.90
N ARG B 133 49.09 -10.11 27.21
CA ARG B 133 49.16 -8.79 27.88
C ARG B 133 50.45 -8.73 28.66
N ASN B 134 51.34 -7.81 28.30
CA ASN B 134 52.62 -7.72 28.98
C ASN B 134 53.29 -9.11 28.92
N GLY B 135 53.31 -9.69 27.73
CA GLY B 135 53.91 -11.01 27.55
C GLY B 135 53.18 -12.21 28.12
N GLN B 136 52.22 -11.99 28.98
CA GLN B 136 51.52 -13.12 29.54
C GLN B 136 50.31 -13.44 28.65
N GLU B 137 50.05 -14.73 28.42
CA GLU B 137 48.91 -15.07 27.58
C GLU B 137 47.60 -14.90 28.26
N GLU B 138 46.69 -14.19 27.60
CA GLU B 138 45.36 -13.94 28.13
C GLU B 138 44.29 -14.88 27.54
N LYS B 139 43.83 -15.83 28.34
CA LYS B 139 42.86 -16.79 27.87
C LYS B 139 41.38 -16.42 28.12
N ALA B 140 41.14 -15.58 29.10
CA ALA B 140 39.77 -15.19 29.42
C ALA B 140 39.34 -13.94 28.66
N GLY B 141 38.04 -13.76 28.52
CA GLY B 141 37.56 -12.57 27.86
C GLY B 141 37.86 -12.54 26.39
N VAL B 142 38.02 -13.71 25.78
CA VAL B 142 38.27 -13.79 24.36
C VAL B 142 36.99 -14.17 23.63
N VAL B 143 36.61 -13.34 22.68
CA VAL B 143 35.41 -13.54 21.88
C VAL B 143 35.85 -13.70 20.40
N SER B 144 35.64 -14.89 19.83
CA SER B 144 36.09 -15.18 18.44
C SER B 144 34.94 -15.44 17.49
N THR B 145 35.04 -14.95 16.25
CA THR B 145 33.98 -15.18 15.26
C THR B 145 34.09 -16.58 14.69
N GLY B 146 35.20 -17.25 15.00
CA GLY B 146 35.42 -18.55 14.45
C GLY B 146 35.88 -18.30 13.04
N LEU B 147 36.26 -19.38 12.40
CA LEU B 147 36.75 -19.36 11.05
C LEU B 147 35.65 -19.00 10.07
N ILE B 148 35.92 -18.09 9.15
CA ILE B 148 34.93 -17.68 8.16
C ILE B 148 35.49 -17.98 6.79
N GLN B 149 34.78 -18.80 6.06
CA GLN B 149 35.22 -19.15 4.72
C GLN B 149 34.68 -18.06 3.79
N ASN B 150 35.53 -17.38 3.02
CA ASN B 150 35.06 -16.33 2.08
C ASN B 150 34.55 -16.78 0.71
N GLY B 151 34.68 -18.08 0.42
CA GLY B 151 34.25 -18.63 -0.85
C GLY B 151 35.16 -18.39 -2.06
N ASP B 152 36.39 -17.91 -1.84
CA ASP B 152 37.37 -17.58 -2.88
C ASP B 152 38.76 -18.16 -2.62
N TRP B 153 38.80 -19.22 -1.81
CA TRP B 153 40.03 -19.95 -1.42
C TRP B 153 40.89 -19.23 -0.38
N THR B 154 40.21 -18.43 0.44
CA THR B 154 40.80 -17.70 1.54
C THR B 154 39.81 -17.67 2.70
N PHE B 155 40.35 -17.61 3.92
CA PHE B 155 39.64 -17.51 5.17
C PHE B 155 39.95 -16.19 5.90
N GLN B 156 39.19 -15.94 6.97
CA GLN B 156 39.36 -14.79 7.83
C GLN B 156 38.73 -15.14 9.14
N THR B 157 39.22 -14.51 10.21
CA THR B 157 38.70 -14.72 11.57
C THR B 157 38.99 -13.42 12.35
N LEU B 158 38.17 -13.11 13.36
CA LEU B 158 38.39 -11.93 14.22
C LEU B 158 38.34 -12.43 15.61
N VAL B 159 39.42 -12.21 16.36
CA VAL B 159 39.50 -12.62 17.77
C VAL B 159 39.68 -11.40 18.65
N MET B 160 38.65 -11.17 19.50
CA MET B 160 38.59 -10.03 20.38
C MET B 160 38.91 -10.33 21.80
N LEU B 161 39.58 -9.37 22.42
CA LEU B 161 39.97 -9.47 23.81
C LEU B 161 39.26 -8.36 24.54
N GLU B 162 38.61 -8.76 25.63
CA GLU B 162 37.92 -7.79 26.48
C GLU B 162 39.03 -7.26 27.39
N THR B 163 39.27 -5.95 27.31
CA THR B 163 40.33 -5.27 28.07
C THR B 163 39.81 -4.02 28.76
N VAL B 164 40.61 -3.49 29.66
CA VAL B 164 40.37 -2.17 30.29
C VAL B 164 41.84 -1.70 30.27
N PRO B 165 42.26 -1.14 29.13
CA PRO B 165 43.64 -0.68 29.00
C PRO B 165 44.11 0.44 29.90
N ARG B 166 45.19 0.15 30.57
CA ARG B 166 45.85 1.09 31.42
C ARG B 166 47.07 1.54 30.64
N SER B 167 47.62 2.68 31.02
CA SER B 167 48.76 3.25 30.35
C SER B 167 50.00 2.36 30.28
N GLY B 168 50.57 2.31 29.07
CA GLY B 168 51.75 1.53 28.81
C GLY B 168 51.58 0.02 28.81
N GLU B 169 50.34 -0.45 28.77
CA GLU B 169 50.12 -1.88 28.66
C GLU B 169 50.42 -2.20 27.20
N VAL B 170 51.10 -3.32 26.95
CA VAL B 170 51.45 -3.79 25.59
C VAL B 170 50.68 -5.10 25.33
N TYR B 171 49.69 -5.02 24.42
CA TYR B 171 48.88 -6.20 23.99
C TYR B 171 49.37 -6.74 22.65
N THR B 172 49.54 -8.07 22.59
CA THR B 172 49.99 -8.77 21.38
C THR B 172 49.07 -9.95 20.94
N CYS B 173 48.78 -9.93 19.65
CA CYS B 173 48.01 -10.99 19.03
C CYS B 173 49.08 -11.83 18.35
N GLN B 174 49.06 -13.13 18.62
CA GLN B 174 50.02 -14.04 18.03
C GLN B 174 49.30 -15.07 17.19
N VAL B 175 49.67 -15.14 15.93
CA VAL B 175 49.07 -16.07 14.96
C VAL B 175 50.00 -17.16 14.45
N GLU B 176 49.57 -18.40 14.66
CA GLU B 176 50.28 -19.57 14.17
C GLU B 176 49.45 -20.19 13.02
N HIS B 177 50.09 -20.27 11.85
CA HIS B 177 49.48 -20.82 10.63
C HIS B 177 50.52 -21.56 9.76
N PRO B 178 50.14 -22.71 9.15
CA PRO B 178 51.08 -23.47 8.30
C PRO B 178 51.82 -22.69 7.24
N SER B 179 51.28 -21.56 6.79
CA SER B 179 51.98 -20.78 5.80
C SER B 179 53.18 -19.99 6.35
N VAL B 180 53.48 -20.10 7.64
CA VAL B 180 54.60 -19.38 8.20
C VAL B 180 55.43 -20.23 9.17
N THR B 181 56.77 -20.02 9.12
CA THR B 181 57.80 -20.71 9.91
C THR B 181 57.77 -20.31 11.39
N SER B 182 57.60 -19.01 11.64
CA SER B 182 57.55 -18.41 12.99
C SER B 182 56.25 -17.62 13.15
N PRO B 183 55.59 -17.72 14.32
CA PRO B 183 54.32 -17.02 14.60
C PRO B 183 54.30 -15.56 14.28
N LEU B 184 53.19 -15.12 13.72
CA LEU B 184 53.03 -13.72 13.39
C LEU B 184 52.59 -13.04 14.68
N THR B 185 53.03 -11.80 14.89
CA THR B 185 52.61 -11.07 16.07
C THR B 185 52.40 -9.62 15.70
N VAL B 186 51.37 -9.02 16.31
CA VAL B 186 51.09 -7.62 16.13
C VAL B 186 50.87 -7.10 17.56
N GLU B 187 51.48 -5.96 17.91
CA GLU B 187 51.32 -5.37 19.24
C GLU B 187 50.45 -4.15 19.17
N TRP B 188 49.87 -3.79 20.31
CA TRP B 188 49.02 -2.62 20.38
C TRP B 188 49.38 -2.03 21.73
N ARG B 189 49.78 -0.76 21.67
CA ARG B 189 50.21 -0.01 22.85
C ARG B 189 49.10 0.93 23.30
N ALA B 190 48.57 0.65 24.50
CA ALA B 190 47.54 1.50 25.14
C ALA B 190 48.07 2.95 25.31
N GLY C 2 48.71 -34.89 -12.82
CA GLY C 2 48.45 -35.22 -14.23
C GLY C 2 47.08 -35.10 -14.88
N SER C 3 46.80 -33.87 -15.25
CA SER C 3 45.59 -33.53 -16.02
C SER C 3 44.16 -33.99 -15.68
N ASP C 4 43.68 -34.99 -16.41
CA ASP C 4 42.31 -35.50 -16.30
C ASP C 4 41.73 -35.65 -14.90
N TRP C 5 40.76 -34.78 -14.69
CA TRP C 5 40.02 -34.74 -13.47
C TRP C 5 38.90 -35.74 -13.77
N ARG C 6 38.79 -36.78 -12.96
CA ARG C 6 37.76 -37.77 -13.21
C ARG C 6 36.44 -37.54 -12.48
N PHE C 7 35.37 -38.13 -12.95
CA PHE C 7 34.08 -37.97 -12.32
C PHE C 7 33.34 -39.29 -12.40
N LEU C 8 32.34 -39.48 -11.55
CA LEU C 8 31.51 -40.68 -11.53
C LEU C 8 30.17 -40.29 -12.13
N ARG C 9 29.39 -41.26 -12.57
CA ARG C 9 28.10 -40.92 -13.13
C ARG C 9 27.08 -41.68 -12.35
N GLY C 10 25.87 -41.16 -12.29
CA GLY C 10 24.87 -41.86 -11.52
C GLY C 10 24.18 -42.87 -12.40
N TYR C 11 23.74 -43.93 -11.73
CA TYR C 11 23.03 -45.02 -12.37
C TYR C 11 21.53 -44.69 -12.48
N HIS C 12 20.80 -45.49 -13.27
CA HIS C 12 19.40 -45.21 -13.42
C HIS C 12 18.49 -45.73 -12.30
N GLN C 13 17.63 -44.85 -11.83
CA GLN C 13 16.69 -45.17 -10.78
C GLN C 13 15.78 -46.29 -11.22
N TYR C 14 15.34 -47.06 -10.24
CA TYR C 14 14.42 -48.13 -10.47
C TYR C 14 13.08 -47.53 -10.89
N ALA C 15 12.69 -47.70 -12.15
CA ALA C 15 11.42 -47.16 -12.66
C ALA C 15 10.24 -48.16 -12.62
N GLU D 3 -2.28 -22.91 7.32
CA GLU D 3 -2.40 -23.52 8.65
C GLU D 3 -2.34 -22.47 9.71
N GLU D 4 -3.41 -22.23 10.41
CA GLU D 4 -3.36 -21.18 11.40
C GLU D 4 -2.40 -21.41 12.61
N HIS D 5 -2.43 -22.60 13.20
CA HIS D 5 -1.63 -22.85 14.39
C HIS D 5 -1.21 -24.30 14.39
N VAL D 6 -0.38 -24.66 15.34
CA VAL D 6 0.12 -26.02 15.53
C VAL D 6 0.43 -26.12 17.00
N ILE D 7 -0.10 -27.16 17.64
CA ILE D 7 0.21 -27.43 19.04
C ILE D 7 1.03 -28.74 18.99
N ILE D 8 2.16 -28.80 19.66
CA ILE D 8 3.01 -29.98 19.58
C ILE D 8 3.32 -30.51 20.95
N GLN D 9 3.05 -31.80 21.18
CA GLN D 9 3.39 -32.45 22.44
C GLN D 9 4.68 -33.11 22.06
N ALA D 10 5.78 -32.69 22.69
CA ALA D 10 7.11 -33.23 22.39
C ALA D 10 7.78 -33.83 23.59
N GLU D 11 8.29 -35.01 23.40
CA GLU D 11 8.97 -35.72 24.44
C GLU D 11 10.32 -36.28 23.93
N PHE D 12 11.25 -36.53 24.86
CA PHE D 12 12.51 -37.12 24.48
C PHE D 12 13.11 -37.85 25.63
N TYR D 13 13.94 -38.84 25.30
CA TYR D 13 14.69 -39.59 26.28
C TYR D 13 16.06 -39.72 25.67
N LEU D 14 17.07 -39.42 26.48
CA LEU D 14 18.45 -39.42 26.05
C LEU D 14 19.34 -40.27 26.94
N ASN D 15 20.15 -41.09 26.28
CA ASN D 15 21.09 -41.96 26.97
C ASN D 15 22.49 -41.65 26.46
N PRO D 16 23.51 -41.86 27.30
CA PRO D 16 23.46 -42.40 28.67
C PRO D 16 23.07 -41.43 29.78
N ASP D 17 22.76 -40.22 29.38
CA ASP D 17 22.35 -39.17 30.27
C ASP D 17 21.15 -39.46 31.13
N GLN D 18 20.27 -40.33 30.66
CA GLN D 18 19.03 -40.70 31.37
C GLN D 18 18.18 -39.47 31.53
N SER D 19 18.22 -38.59 30.54
CA SER D 19 17.46 -37.33 30.59
C SER D 19 16.17 -37.40 29.74
N GLY D 20 15.08 -36.95 30.33
CA GLY D 20 13.83 -36.97 29.62
C GLY D 20 13.13 -35.62 29.61
N GLU D 21 12.18 -35.43 28.71
CA GLU D 21 11.46 -34.17 28.64
C GLU D 21 10.12 -34.36 28.04
N PHE D 22 9.14 -33.65 28.60
CA PHE D 22 7.75 -33.68 28.14
C PHE D 22 7.33 -32.25 28.18
N MET D 23 6.72 -31.80 27.10
CA MET D 23 6.29 -30.42 27.00
C MET D 23 5.32 -30.21 25.85
N PHE D 24 4.68 -29.04 25.88
CA PHE D 24 3.74 -28.60 24.86
C PHE D 24 4.23 -27.30 24.23
N ASP D 25 4.00 -27.17 22.97
CA ASP D 25 4.47 -26.05 22.24
C ASP D 25 3.32 -25.56 21.38
N PHE D 26 3.09 -24.24 21.40
CA PHE D 26 2.08 -23.60 20.58
C PHE D 26 2.82 -22.55 19.74
N ASP D 27 2.81 -22.75 18.43
CA ASP D 27 3.42 -21.81 17.54
C ASP D 27 4.84 -21.36 17.87
N GLY D 28 5.62 -22.23 18.49
CA GLY D 28 7.00 -21.88 18.78
C GLY D 28 7.24 -21.66 20.23
N ASP D 29 6.18 -21.37 20.96
CA ASP D 29 6.30 -21.11 22.37
C ASP D 29 5.92 -22.28 23.29
N GLU D 30 6.68 -22.47 24.38
CA GLU D 30 6.40 -23.50 25.34
C GLU D 30 5.16 -23.16 26.15
N ILE D 31 4.18 -24.05 26.15
CA ILE D 31 2.95 -23.87 26.95
C ILE D 31 3.28 -24.30 28.39
N PHE D 32 3.91 -25.46 28.52
CA PHE D 32 4.33 -25.97 29.81
C PHE D 32 5.20 -27.21 29.57
N HIS D 33 5.89 -27.65 30.61
CA HIS D 33 6.67 -28.88 30.57
C HIS D 33 6.46 -29.55 31.95
N VAL D 34 6.84 -30.81 32.06
CA VAL D 34 6.67 -31.48 33.31
C VAL D 34 8.01 -31.65 33.96
N ASP D 35 8.17 -31.11 35.17
CA ASP D 35 9.40 -31.26 35.96
C ASP D 35 9.46 -32.73 36.37
N MET D 36 10.33 -33.50 35.73
CA MET D 36 10.48 -34.92 36.02
C MET D 36 10.90 -35.18 37.49
N ALA D 37 11.87 -34.44 37.99
CA ALA D 37 12.31 -34.60 39.36
C ALA D 37 11.18 -34.27 40.33
N LYS D 38 10.64 -33.05 40.25
CA LYS D 38 9.56 -32.65 41.13
C LYS D 38 8.23 -33.24 40.76
N LYS D 39 8.21 -33.97 39.65
CA LYS D 39 6.98 -34.56 39.12
C LYS D 39 5.84 -33.53 39.08
N GLU D 40 6.12 -32.35 38.53
CA GLU D 40 5.10 -31.33 38.47
C GLU D 40 5.07 -30.53 37.20
N THR D 41 3.86 -30.15 36.81
CA THR D 41 3.59 -29.35 35.63
C THR D 41 4.05 -27.92 35.89
N VAL D 42 4.86 -27.39 34.99
CA VAL D 42 5.35 -26.06 35.13
C VAL D 42 4.85 -25.27 33.95
N TRP D 43 3.91 -24.37 34.14
CA TRP D 43 3.39 -23.56 33.03
C TRP D 43 4.36 -22.41 32.62
N ARG D 44 4.58 -22.21 31.32
CA ARG D 44 5.51 -21.18 30.86
C ARG D 44 5.11 -19.81 31.38
N LEU D 45 3.83 -19.48 31.31
CA LEU D 45 3.36 -18.21 31.87
C LEU D 45 2.38 -18.63 32.95
N GLU D 46 2.56 -18.10 34.15
CA GLU D 46 1.75 -18.43 35.31
C GLU D 46 0.21 -18.44 35.08
N GLU D 47 -0.37 -17.45 34.39
CA GLU D 47 -1.84 -17.38 34.21
C GLU D 47 -2.38 -18.49 33.35
N PHE D 48 -1.47 -19.12 32.62
CA PHE D 48 -1.80 -20.26 31.81
C PHE D 48 -2.43 -21.31 32.75
N GLY D 49 -1.77 -21.54 33.86
CA GLY D 49 -2.26 -22.53 34.81
C GLY D 49 -3.60 -22.26 35.49
N ARG D 50 -4.22 -21.11 35.20
CA ARG D 50 -5.49 -20.75 35.78
C ARG D 50 -6.60 -21.10 34.82
N PHE D 51 -6.21 -21.42 33.61
CA PHE D 51 -7.15 -21.74 32.57
C PHE D 51 -7.16 -23.24 32.21
N ALA D 52 -6.19 -23.99 32.72
CA ALA D 52 -6.16 -25.37 32.35
C ALA D 52 -5.40 -26.17 33.37
N SER D 53 -5.46 -27.48 33.14
CA SER D 53 -4.89 -28.49 34.04
C SER D 53 -4.17 -29.59 33.34
N PHE D 54 -3.16 -30.13 34.01
CA PHE D 54 -2.44 -31.24 33.47
C PHE D 54 -1.85 -32.04 34.60
N GLU D 55 -2.11 -33.34 34.56
CA GLU D 55 -1.63 -34.25 35.58
C GLU D 55 -0.26 -34.77 35.20
N ALA D 56 0.74 -34.23 35.89
CA ALA D 56 2.11 -34.60 35.68
C ALA D 56 2.37 -36.09 35.69
N GLN D 57 1.57 -36.90 36.37
CA GLN D 57 1.82 -38.35 36.41
C GLN D 57 1.78 -39.03 35.06
N GLY D 58 0.95 -38.48 34.17
CA GLY D 58 0.81 -38.99 32.81
C GLY D 58 2.07 -38.85 31.98
N ALA D 59 2.69 -37.68 32.04
CA ALA D 59 3.96 -37.42 31.37
C ALA D 59 5.03 -38.42 31.85
N LEU D 60 5.12 -38.55 33.16
CA LEU D 60 6.10 -39.45 33.77
C LEU D 60 6.03 -40.86 33.18
N ALA D 61 4.82 -41.28 32.88
CA ALA D 61 4.56 -42.59 32.32
C ALA D 61 4.99 -42.64 30.85
N ASN D 62 4.65 -41.61 30.11
CA ASN D 62 5.03 -41.52 28.72
C ASN D 62 6.53 -41.59 28.70
N ILE D 63 7.23 -40.85 29.55
CA ILE D 63 8.70 -40.90 29.56
C ILE D 63 9.27 -42.34 29.74
N ALA D 64 8.55 -43.17 30.48
CA ALA D 64 8.96 -44.56 30.69
C ALA D 64 8.86 -45.38 29.43
N VAL D 65 7.82 -45.15 28.64
CA VAL D 65 7.65 -45.86 27.37
C VAL D 65 8.80 -45.41 26.49
N ASP D 66 9.09 -44.10 26.48
CA ASP D 66 10.16 -43.48 25.70
C ASP D 66 11.50 -44.06 26.06
N LYS D 67 11.72 -44.27 27.35
CA LYS D 67 12.95 -44.86 27.84
C LYS D 67 13.08 -46.24 27.22
N ALA D 68 11.97 -46.98 27.33
CA ALA D 68 11.80 -48.32 26.82
C ALA D 68 12.02 -48.44 25.34
N ASN D 69 11.37 -47.59 24.56
CA ASN D 69 11.50 -47.63 23.12
C ASN D 69 12.87 -47.19 22.64
N LEU D 70 13.53 -46.33 23.43
CA LEU D 70 14.87 -45.90 23.10
C LEU D 70 15.83 -47.08 23.18
N GLU D 71 15.69 -47.91 24.21
CA GLU D 71 16.55 -49.07 24.38
C GLU D 71 16.41 -50.04 23.20
N ILE D 72 15.18 -50.31 22.79
CA ILE D 72 14.87 -51.17 21.64
C ILE D 72 15.48 -50.58 20.35
N MET D 73 15.28 -49.28 20.12
CA MET D 73 15.78 -48.58 18.93
C MET D 73 17.28 -48.50 18.81
N THR D 74 17.95 -48.35 19.95
CA THR D 74 19.41 -48.29 20.00
C THR D 74 19.99 -49.62 19.50
N LYS D 75 19.47 -50.75 20.02
CA LYS D 75 19.89 -52.10 19.60
C LYS D 75 19.51 -52.31 18.10
N ARG D 76 18.24 -52.06 17.77
CA ARG D 76 17.74 -52.20 16.44
C ARG D 76 18.69 -51.52 15.47
N SER D 77 19.27 -50.41 15.88
CA SER D 77 20.19 -49.63 15.04
C SER D 77 21.63 -50.13 15.07
N ASN D 78 21.86 -51.13 15.92
CA ASN D 78 23.18 -51.70 16.13
C ASN D 78 24.00 -50.58 16.86
N TYR D 79 23.38 -50.04 17.90
CA TYR D 79 24.00 -48.98 18.66
C TYR D 79 24.60 -47.85 17.82
N THR D 80 23.80 -47.27 16.92
CA THR D 80 24.24 -46.15 16.12
C THR D 80 24.05 -44.89 16.98
N PRO D 81 25.12 -44.13 17.18
CA PRO D 81 25.11 -42.93 18.00
C PRO D 81 24.76 -41.70 17.21
N ILE D 82 24.31 -40.69 17.96
CA ILE D 82 23.91 -39.40 17.41
C ILE D 82 25.11 -38.53 17.03
N THR D 83 24.94 -37.82 15.91
CA THR D 83 25.95 -36.93 15.42
C THR D 83 25.66 -35.55 15.98
N ASN D 84 26.58 -35.04 16.80
CA ASN D 84 26.48 -33.71 17.39
C ASN D 84 26.38 -32.64 16.32
N VAL D 85 25.44 -31.74 16.54
CA VAL D 85 25.23 -30.57 15.70
C VAL D 85 25.37 -29.41 16.69
N PRO D 86 26.46 -28.65 16.58
CA PRO D 86 26.68 -27.52 17.49
C PRO D 86 25.66 -26.44 17.25
N PRO D 87 25.33 -25.68 18.31
CA PRO D 87 24.34 -24.59 18.25
C PRO D 87 24.77 -23.31 17.63
N GLU D 88 23.78 -22.54 17.19
CA GLU D 88 23.95 -21.18 16.67
C GLU D 88 23.53 -20.35 17.87
N VAL D 89 24.40 -19.51 18.42
CA VAL D 89 24.08 -18.68 19.61
C VAL D 89 23.86 -17.19 19.31
N THR D 90 22.82 -16.62 19.90
CA THR D 90 22.51 -15.22 19.67
C THR D 90 22.14 -14.49 20.95
N VAL D 91 22.74 -13.35 21.19
CA VAL D 91 22.39 -12.59 22.38
C VAL D 91 21.66 -11.29 22.04
N LEU D 92 20.50 -11.06 22.65
CA LEU D 92 19.79 -9.84 22.37
C LEU D 92 19.12 -9.41 23.63
N THR D 93 18.41 -8.30 23.59
CA THR D 93 17.67 -7.84 24.77
C THR D 93 16.19 -7.77 24.45
N ASN D 94 15.39 -7.84 25.50
CA ASN D 94 13.96 -7.77 25.35
C ASN D 94 13.49 -6.54 24.57
N SER D 95 14.11 -5.40 24.79
CA SER D 95 13.70 -4.18 24.09
C SER D 95 14.86 -3.24 23.99
N PRO D 96 14.66 -2.10 23.36
CA PRO D 96 15.74 -1.12 23.22
C PRO D 96 16.32 -0.72 24.57
N VAL D 97 17.64 -0.79 24.65
CA VAL D 97 18.25 -0.44 25.89
C VAL D 97 18.32 1.06 26.15
N GLU D 98 17.97 1.37 27.38
CA GLU D 98 17.99 2.69 27.92
C GLU D 98 18.79 2.51 29.22
N LEU D 99 19.79 3.36 29.42
CA LEU D 99 20.68 3.29 30.59
C LEU D 99 19.95 3.48 31.86
N ARG D 100 20.26 2.62 32.81
CA ARG D 100 19.69 2.78 34.12
C ARG D 100 18.23 2.46 34.15
N GLU D 101 17.80 1.62 33.21
CA GLU D 101 16.39 1.19 33.09
C GLU D 101 16.46 -0.29 32.81
N PRO D 102 15.99 -1.07 33.71
CA PRO D 102 15.95 -2.53 33.68
C PRO D 102 15.58 -3.08 32.34
N ASN D 103 16.30 -4.11 31.94
CA ASN D 103 16.06 -4.75 30.67
C ASN D 103 16.36 -6.25 30.89
N VAL D 104 16.31 -7.04 29.81
CA VAL D 104 16.60 -8.47 29.87
C VAL D 104 17.47 -8.87 28.69
N LEU D 105 18.45 -9.71 28.97
CA LEU D 105 19.37 -10.21 27.98
C LEU D 105 18.95 -11.62 27.73
N ILE D 106 18.70 -11.84 26.46
CA ILE D 106 18.25 -13.15 25.97
C ILE D 106 19.32 -13.82 25.18
N CYS D 107 19.65 -15.02 25.59
CA CYS D 107 20.62 -15.84 24.91
C CYS D 107 19.81 -16.94 24.19
N PHE D 108 19.79 -16.82 22.86
CA PHE D 108 19.11 -17.77 22.03
C PHE D 108 20.04 -18.84 21.41
N ILE D 109 19.90 -20.05 21.88
CA ILE D 109 20.67 -21.19 21.43
C ILE D 109 19.77 -21.99 20.43
N ASP D 110 20.18 -22.15 19.18
CA ASP D 110 19.33 -22.76 18.19
C ASP D 110 20.00 -23.81 17.29
N LYS D 111 19.20 -24.72 16.74
CA LYS D 111 19.63 -25.77 15.78
C LYS D 111 20.74 -26.73 16.25
N PHE D 112 20.54 -27.41 17.39
CA PHE D 112 21.58 -28.24 17.89
C PHE D 112 21.00 -29.50 18.34
N THR D 113 21.82 -30.51 18.47
CA THR D 113 21.45 -31.80 19.02
C THR D 113 22.75 -32.54 19.36
N PRO D 114 22.75 -33.39 20.41
CA PRO D 114 21.61 -33.72 21.28
C PRO D 114 21.27 -32.57 22.25
N PRO D 115 20.15 -32.69 22.97
CA PRO D 115 19.66 -31.71 23.92
C PRO D 115 20.40 -31.72 25.24
N VAL D 116 21.65 -31.30 25.18
CA VAL D 116 22.50 -31.18 26.35
C VAL D 116 23.37 -29.92 26.09
N VAL D 117 23.22 -28.88 26.89
CA VAL D 117 24.02 -27.67 26.69
C VAL D 117 24.37 -27.13 28.08
N ASN D 118 25.49 -26.39 28.20
CA ASN D 118 25.91 -25.73 29.45
C ASN D 118 26.01 -24.24 29.16
N VAL D 119 25.11 -23.45 29.78
CA VAL D 119 25.08 -21.98 29.55
C VAL D 119 25.37 -21.14 30.77
N THR D 120 26.29 -20.19 30.60
CA THR D 120 26.73 -19.32 31.67
C THR D 120 26.70 -17.88 31.27
N TRP D 121 26.12 -17.04 32.12
CA TRP D 121 26.08 -15.60 31.87
C TRP D 121 27.31 -14.98 32.59
N LEU D 122 28.06 -14.16 31.87
CA LEU D 122 29.24 -13.56 32.51
C LEU D 122 29.17 -12.03 32.43
N ARG D 123 29.18 -11.38 33.58
CA ARG D 123 29.19 -9.93 33.71
C ARG D 123 30.66 -9.61 33.99
N ASN D 124 31.22 -8.77 33.15
CA ASN D 124 32.63 -8.44 33.25
C ASN D 124 33.46 -9.70 33.54
N GLY D 125 33.18 -10.76 32.76
CA GLY D 125 33.89 -12.04 32.85
C GLY D 125 33.60 -12.92 34.05
N LYS D 126 32.80 -12.41 34.99
CA LYS D 126 32.45 -13.14 36.21
C LYS D 126 31.03 -13.67 36.06
N PRO D 127 30.84 -14.96 36.24
CA PRO D 127 29.49 -15.54 36.10
C PRO D 127 28.45 -14.84 36.92
N VAL D 128 27.24 -14.76 36.38
CA VAL D 128 26.09 -14.10 37.02
C VAL D 128 24.93 -15.11 37.15
N THR D 129 24.25 -15.11 38.30
CA THR D 129 23.11 -16.00 38.53
C THR D 129 21.86 -15.29 38.99
N THR D 130 22.02 -14.06 39.45
CA THR D 130 20.90 -13.32 39.95
C THR D 130 19.74 -13.13 38.99
N GLY D 131 18.63 -13.82 39.31
CA GLY D 131 17.40 -13.74 38.52
C GLY D 131 17.37 -14.42 37.14
N VAL D 132 18.39 -15.20 36.84
CA VAL D 132 18.45 -15.86 35.57
C VAL D 132 17.43 -17.00 35.53
N SER D 133 16.93 -17.27 34.32
CA SER D 133 15.99 -18.35 34.04
C SER D 133 16.27 -18.84 32.60
N GLU D 134 15.64 -19.94 32.19
CA GLU D 134 15.83 -20.54 30.88
C GLU D 134 14.65 -21.41 30.54
N THR D 135 14.50 -21.75 29.26
CA THR D 135 13.42 -22.64 28.84
C THR D 135 13.97 -24.08 28.78
N VAL D 136 13.07 -25.05 28.59
CA VAL D 136 13.48 -26.42 28.43
C VAL D 136 13.85 -26.45 26.92
N PHE D 137 14.27 -27.59 26.40
CA PHE D 137 14.61 -27.70 24.99
C PHE D 137 13.33 -27.69 24.16
N LEU D 138 13.23 -26.75 23.23
CA LEU D 138 12.06 -26.62 22.36
C LEU D 138 12.32 -27.34 21.05
N PRO D 139 11.34 -28.08 20.58
CA PRO D 139 11.48 -28.84 19.33
C PRO D 139 11.66 -27.94 18.12
N ARG D 140 12.20 -28.53 17.05
CA ARG D 140 12.35 -27.85 15.78
C ARG D 140 11.82 -28.86 14.73
N GLU D 141 11.48 -28.41 13.55
CA GLU D 141 10.98 -29.33 12.52
C GLU D 141 12.04 -30.24 12.02
N ASP D 142 13.28 -29.74 12.04
CA ASP D 142 14.37 -30.55 11.56
C ASP D 142 14.81 -31.55 12.58
N HIS D 143 14.06 -31.62 13.66
CA HIS D 143 14.38 -32.49 14.79
C HIS D 143 15.62 -32.12 15.64
N LEU D 144 16.05 -30.87 15.47
CA LEU D 144 17.11 -30.24 16.24
C LEU D 144 16.36 -29.51 17.36
N PHE D 145 17.08 -28.81 18.25
CA PHE D 145 16.47 -28.11 19.38
C PHE D 145 16.75 -26.64 19.47
N ARG D 146 15.95 -25.97 20.32
CA ARG D 146 16.05 -24.53 20.63
C ARG D 146 16.04 -24.39 22.15
N LYS D 147 16.59 -23.30 22.64
CA LYS D 147 16.56 -23.03 24.08
C LYS D 147 16.86 -21.55 24.27
N PHE D 148 16.31 -20.99 25.33
CA PHE D 148 16.52 -19.57 25.68
C PHE D 148 16.95 -19.45 27.14
N HIS D 149 17.92 -18.56 27.36
CA HIS D 149 18.41 -18.24 28.70
C HIS D 149 18.21 -16.74 28.85
N TYR D 150 17.77 -16.35 30.06
CA TYR D 150 17.43 -14.96 30.36
C TYR D 150 18.20 -14.35 31.53
N LEU D 151 18.68 -13.13 31.30
CA LEU D 151 19.39 -12.39 32.32
C LEU D 151 18.80 -10.98 32.49
N PRO D 152 18.05 -10.79 33.57
CA PRO D 152 17.46 -9.47 33.86
C PRO D 152 18.67 -8.61 34.21
N PHE D 153 18.83 -7.45 33.62
CA PHE D 153 19.99 -6.66 33.97
C PHE D 153 19.63 -5.15 33.97
N LEU D 154 20.57 -4.30 34.41
CA LEU D 154 20.32 -2.87 34.45
C LEU D 154 21.38 -2.27 33.62
N PRO D 155 20.99 -1.84 32.39
CA PRO D 155 21.92 -1.23 31.43
C PRO D 155 22.81 -0.10 31.95
N SER D 156 24.13 -0.25 31.74
CA SER D 156 25.10 0.82 32.03
C SER D 156 26.32 0.73 31.18
N THR D 157 26.86 1.88 30.81
CA THR D 157 28.05 1.91 30.04
C THR D 157 29.21 1.15 30.71
N GLU D 158 29.08 0.84 31.99
CA GLU D 158 30.13 0.18 32.78
C GLU D 158 30.29 -1.30 32.66
N ASP D 159 29.22 -2.01 32.34
CA ASP D 159 29.29 -3.46 32.23
C ASP D 159 29.27 -4.06 30.86
N VAL D 160 29.97 -5.18 30.69
CA VAL D 160 29.89 -5.92 29.42
C VAL D 160 29.46 -7.37 29.77
N TYR D 161 28.80 -8.01 28.80
CA TYR D 161 28.24 -9.36 28.98
C TYR D 161 28.53 -10.34 27.83
N ASP D 162 28.47 -11.61 28.20
CA ASP D 162 28.65 -12.72 27.31
C ASP D 162 27.83 -13.86 27.87
N CYS D 163 27.26 -14.61 26.94
CA CYS D 163 26.51 -15.82 27.24
C CYS D 163 27.55 -16.85 26.79
N ARG D 164 27.96 -17.74 27.68
CA ARG D 164 28.94 -18.78 27.35
C ARG D 164 28.23 -20.10 27.20
N VAL D 165 28.35 -20.65 26.01
CA VAL D 165 27.69 -21.92 25.67
C VAL D 165 28.64 -23.09 25.36
N GLU D 166 28.41 -24.17 26.09
CA GLU D 166 29.16 -25.39 25.91
C GLU D 166 28.26 -26.50 25.33
N HIS D 167 28.66 -27.03 24.18
CA HIS D 167 27.97 -28.13 23.53
C HIS D 167 29.01 -29.09 22.95
N TRP D 168 28.73 -30.41 23.04
CA TRP D 168 29.61 -31.45 22.50
C TRP D 168 30.06 -31.29 21.03
N GLY D 169 29.31 -30.56 20.22
CA GLY D 169 29.70 -30.41 18.83
C GLY D 169 30.50 -29.17 18.64
N LEU D 170 30.88 -28.53 19.73
CA LEU D 170 31.67 -27.29 19.73
C LEU D 170 33.12 -27.63 20.14
N ASP D 171 34.09 -27.17 19.35
CA ASP D 171 35.51 -27.41 19.62
C ASP D 171 35.85 -26.80 20.99
N GLU D 172 35.30 -25.61 21.25
CA GLU D 172 35.52 -24.94 22.51
C GLU D 172 34.28 -24.09 22.86
N PRO D 173 34.07 -23.76 24.16
CA PRO D 173 32.95 -22.94 24.64
C PRO D 173 32.80 -21.71 23.79
N LEU D 174 31.58 -21.45 23.38
CA LEU D 174 31.33 -20.30 22.55
C LEU D 174 30.86 -19.16 23.45
N LEU D 175 31.44 -17.99 23.22
CA LEU D 175 31.09 -16.81 23.98
C LEU D 175 30.45 -15.83 23.02
N LYS D 176 29.29 -15.34 23.40
CA LYS D 176 28.58 -14.38 22.60
C LYS D 176 28.46 -13.14 23.50
N HIS D 177 28.99 -12.06 22.96
CA HIS D 177 29.12 -10.79 23.66
C HIS D 177 28.01 -9.73 23.48
N TRP D 178 27.82 -8.92 24.53
CA TRP D 178 26.86 -7.83 24.50
C TRP D 178 27.44 -6.65 25.34
N GLU D 179 27.31 -5.43 24.79
CA GLU D 179 27.70 -4.17 25.42
C GLU D 179 27.20 -2.84 24.80
N ARG E 4 31.33 -40.26 25.57
CA ARG E 4 30.44 -41.39 25.54
C ARG E 4 29.37 -41.13 24.47
N PRO E 5 29.13 -42.14 23.57
CA PRO E 5 28.12 -41.91 22.54
C PRO E 5 26.74 -41.78 23.21
N ARG E 6 25.88 -40.94 22.59
CA ARG E 6 24.52 -40.71 23.05
C ARG E 6 23.56 -41.25 21.98
N PHE E 7 22.39 -41.65 22.47
CA PHE E 7 21.36 -42.23 21.69
C PHE E 7 20.16 -41.50 22.14
N LEU E 8 19.46 -40.92 21.18
CA LEU E 8 18.28 -40.13 21.44
C LEU E 8 16.96 -40.61 20.78
N TRP E 9 15.88 -40.51 21.55
CA TRP E 9 14.56 -40.86 21.10
C TRP E 9 13.66 -39.68 21.39
N GLN E 10 12.83 -39.36 20.39
CA GLN E 10 11.84 -38.28 20.43
C GLN E 10 10.55 -38.80 19.87
N LEU E 11 9.48 -38.39 20.51
CA LEU E 11 8.13 -38.70 20.11
C LEU E 11 7.37 -37.37 20.05
N LYS E 12 6.75 -37.06 18.92
CA LYS E 12 6.02 -35.81 18.75
C LYS E 12 4.62 -36.03 18.22
N PHE E 13 3.67 -35.29 18.79
CA PHE E 13 2.26 -35.32 18.38
C PHE E 13 1.92 -33.90 17.94
N GLU E 14 1.75 -33.69 16.63
CA GLU E 14 1.49 -32.37 16.07
C GLU E 14 0.08 -32.19 15.56
N CYS E 15 -0.60 -31.19 16.11
CA CYS E 15 -1.97 -30.86 15.76
C CYS E 15 -1.88 -29.62 14.90
N HIS E 16 -2.23 -29.71 13.64
CA HIS E 16 -2.16 -28.58 12.72
C HIS E 16 -3.56 -28.13 12.50
N PHE E 17 -3.80 -26.84 12.65
CA PHE E 17 -5.15 -26.29 12.55
C PHE E 17 -5.31 -25.30 11.37
N PHE E 18 -6.38 -25.50 10.57
CA PHE E 18 -6.72 -24.67 9.41
C PHE E 18 -8.13 -24.12 9.59
N ASN E 19 -8.32 -22.84 9.29
CA ASN E 19 -9.60 -22.15 9.42
C ASN E 19 -10.24 -22.55 10.76
N GLY E 20 -9.61 -22.15 11.86
CA GLY E 20 -10.13 -22.48 13.16
C GLY E 20 -9.81 -23.92 13.40
N THR E 21 -10.86 -24.68 13.65
CA THR E 21 -10.69 -26.08 13.85
C THR E 21 -11.48 -26.78 12.73
N GLU E 22 -11.67 -26.03 11.65
CA GLU E 22 -12.41 -26.53 10.50
C GLU E 22 -11.68 -27.69 9.95
N ARG E 23 -10.35 -27.50 9.78
CA ARG E 23 -9.45 -28.53 9.31
C ARG E 23 -8.29 -28.71 10.27
N VAL E 24 -8.19 -29.94 10.76
CA VAL E 24 -7.17 -30.41 11.70
C VAL E 24 -6.45 -31.67 11.15
N ARG E 25 -5.11 -31.71 11.26
CA ARG E 25 -4.34 -32.87 10.84
C ARG E 25 -3.44 -33.24 11.99
N LEU E 26 -3.47 -34.50 12.40
CA LEU E 26 -2.62 -34.96 13.49
C LEU E 26 -1.44 -35.79 12.96
N LEU E 27 -0.25 -35.48 13.42
CA LEU E 27 0.93 -36.23 13.03
C LEU E 27 1.64 -36.78 14.23
N GLU E 28 1.81 -38.10 14.32
CA GLU E 28 2.57 -38.72 15.39
C GLU E 28 3.90 -39.06 14.73
N ARG E 29 5.03 -38.68 15.33
CA ARG E 29 6.32 -38.97 14.73
C ARG E 29 7.30 -39.51 15.72
N CYS E 30 8.05 -40.53 15.28
CA CYS E 30 9.11 -41.12 16.09
C CYS E 30 10.42 -40.83 15.36
N ILE E 31 11.35 -40.28 16.14
CA ILE E 31 12.66 -39.91 15.63
C ILE E 31 13.74 -40.56 16.48
N TYR E 32 14.61 -41.31 15.83
CA TYR E 32 15.72 -41.95 16.50
C TYR E 32 16.89 -41.04 16.13
N ASN E 33 17.48 -40.42 17.16
CA ASN E 33 18.58 -39.49 16.99
C ASN E 33 18.10 -38.26 16.17
N GLN E 34 18.35 -38.24 14.88
CA GLN E 34 17.89 -37.11 14.11
C GLN E 34 17.12 -37.63 12.93
N GLU E 35 16.77 -38.92 12.98
CA GLU E 35 16.09 -39.54 11.87
C GLU E 35 14.68 -39.97 12.22
N GLU E 36 13.67 -39.42 11.52
CA GLU E 36 12.28 -39.86 11.75
C GLU E 36 12.14 -41.23 11.09
N SER E 37 11.83 -42.21 11.92
CA SER E 37 11.70 -43.57 11.50
C SER E 37 10.30 -44.03 11.03
N VAL E 38 9.28 -43.66 11.80
CA VAL E 38 7.88 -43.99 11.54
C VAL E 38 6.95 -42.81 11.95
N ARG E 39 5.77 -42.75 11.32
CA ARG E 39 4.79 -41.71 11.60
C ARG E 39 3.35 -42.12 11.32
N PHE E 40 2.43 -41.54 12.08
CA PHE E 40 0.99 -41.71 11.87
C PHE E 40 0.51 -40.36 11.32
N ASP E 41 -0.14 -40.33 10.17
CA ASP E 41 -0.64 -39.07 9.62
C ASP E 41 -2.13 -39.30 9.61
N SER E 42 -2.91 -38.37 10.16
CA SER E 42 -4.37 -38.52 10.26
C SER E 42 -4.97 -38.57 8.87
N ASP E 43 -4.32 -37.90 7.92
CA ASP E 43 -4.82 -37.88 6.56
C ASP E 43 -4.56 -39.20 5.87
N VAL E 44 -3.77 -40.07 6.50
CA VAL E 44 -3.44 -41.39 5.95
C VAL E 44 -4.21 -42.46 6.71
N GLY E 45 -4.47 -42.23 7.98
CA GLY E 45 -5.22 -43.21 8.69
C GLY E 45 -4.42 -44.37 9.20
N GLU E 46 -3.12 -44.42 8.96
CA GLU E 46 -2.33 -45.50 9.57
C GLU E 46 -0.84 -45.13 9.62
N TYR E 47 -0.05 -45.95 10.32
CA TYR E 47 1.40 -45.74 10.37
C TYR E 47 2.13 -46.09 9.06
N ARG E 48 3.20 -45.37 8.81
CA ARG E 48 4.03 -45.63 7.67
C ARG E 48 5.49 -45.49 8.16
N ALA E 49 6.33 -46.44 7.75
CA ALA E 49 7.75 -46.42 8.06
C ALA E 49 8.34 -45.30 7.24
N VAL E 50 9.08 -44.41 7.89
CA VAL E 50 9.69 -43.32 7.16
C VAL E 50 11.05 -43.83 6.71
N THR E 51 11.59 -44.72 7.52
CA THR E 51 12.87 -45.33 7.23
C THR E 51 12.76 -46.83 7.66
N GLU E 52 13.73 -47.66 7.25
CA GLU E 52 13.75 -49.11 7.54
C GLU E 52 13.70 -49.43 8.99
N LEU E 53 14.36 -48.59 9.77
CA LEU E 53 14.39 -48.72 11.22
C LEU E 53 12.94 -48.66 11.80
N GLY E 54 12.04 -47.94 11.11
CA GLY E 54 10.66 -47.82 11.52
C GLY E 54 9.66 -48.81 10.88
N ARG E 55 10.13 -49.59 9.92
CA ARG E 55 9.27 -50.57 9.25
C ARG E 55 8.65 -51.58 10.24
N PRO E 56 9.45 -52.07 11.18
CA PRO E 56 8.88 -53.03 12.13
C PRO E 56 7.65 -52.44 12.84
N ASP E 57 7.81 -51.19 13.29
CA ASP E 57 6.82 -50.46 14.11
C ASP E 57 5.59 -50.18 13.31
N ALA E 58 5.81 -49.75 12.06
CA ALA E 58 4.71 -49.50 11.17
C ALA E 58 3.95 -50.84 11.03
N GLU E 59 4.67 -51.92 10.75
CA GLU E 59 4.05 -53.23 10.60
C GLU E 59 3.26 -53.59 11.87
N TYR E 60 3.90 -53.49 13.05
CA TYR E 60 3.30 -53.84 14.34
C TYR E 60 2.14 -53.00 14.88
N TRP E 61 2.32 -51.68 14.96
CA TRP E 61 1.29 -50.78 15.46
C TRP E 61 0.01 -50.86 14.65
N ASN E 62 0.14 -51.06 13.35
CA ASN E 62 -1.00 -51.21 12.44
C ASN E 62 -1.73 -52.51 12.68
N SER E 63 -1.12 -53.41 13.44
CA SER E 63 -1.75 -54.66 13.80
C SER E 63 -2.75 -54.32 14.91
N GLN E 64 -2.47 -53.28 15.69
CA GLN E 64 -3.31 -52.90 16.82
C GLN E 64 -4.48 -52.00 16.42
N LYS E 65 -5.57 -52.65 16.02
CA LYS E 65 -6.80 -51.99 15.53
C LYS E 65 -7.29 -50.81 16.36
N ASP E 66 -7.36 -51.07 17.67
CA ASP E 66 -7.78 -50.09 18.68
C ASP E 66 -6.85 -48.85 18.67
N LEU E 67 -5.55 -49.11 18.64
CA LEU E 67 -4.59 -48.04 18.57
C LEU E 67 -4.93 -47.20 17.32
N LEU E 68 -5.15 -47.87 16.19
CA LEU E 68 -5.46 -47.17 14.95
C LEU E 68 -6.75 -46.38 15.08
N GLU E 69 -7.72 -46.95 15.78
CA GLU E 69 -8.99 -46.26 15.94
C GLU E 69 -8.79 -45.09 16.85
N GLN E 70 -8.13 -45.36 17.98
CA GLN E 70 -7.76 -44.36 18.99
C GLN E 70 -7.16 -43.12 18.29
N ARG E 71 -6.15 -43.36 17.45
CA ARG E 71 -5.44 -42.30 16.75
C ARG E 71 -6.29 -41.56 15.73
N ARG E 72 -7.10 -42.28 14.99
CA ARG E 72 -7.92 -41.63 13.98
C ARG E 72 -8.88 -40.65 14.63
N ALA E 73 -9.22 -40.95 15.89
CA ALA E 73 -10.13 -40.12 16.66
C ALA E 73 -9.52 -39.00 17.49
N ALA E 74 -8.17 -39.02 17.59
CA ALA E 74 -7.40 -38.03 18.38
C ALA E 74 -7.55 -36.61 17.82
N VAL E 75 -7.91 -36.54 16.56
CA VAL E 75 -8.16 -35.27 15.92
C VAL E 75 -9.33 -34.54 16.64
N ASP E 76 -10.15 -35.29 17.35
CA ASP E 76 -11.23 -34.67 18.04
C ASP E 76 -11.04 -34.74 19.53
N THR E 77 -10.63 -35.89 20.01
CA THR E 77 -10.47 -36.06 21.43
C THR E 77 -9.24 -35.37 22.01
N TYR E 78 -8.28 -35.10 21.15
CA TYR E 78 -7.01 -34.52 21.54
C TYR E 78 -6.76 -33.16 20.89
N CYS E 79 -6.65 -33.11 19.58
CA CYS E 79 -6.38 -31.86 18.91
C CYS E 79 -7.41 -30.77 19.13
N ARG E 80 -8.68 -31.04 18.80
CA ARG E 80 -9.76 -30.06 18.97
C ARG E 80 -10.02 -29.76 20.44
N HIS E 81 -9.90 -30.79 21.27
CA HIS E 81 -10.10 -30.62 22.68
C HIS E 81 -9.11 -29.58 23.23
N ASN E 82 -7.81 -29.87 23.10
CA ASN E 82 -6.73 -29.00 23.54
C ASN E 82 -6.77 -27.57 22.93
N TYR E 83 -7.26 -27.46 21.70
CA TYR E 83 -7.40 -26.16 21.05
C TYR E 83 -8.43 -25.38 21.84
N GLY E 84 -9.53 -26.05 22.23
CA GLY E 84 -10.61 -25.43 23.00
C GLY E 84 -10.18 -25.01 24.39
N VAL E 85 -9.56 -25.92 25.11
CA VAL E 85 -9.05 -25.59 26.40
C VAL E 85 -8.04 -24.44 26.33
N GLY E 86 -7.14 -24.43 25.35
CA GLY E 86 -6.11 -23.42 25.32
C GLY E 86 -6.39 -22.14 24.60
N GLU E 87 -7.45 -22.08 23.80
CA GLU E 87 -7.76 -20.91 22.98
C GLU E 87 -7.68 -19.53 23.57
N SER E 88 -8.22 -19.38 24.77
CA SER E 88 -8.27 -18.09 25.48
C SER E 88 -6.89 -17.48 25.73
N PHE E 89 -5.89 -18.31 26.06
CA PHE E 89 -4.57 -17.85 26.33
C PHE E 89 -3.50 -18.09 25.28
N THR E 90 -3.87 -18.73 24.19
CA THR E 90 -2.90 -18.99 23.14
C THR E 90 -3.44 -18.39 21.88
N VAL E 91 -4.37 -19.07 21.27
CA VAL E 91 -4.98 -18.58 20.07
C VAL E 91 -5.48 -17.11 20.29
N GLN E 92 -5.95 -16.81 21.49
CA GLN E 92 -6.51 -15.51 21.70
C GLN E 92 -5.62 -14.53 22.40
N ARG E 93 -4.39 -14.92 22.73
CA ARG E 93 -3.46 -14.02 23.38
C ARG E 93 -3.16 -12.83 22.49
N ARG E 94 -3.30 -11.64 23.05
CA ARG E 94 -3.06 -10.36 22.39
C ARG E 94 -2.32 -9.42 23.37
N VAL E 95 -1.09 -9.07 23.05
CA VAL E 95 -0.26 -8.18 23.83
C VAL E 95 0.16 -7.08 22.84
N GLU E 96 -0.08 -5.84 23.19
CA GLU E 96 0.22 -4.74 22.30
C GLU E 96 1.72 -4.39 22.23
N PRO E 97 2.21 -4.00 21.04
CA PRO E 97 3.63 -3.64 20.87
C PRO E 97 4.04 -2.25 21.47
N LYS E 98 5.33 -2.15 21.83
CA LYS E 98 5.94 -0.90 22.33
C LYS E 98 6.67 -0.42 21.09
N VAL E 99 6.28 0.73 20.56
CA VAL E 99 6.86 1.32 19.33
C VAL E 99 7.77 2.52 19.74
N THR E 100 9.01 2.50 19.25
CA THR E 100 10.04 3.50 19.54
C THR E 100 10.67 3.77 18.20
N VAL E 101 10.91 5.05 17.90
CA VAL E 101 11.59 5.44 16.68
C VAL E 101 12.81 6.23 17.12
N TYR E 102 13.97 5.97 16.52
CA TYR E 102 15.21 6.66 16.85
C TYR E 102 16.26 6.46 15.79
N PRO E 103 17.12 7.46 15.56
CA PRO E 103 18.21 7.36 14.55
C PRO E 103 19.30 6.43 15.07
N SER E 104 19.86 5.60 14.21
CA SER E 104 20.83 4.64 14.71
C SER E 104 22.08 5.33 15.24
N LYS E 105 22.47 6.46 14.64
CA LYS E 105 23.63 7.21 15.11
C LYS E 105 23.26 8.64 14.97
N THR E 106 24.28 9.46 14.97
CA THR E 106 24.11 10.89 14.82
C THR E 106 24.85 11.41 13.58
N GLN E 107 24.10 11.84 12.57
CA GLN E 107 24.65 12.41 11.38
C GLN E 107 23.84 13.76 11.26
N PRO E 108 24.40 14.81 10.60
CA PRO E 108 23.57 16.02 10.50
C PRO E 108 22.57 15.95 9.30
N LEU E 109 21.78 17.01 9.10
CA LEU E 109 20.80 17.09 8.01
C LEU E 109 21.64 16.81 6.74
N GLN E 110 21.02 16.47 5.63
CA GLN E 110 21.77 16.24 4.42
C GLN E 110 22.61 14.97 4.53
N HIS E 111 22.78 14.39 5.74
CA HIS E 111 23.58 13.17 5.90
C HIS E 111 22.75 11.90 5.99
N HIS E 112 23.29 10.81 5.48
CA HIS E 112 22.62 9.53 5.46
C HIS E 112 22.49 8.92 6.81
N ASN E 113 21.31 8.38 7.13
CA ASN E 113 21.10 7.76 8.44
C ASN E 113 20.05 6.67 8.38
N LEU E 114 20.11 5.79 9.36
CA LEU E 114 19.23 4.66 9.48
C LEU E 114 18.29 4.99 10.62
N LEU E 115 17.02 5.18 10.28
CA LEU E 115 16.01 5.46 11.26
C LEU E 115 15.49 4.11 11.65
N VAL E 116 15.45 3.85 12.93
CA VAL E 116 15.04 2.59 13.50
C VAL E 116 13.66 2.62 14.16
N CYS E 117 12.74 1.75 13.66
CA CYS E 117 11.44 1.58 14.25
C CYS E 117 11.48 0.24 15.02
N SER E 118 11.51 0.34 16.34
CA SER E 118 11.59 -0.82 17.19
C SER E 118 10.20 -1.15 17.67
N VAL E 119 9.76 -2.36 17.35
CA VAL E 119 8.44 -2.81 17.72
C VAL E 119 8.67 -4.05 18.62
N SER E 120 8.28 -3.96 19.89
CA SER E 120 8.55 -5.04 20.80
C SER E 120 7.46 -5.31 21.81
N GLY E 121 7.51 -6.52 22.37
CA GLY E 121 6.59 -6.94 23.40
C GLY E 121 5.24 -7.38 22.93
N PHE E 122 5.09 -7.60 21.63
CA PHE E 122 3.84 -8.01 21.06
C PHE E 122 3.59 -9.50 20.90
N TYR E 123 2.30 -9.77 20.86
CA TYR E 123 1.73 -11.10 20.66
C TYR E 123 0.33 -10.87 20.09
N PRO E 124 -0.01 -11.56 18.99
CA PRO E 124 0.83 -12.50 18.25
C PRO E 124 1.89 -11.98 17.27
N GLY E 125 2.49 -12.94 16.58
CA GLY E 125 3.54 -12.66 15.63
C GLY E 125 3.21 -11.79 14.47
N SER E 126 2.05 -11.96 13.86
CA SER E 126 1.70 -11.13 12.71
C SER E 126 1.59 -9.64 13.06
N ILE E 127 2.13 -8.80 12.17
CA ILE E 127 2.18 -7.35 12.33
C ILE E 127 2.65 -6.69 11.03
N GLU E 128 2.19 -5.48 10.75
CA GLU E 128 2.65 -4.75 9.58
C GLU E 128 3.26 -3.43 10.10
N VAL E 129 4.50 -3.13 9.71
CA VAL E 129 5.20 -1.90 10.07
C VAL E 129 5.47 -1.18 8.77
N ARG E 130 4.99 0.05 8.62
CA ARG E 130 5.24 0.84 7.42
C ARG E 130 5.91 2.13 7.84
N TRP E 131 6.63 2.72 6.88
CA TRP E 131 7.40 3.95 7.06
C TRP E 131 6.85 4.99 6.14
N PHE E 132 6.68 6.20 6.64
CA PHE E 132 6.17 7.26 5.84
C PHE E 132 7.13 8.42 5.95
N ARG E 133 7.30 9.17 4.87
CA ARG E 133 8.11 10.36 4.91
C ARG E 133 7.16 11.43 4.47
N ASN E 134 6.92 12.35 5.40
CA ASN E 134 6.02 13.47 5.19
C ASN E 134 4.71 12.88 4.69
N GLY E 135 4.23 11.86 5.40
CA GLY E 135 3.00 11.25 5.01
C GLY E 135 3.04 10.35 3.82
N GLN E 136 4.01 10.41 2.94
CA GLN E 136 3.95 9.50 1.82
C GLN E 136 4.63 8.20 2.25
N GLU E 137 4.07 7.04 1.94
CA GLU E 137 4.71 5.79 2.37
C GLU E 137 5.99 5.54 1.63
N GLU E 138 7.01 5.10 2.35
CA GLU E 138 8.33 4.85 1.78
C GLU E 138 8.58 3.37 1.83
N LYS E 139 8.59 2.72 0.65
CA LYS E 139 8.81 1.27 0.59
C LYS E 139 10.27 0.89 0.29
N ALA E 140 11.02 1.85 -0.24
CA ALA E 140 12.42 1.64 -0.56
C ALA E 140 13.34 1.94 0.61
N GLY E 141 14.46 1.24 0.64
CA GLY E 141 15.43 1.43 1.67
C GLY E 141 15.01 0.94 3.03
N VAL E 142 14.06 0.00 3.04
CA VAL E 142 13.58 -0.56 4.32
C VAL E 142 14.33 -1.84 4.60
N VAL E 143 14.98 -1.90 5.78
CA VAL E 143 15.84 -3.02 6.19
C VAL E 143 15.21 -3.57 7.47
N SER E 144 14.68 -4.77 7.41
CA SER E 144 14.02 -5.33 8.58
C SER E 144 14.68 -6.59 9.14
N THR E 145 14.66 -6.75 10.44
CA THR E 145 15.25 -7.94 11.04
C THR E 145 14.25 -9.05 10.94
N GLY E 146 13.03 -8.69 10.57
CA GLY E 146 11.99 -9.68 10.54
C GLY E 146 11.63 -9.96 11.98
N LEU E 147 10.67 -10.85 12.13
CA LEU E 147 10.12 -11.29 13.40
C LEU E 147 11.06 -12.08 14.27
N ILE E 148 11.15 -11.69 15.53
CA ILE E 148 12.03 -12.34 16.47
C ILE E 148 11.23 -12.81 17.67
N GLN E 149 11.21 -14.11 17.84
CA GLN E 149 10.52 -14.78 18.93
C GLN E 149 11.45 -14.76 20.17
N ASN E 150 11.04 -14.09 21.26
CA ASN E 150 11.88 -13.96 22.46
C ASN E 150 11.77 -15.11 23.43
N GLY E 151 10.90 -16.04 23.11
CA GLY E 151 10.71 -17.20 23.95
C GLY E 151 9.92 -17.11 25.23
N ASP E 152 9.32 -15.94 25.45
CA ASP E 152 8.48 -15.65 26.64
C ASP E 152 7.06 -15.21 26.30
N TRP E 153 6.57 -15.71 25.17
CA TRP E 153 5.24 -15.36 24.64
C TRP E 153 5.11 -13.91 24.16
N THR E 154 6.23 -13.37 23.66
CA THR E 154 6.27 -12.01 23.08
C THR E 154 7.21 -12.09 21.91
N PHE E 155 7.08 -11.13 21.00
CA PHE E 155 7.90 -10.96 19.78
C PHE E 155 8.44 -9.53 19.74
N GLN E 156 9.46 -9.34 18.91
CA GLN E 156 10.01 -8.02 18.66
C GLN E 156 10.54 -7.98 17.22
N THR E 157 10.61 -6.78 16.64
CA THR E 157 11.12 -6.63 15.30
C THR E 157 11.63 -5.20 15.25
N LEU E 158 12.58 -4.95 14.37
CA LEU E 158 13.20 -3.64 14.13
C LEU E 158 13.13 -3.42 12.63
N VAL E 159 12.56 -2.31 12.20
CA VAL E 159 12.43 -2.02 10.78
C VAL E 159 13.05 -0.67 10.59
N MET E 160 14.13 -0.66 9.82
CA MET E 160 14.87 0.55 9.58
C MET E 160 14.63 1.12 8.24
N LEU E 161 14.80 2.43 8.17
CA LEU E 161 14.62 3.20 6.96
C LEU E 161 15.92 3.95 6.63
N GLU E 162 16.39 3.78 5.42
CA GLU E 162 17.57 4.48 5.03
C GLU E 162 17.05 5.83 4.65
N THR E 163 17.59 6.86 5.30
CA THR E 163 17.23 8.25 5.07
C THR E 163 18.46 9.16 4.90
N VAL E 164 18.18 10.36 4.42
CA VAL E 164 19.13 11.48 4.30
C VAL E 164 18.15 12.62 4.72
N PRO E 165 17.96 12.79 6.03
CA PRO E 165 17.02 13.81 6.53
C PRO E 165 17.26 15.28 6.12
N ARG E 166 16.29 15.89 5.46
CA ARG E 166 16.35 17.30 5.08
C ARG E 166 15.59 18.05 6.23
N SER E 167 15.74 19.37 6.34
CA SER E 167 15.09 20.09 7.46
C SER E 167 13.61 19.95 7.53
N GLY E 168 13.13 19.79 8.75
CA GLY E 168 11.73 19.64 9.01
C GLY E 168 11.05 18.55 8.25
N GLU E 169 11.72 17.43 8.18
CA GLU E 169 11.15 16.31 7.48
C GLU E 169 10.43 15.53 8.56
N VAL E 170 9.23 15.01 8.33
CA VAL E 170 8.70 14.17 9.37
C VAL E 170 8.60 12.73 8.88
N TYR E 171 9.09 11.80 9.71
CA TYR E 171 9.11 10.37 9.43
C TYR E 171 8.17 9.71 10.39
N THR E 172 7.37 8.78 9.89
CA THR E 172 6.39 8.08 10.71
C THR E 172 6.42 6.60 10.51
N CYS E 173 6.43 5.88 11.61
CA CYS E 173 6.43 4.43 11.56
C CYS E 173 5.05 4.04 11.96
N GLN E 174 4.35 3.33 11.09
CA GLN E 174 2.99 2.88 11.40
C GLN E 174 2.89 1.36 11.61
N VAL E 175 2.33 0.96 12.73
CA VAL E 175 2.25 -0.47 13.05
C VAL E 175 0.79 -0.94 13.18
N GLU E 176 0.48 -1.99 12.45
CA GLU E 176 -0.81 -2.63 12.44
C GLU E 176 -0.64 -4.04 13.04
N HIS E 177 -1.37 -4.26 14.13
CA HIS E 177 -1.34 -5.50 14.89
C HIS E 177 -2.75 -5.85 15.48
N PRO E 178 -3.11 -7.15 15.53
CA PRO E 178 -4.41 -7.53 16.09
C PRO E 178 -4.71 -6.97 17.44
N SER E 179 -3.74 -6.66 18.25
CA SER E 179 -4.05 -6.15 19.56
C SER E 179 -4.62 -4.75 19.58
N VAL E 180 -4.64 -4.04 18.45
CA VAL E 180 -5.14 -2.65 18.44
C VAL E 180 -6.15 -2.42 17.33
N THR E 181 -7.11 -1.52 17.61
CA THR E 181 -8.22 -1.11 16.71
C THR E 181 -7.76 -0.17 15.56
N SER E 182 -6.89 0.79 15.90
CA SER E 182 -6.33 1.75 14.97
C SER E 182 -4.81 1.53 15.02
N PRO E 183 -4.11 1.76 13.89
CA PRO E 183 -2.66 1.60 13.78
C PRO E 183 -1.89 2.52 14.68
N LEU E 184 -0.82 2.00 15.25
CA LEU E 184 0.04 2.78 16.11
C LEU E 184 0.95 3.57 15.19
N THR E 185 1.30 4.78 15.60
CA THR E 185 2.22 5.61 14.85
C THR E 185 3.14 6.36 15.78
N VAL E 186 4.36 6.54 15.33
CA VAL E 186 5.41 7.23 16.08
C VAL E 186 6.17 8.07 15.05
N GLU E 187 6.32 9.36 15.37
CA GLU E 187 6.99 10.27 14.47
C GLU E 187 8.35 10.65 14.92
N TRP E 188 9.20 10.92 13.95
CA TRP E 188 10.53 11.40 14.15
C TRP E 188 10.72 12.60 13.19
N ARG E 189 10.79 13.79 13.78
CA ARG E 189 10.95 15.08 13.08
C ARG E 189 12.45 15.35 12.91
N ALA E 190 12.89 15.55 11.67
CA ALA E 190 14.29 15.84 11.37
C ALA E 190 14.51 17.29 11.76
N SER F 3 -11.42 -28.43 31.43
CA SER F 3 -10.16 -27.65 31.35
C SER F 3 -8.94 -28.60 31.36
N ASP F 4 -9.23 -29.88 31.23
CA ASP F 4 -8.16 -30.84 31.27
C ASP F 4 -7.41 -30.76 29.98
N TRP F 5 -6.10 -30.53 30.09
CA TRP F 5 -5.20 -30.50 28.93
C TRP F 5 -4.91 -31.97 28.67
N ARG F 6 -5.23 -32.47 27.49
CA ARG F 6 -5.02 -33.88 27.16
C ARG F 6 -3.71 -34.19 26.44
N PHE F 7 -3.27 -35.42 26.58
CA PHE F 7 -2.07 -35.84 25.93
C PHE F 7 -2.22 -37.25 25.34
N LEU F 8 -1.35 -37.58 24.40
CA LEU F 8 -1.33 -38.89 23.79
C LEU F 8 -0.11 -39.65 24.33
N ARG F 9 -0.24 -40.98 24.40
CA ARG F 9 0.90 -41.77 24.84
C ARG F 9 1.38 -42.62 23.66
N GLY F 10 2.67 -42.87 23.64
CA GLY F 10 3.20 -43.64 22.55
C GLY F 10 3.08 -45.11 22.84
N TYR F 11 2.91 -45.91 21.78
CA TYR F 11 2.80 -47.34 21.93
C TYR F 11 4.18 -47.94 22.09
N HIS F 12 4.22 -49.22 22.45
CA HIS F 12 5.48 -49.89 22.57
C HIS F 12 6.06 -50.39 21.24
N GLN F 13 7.36 -50.14 21.07
CA GLN F 13 8.13 -50.52 19.89
C GLN F 13 8.12 -52.03 19.67
N TYR F 14 8.17 -52.41 18.39
CA TYR F 14 8.26 -53.82 18.01
C TYR F 14 9.65 -54.34 18.52
N ALA F 15 9.66 -55.18 19.59
CA ALA F 15 10.91 -55.73 20.11
C ALA F 15 11.27 -57.12 19.55
N GLU G 3 -6.31 20.64 8.54
CA GLU G 3 -5.61 21.68 7.78
C GLU G 3 -6.11 23.10 8.06
N GLU G 4 -5.43 23.82 8.95
CA GLU G 4 -5.86 25.14 9.31
C GLU G 4 -6.08 26.18 8.23
N HIS G 5 -5.07 26.43 7.39
CA HIS G 5 -5.20 27.46 6.38
C HIS G 5 -4.51 27.10 5.09
N VAL G 6 -4.72 27.92 4.06
CA VAL G 6 -4.06 27.76 2.75
C VAL G 6 -3.91 29.13 2.11
N ILE G 7 -2.69 29.46 1.74
CA ILE G 7 -2.45 30.71 1.04
C ILE G 7 -2.10 30.27 -0.39
N ILE G 8 -2.76 30.85 -1.38
CA ILE G 8 -2.56 30.47 -2.78
C ILE G 8 -2.24 31.68 -3.58
N GLN G 9 -1.13 31.58 -4.30
CA GLN G 9 -0.65 32.62 -5.19
C GLN G 9 -1.12 32.02 -6.48
N ALA G 10 -2.02 32.71 -7.17
CA ALA G 10 -2.56 32.22 -8.43
C ALA G 10 -2.43 33.26 -9.57
N GLU G 11 -1.89 32.75 -10.68
CA GLU G 11 -1.70 33.55 -11.89
C GLU G 11 -2.25 32.82 -13.14
N PHE G 12 -2.59 33.59 -14.16
CA PHE G 12 -3.01 32.99 -15.39
C PHE G 12 -2.73 33.93 -16.50
N TYR G 13 -2.58 33.32 -17.68
CA TYR G 13 -2.40 34.05 -18.95
C TYR G 13 -3.32 33.39 -19.98
N LEU G 14 -4.08 34.24 -20.67
CA LEU G 14 -5.04 33.81 -21.64
C LEU G 14 -4.85 34.41 -23.01
N ASN G 15 -4.85 33.54 -24.00
CA ASN G 15 -4.80 33.94 -25.38
C ASN G 15 -6.07 33.45 -26.06
N PRO G 16 -6.47 34.12 -27.13
CA PRO G 16 -5.76 35.28 -27.70
C PRO G 16 -5.95 36.61 -27.03
N ASP G 17 -6.46 36.61 -25.81
CA ASP G 17 -6.74 37.86 -25.16
C ASP G 17 -5.60 38.68 -24.61
N GLN G 18 -4.51 38.01 -24.24
CA GLN G 18 -3.35 38.69 -23.64
C GLN G 18 -3.83 39.17 -22.27
N SER G 19 -4.70 38.37 -21.65
CA SER G 19 -5.22 38.71 -20.34
C SER G 19 -4.44 37.92 -19.30
N GLY G 20 -3.82 38.62 -18.36
CA GLY G 20 -3.12 37.91 -17.31
C GLY G 20 -3.62 38.28 -15.91
N GLU G 21 -3.32 37.45 -14.91
CA GLU G 21 -3.74 37.80 -13.57
C GLU G 21 -2.76 37.27 -12.53
N PHE G 22 -2.48 38.10 -11.52
CA PHE G 22 -1.59 37.75 -10.41
C PHE G 22 -2.29 38.12 -9.11
N MET G 23 -2.50 37.13 -8.25
CA MET G 23 -3.16 37.41 -7.00
C MET G 23 -2.84 36.41 -5.91
N PHE G 24 -3.19 36.81 -4.68
CA PHE G 24 -3.08 35.96 -3.52
C PHE G 24 -4.47 35.72 -2.92
N ASP G 25 -4.58 34.54 -2.31
CA ASP G 25 -5.82 34.06 -1.76
C ASP G 25 -5.58 33.38 -0.42
N PHE G 26 -6.31 33.81 0.59
CA PHE G 26 -6.23 33.19 1.90
C PHE G 26 -7.63 32.65 2.15
N ASP G 27 -7.68 31.35 2.35
CA ASP G 27 -8.92 30.67 2.62
C ASP G 27 -10.13 31.03 1.75
N GLY G 28 -9.92 31.28 0.46
CA GLY G 28 -11.02 31.60 -0.42
C GLY G 28 -11.11 33.07 -0.68
N ASP G 29 -10.49 33.86 0.20
CA ASP G 29 -10.53 35.31 0.09
C ASP G 29 -9.28 35.99 -0.45
N GLU G 30 -9.48 36.86 -1.44
CA GLU G 30 -8.43 37.62 -2.11
C GLU G 30 -7.76 38.51 -1.14
N ILE G 31 -6.45 38.32 -1.06
CA ILE G 31 -5.62 39.15 -0.23
C ILE G 31 -5.31 40.41 -1.05
N PHE G 32 -4.89 40.22 -2.30
CA PHE G 32 -4.59 41.36 -3.17
C PHE G 32 -4.32 40.79 -4.58
N HIS G 33 -4.26 41.66 -5.57
CA HIS G 33 -3.92 41.30 -6.94
C HIS G 33 -3.12 42.49 -7.50
N VAL G 34 -2.36 42.25 -8.56
CA VAL G 34 -1.61 43.35 -9.16
C VAL G 34 -2.36 43.87 -10.37
N ASP G 35 -2.61 45.17 -10.40
CA ASP G 35 -3.24 45.80 -11.57
C ASP G 35 -2.11 45.81 -12.65
N MET G 36 -2.26 44.96 -13.67
CA MET G 36 -1.22 44.85 -14.68
C MET G 36 -1.04 46.16 -15.43
N ALA G 37 -2.17 46.79 -15.80
CA ALA G 37 -2.15 48.06 -16.54
C ALA G 37 -1.49 49.15 -15.72
N LYS G 38 -1.99 49.38 -14.52
CA LYS G 38 -1.43 50.39 -13.66
C LYS G 38 -0.17 49.94 -12.99
N LYS G 39 0.16 48.66 -13.17
CA LYS G 39 1.35 48.10 -12.55
C LYS G 39 1.37 48.42 -11.06
N GLU G 40 0.29 48.08 -10.36
CA GLU G 40 0.21 48.35 -8.93
C GLU G 40 -0.57 47.31 -8.12
N THR G 41 -0.12 47.10 -6.89
CA THR G 41 -0.70 46.16 -5.96
C THR G 41 -1.98 46.74 -5.43
N VAL G 42 -3.06 45.98 -5.55
CA VAL G 42 -4.37 46.41 -5.06
C VAL G 42 -4.77 45.50 -3.90
N TRP G 43 -4.89 46.00 -2.68
CA TRP G 43 -5.24 45.13 -1.53
C TRP G 43 -6.76 44.98 -1.43
N ARG G 44 -7.26 43.78 -1.12
CA ARG G 44 -8.70 43.55 -1.03
C ARG G 44 -9.40 44.46 -0.01
N LEU G 45 -8.79 44.61 1.15
CA LEU G 45 -9.28 45.50 2.17
C LEU G 45 -8.11 46.46 2.37
N GLU G 46 -8.35 47.75 2.15
CA GLU G 46 -7.35 48.80 2.29
C GLU G 46 -6.42 48.58 3.49
N GLU G 47 -7.03 48.32 4.65
CA GLU G 47 -6.27 48.08 5.87
C GLU G 47 -5.13 47.05 5.73
N PHE G 48 -5.26 46.10 4.81
CA PHE G 48 -4.24 45.08 4.60
C PHE G 48 -2.92 45.75 4.24
N GLY G 49 -3.04 46.79 3.43
CA GLY G 49 -1.89 47.53 2.97
C GLY G 49 -1.11 48.23 4.08
N ARG G 50 -1.70 48.32 5.27
CA ARG G 50 -1.03 48.95 6.40
C ARG G 50 -0.30 47.91 7.24
N PHE G 51 -0.12 46.71 6.68
CA PHE G 51 0.55 45.63 7.38
C PHE G 51 1.51 44.84 6.54
N ALA G 52 1.50 45.09 5.25
CA ALA G 52 2.35 44.29 4.39
C ALA G 52 2.65 45.05 3.15
N SER G 53 3.64 44.54 2.44
CA SER G 53 4.07 45.21 1.23
C SER G 53 4.20 44.18 0.16
N PHE G 54 4.13 44.66 -1.09
CA PHE G 54 4.35 43.83 -2.27
C PHE G 54 4.73 44.67 -3.50
N GLU G 55 5.87 44.35 -4.11
CA GLU G 55 6.32 45.10 -5.27
C GLU G 55 5.59 44.54 -6.46
N ALA G 56 4.84 45.40 -7.13
CA ALA G 56 4.08 45.04 -8.31
C ALA G 56 4.93 44.53 -9.49
N GLN G 57 6.10 45.11 -9.69
CA GLN G 57 6.97 44.69 -10.80
C GLN G 57 7.28 43.20 -10.84
N GLY G 58 7.30 42.57 -9.68
CA GLY G 58 7.60 41.16 -9.65
C GLY G 58 6.55 40.32 -10.32
N ALA G 59 5.30 40.72 -10.12
CA ALA G 59 4.14 40.05 -10.68
C ALA G 59 4.19 40.14 -12.17
N LEU G 60 4.53 41.34 -12.64
CA LEU G 60 4.60 41.63 -14.07
C LEU G 60 5.64 40.76 -14.78
N ALA G 61 6.63 40.27 -14.04
CA ALA G 61 7.69 39.42 -14.59
C ALA G 61 7.20 38.03 -14.63
N ASN G 62 6.42 37.70 -13.61
CA ASN G 62 5.83 36.38 -13.54
C ASN G 62 4.91 36.22 -14.72
N ILE G 63 4.06 37.21 -14.94
CA ILE G 63 3.11 37.12 -16.06
C ILE G 63 3.79 36.86 -17.41
N ALA G 64 5.00 37.38 -17.55
CA ALA G 64 5.79 37.23 -18.76
C ALA G 64 6.27 35.78 -18.97
N VAL G 65 6.71 35.12 -17.91
CA VAL G 65 7.11 33.70 -18.00
C VAL G 65 5.84 32.94 -18.38
N ASP G 66 4.71 33.36 -17.80
CA ASP G 66 3.42 32.74 -17.98
C ASP G 66 2.96 32.84 -19.41
N LYS G 67 3.14 34.01 -19.99
CA LYS G 67 2.76 34.20 -21.37
C LYS G 67 3.59 33.27 -22.19
N ALA G 68 4.87 33.24 -21.88
CA ALA G 68 5.84 32.41 -22.58
C ALA G 68 5.55 30.93 -22.51
N ASN G 69 5.23 30.45 -21.32
CA ASN G 69 5.00 29.05 -21.13
C ASN G 69 3.71 28.60 -21.76
N LEU G 70 2.80 29.54 -21.92
CA LEU G 70 1.51 29.23 -22.53
C LEU G 70 1.76 28.94 -23.99
N GLU G 71 2.58 29.76 -24.64
CA GLU G 71 2.88 29.59 -26.06
C GLU G 71 3.51 28.23 -26.29
N ILE G 72 4.41 27.82 -25.40
CA ILE G 72 5.06 26.51 -25.47
C ILE G 72 4.06 25.33 -25.33
N MET G 73 3.17 25.45 -24.34
CA MET G 73 2.12 24.46 -24.03
C MET G 73 1.01 24.39 -25.08
N THR G 74 0.62 25.53 -25.66
CA THR G 74 -0.41 25.54 -26.69
C THR G 74 0.11 24.68 -27.82
N LYS G 75 1.31 25.04 -28.28
CA LYS G 75 1.99 24.32 -29.33
C LYS G 75 2.24 22.83 -28.97
N ARG G 76 2.57 22.55 -27.71
CA ARG G 76 2.86 21.20 -27.24
C ARG G 76 1.62 20.35 -27.23
N SER G 77 0.46 20.99 -27.12
CA SER G 77 -0.82 20.28 -27.09
C SER G 77 -1.44 20.07 -28.45
N ASN G 78 -0.73 20.43 -29.51
CA ASN G 78 -1.24 20.34 -30.88
C ASN G 78 -2.32 21.41 -31.00
N TYR G 79 -2.14 22.49 -30.23
CA TYR G 79 -3.05 23.64 -30.20
C TYR G 79 -4.49 23.38 -29.78
N THR G 80 -4.65 22.58 -28.70
CA THR G 80 -5.94 22.22 -28.11
C THR G 80 -6.46 23.45 -27.34
N PRO G 81 -7.53 24.05 -27.86
CA PRO G 81 -8.13 25.24 -27.25
C PRO G 81 -8.92 24.82 -26.05
N ILE G 82 -9.23 25.80 -25.20
CA ILE G 82 -10.02 25.56 -24.01
C ILE G 82 -11.50 25.36 -24.36
N THR G 83 -12.08 24.44 -23.58
CA THR G 83 -13.52 24.13 -23.61
C THR G 83 -14.26 25.09 -22.65
N ASN G 84 -15.15 25.93 -23.18
CA ASN G 84 -15.89 26.86 -22.35
C ASN G 84 -16.79 26.11 -21.39
N VAL G 85 -16.80 26.58 -20.15
CA VAL G 85 -17.65 26.02 -19.12
C VAL G 85 -18.40 27.26 -18.66
N PRO G 86 -19.71 27.32 -18.94
CA PRO G 86 -20.49 28.49 -18.54
C PRO G 86 -20.64 28.59 -17.01
N PRO G 87 -20.83 29.80 -16.50
CA PRO G 87 -20.98 30.03 -15.05
C PRO G 87 -22.33 29.76 -14.40
N GLU G 88 -22.30 29.39 -13.11
CA GLU G 88 -23.49 29.23 -12.28
C GLU G 88 -23.60 30.64 -11.66
N VAL G 89 -24.77 31.26 -11.71
CA VAL G 89 -24.97 32.59 -11.17
C VAL G 89 -26.00 32.62 -10.04
N THR G 90 -25.64 33.34 -8.99
CA THR G 90 -26.49 33.47 -7.80
C THR G 90 -26.52 34.89 -7.34
N VAL G 91 -27.70 35.39 -7.01
CA VAL G 91 -27.81 36.75 -6.51
C VAL G 91 -28.30 36.65 -5.05
N LEU G 92 -27.72 37.47 -4.19
CA LEU G 92 -28.12 37.46 -2.82
C LEU G 92 -27.79 38.79 -2.23
N THR G 93 -28.13 39.00 -0.98
CA THR G 93 -27.85 40.24 -0.30
C THR G 93 -26.91 39.97 0.87
N ASN G 94 -26.17 41.02 1.24
CA ASN G 94 -25.27 40.95 2.37
C ASN G 94 -25.96 40.51 3.65
N SER G 95 -27.20 40.94 3.84
CA SER G 95 -27.95 40.58 5.05
C SER G 95 -29.46 40.66 4.82
N PRO G 96 -30.26 40.20 5.80
CA PRO G 96 -31.72 40.26 5.64
C PRO G 96 -32.18 41.65 5.23
N VAL G 97 -32.99 41.69 4.19
CA VAL G 97 -33.46 42.95 3.72
C VAL G 97 -34.55 43.57 4.60
N GLU G 98 -34.40 44.87 4.85
CA GLU G 98 -35.37 45.66 5.59
C GLU G 98 -35.52 46.88 4.70
N LEU G 99 -36.76 47.33 4.50
CA LEU G 99 -36.99 48.44 3.61
C LEU G 99 -36.36 49.66 4.20
N ARG G 100 -35.81 50.42 3.26
CA ARG G 100 -35.06 51.63 3.54
C ARG G 100 -34.00 51.50 4.65
N GLU G 101 -33.29 50.36 4.59
CA GLU G 101 -32.16 50.03 5.43
C GLU G 101 -31.20 49.57 4.35
N PRO G 102 -30.22 50.41 4.00
CA PRO G 102 -29.20 50.16 2.97
C PRO G 102 -28.70 48.73 3.04
N ASN G 103 -28.58 48.07 1.89
CA ASN G 103 -28.12 46.67 1.85
C ASN G 103 -27.28 46.53 0.58
N VAL G 104 -26.78 45.33 0.32
CA VAL G 104 -25.93 45.09 -0.85
C VAL G 104 -26.31 43.80 -1.52
N LEU G 105 -26.50 43.92 -2.84
CA LEU G 105 -26.76 42.81 -3.74
C LEU G 105 -25.40 42.31 -4.25
N ILE G 106 -25.20 41.01 -4.05
CA ILE G 106 -24.02 40.29 -4.43
C ILE G 106 -24.44 39.35 -5.53
N CYS G 107 -23.78 39.45 -6.66
CA CYS G 107 -23.98 38.53 -7.76
C CYS G 107 -22.77 37.57 -7.74
N PHE G 108 -23.02 36.33 -7.38
CA PHE G 108 -21.98 35.35 -7.34
C PHE G 108 -21.98 34.49 -8.60
N ILE G 109 -20.88 34.60 -9.36
CA ILE G 109 -20.62 33.90 -10.62
C ILE G 109 -19.56 32.82 -10.26
N ASP G 110 -19.87 31.56 -10.50
CA ASP G 110 -18.99 30.47 -10.09
C ASP G 110 -18.88 29.30 -11.12
N LYS G 111 -17.76 28.57 -11.07
CA LYS G 111 -17.57 27.39 -11.93
C LYS G 111 -17.52 27.57 -13.44
N PHE G 112 -16.76 28.58 -13.89
CA PHE G 112 -16.64 28.91 -15.29
C PHE G 112 -15.21 29.08 -15.70
N THR G 113 -14.98 28.89 -16.99
CA THR G 113 -13.70 29.08 -17.64
C THR G 113 -13.96 29.22 -19.14
N PRO G 114 -13.21 30.07 -19.85
CA PRO G 114 -12.08 30.88 -19.39
C PRO G 114 -12.51 32.11 -18.55
N PRO G 115 -11.55 32.79 -17.92
CA PRO G 115 -11.83 33.94 -17.09
C PRO G 115 -12.11 35.20 -17.89
N VAL G 116 -13.23 35.19 -18.60
CA VAL G 116 -13.68 36.36 -19.36
C VAL G 116 -15.23 36.37 -19.21
N VAL G 117 -15.79 37.37 -18.51
CA VAL G 117 -17.25 37.44 -18.30
C VAL G 117 -17.67 38.94 -18.44
N ASN G 118 -18.92 39.20 -18.82
CA ASN G 118 -19.43 40.55 -18.86
C ASN G 118 -20.63 40.58 -17.91
N VAL G 119 -20.54 41.38 -16.85
CA VAL G 119 -21.64 41.49 -15.87
C VAL G 119 -22.23 42.89 -15.77
N THR G 120 -23.55 42.95 -15.75
CA THR G 120 -24.28 44.18 -15.66
C THR G 120 -25.33 44.05 -14.57
N TRP G 121 -25.54 45.12 -13.84
CA TRP G 121 -26.62 45.15 -12.87
C TRP G 121 -27.76 45.96 -13.51
N LEU G 122 -28.98 45.45 -13.44
CA LEU G 122 -30.11 46.15 -14.03
C LEU G 122 -31.12 46.35 -12.92
N ARG G 123 -31.62 47.58 -12.82
CA ARG G 123 -32.64 47.95 -11.84
C ARG G 123 -33.82 48.30 -12.76
N ASN G 124 -34.92 47.56 -12.61
CA ASN G 124 -36.09 47.76 -13.45
C ASN G 124 -35.66 47.83 -14.90
N GLY G 125 -34.79 46.90 -15.30
CA GLY G 125 -34.33 46.81 -16.67
C GLY G 125 -33.26 47.75 -17.18
N LYS G 126 -33.02 48.80 -16.44
CA LYS G 126 -32.02 49.74 -16.87
C LYS G 126 -30.78 49.45 -16.04
N PRO G 127 -29.61 49.46 -16.68
CA PRO G 127 -28.31 49.21 -16.06
C PRO G 127 -27.96 50.23 -14.97
N VAL G 128 -27.38 49.74 -13.87
CA VAL G 128 -26.99 50.52 -12.70
C VAL G 128 -25.48 50.46 -12.48
N THR G 129 -24.86 51.60 -12.22
CA THR G 129 -23.41 51.65 -11.98
C THR G 129 -23.01 52.33 -10.67
N THR G 130 -23.90 53.11 -10.10
CA THR G 130 -23.62 53.79 -8.85
C THR G 130 -23.17 52.81 -7.73
N GLY G 131 -22.00 53.08 -7.18
CA GLY G 131 -21.47 52.26 -6.11
C GLY G 131 -21.11 50.81 -6.40
N VAL G 132 -21.25 50.35 -7.64
CA VAL G 132 -20.93 48.95 -7.92
C VAL G 132 -19.43 48.62 -7.85
N SER G 133 -19.12 47.39 -7.49
CA SER G 133 -17.75 46.94 -7.45
C SER G 133 -17.77 45.45 -7.73
N GLU G 134 -16.59 44.87 -7.95
CA GLU G 134 -16.43 43.45 -8.24
C GLU G 134 -15.05 42.96 -7.85
N THR G 135 -14.86 41.65 -7.74
CA THR G 135 -13.55 41.09 -7.43
C THR G 135 -12.91 40.64 -8.74
N VAL G 136 -11.62 40.31 -8.70
CA VAL G 136 -10.92 39.79 -9.90
C VAL G 136 -11.36 38.31 -9.96
N PHE G 137 -10.81 37.49 -10.87
CA PHE G 137 -11.19 36.08 -10.93
C PHE G 137 -10.52 35.31 -9.82
N LEU G 138 -11.28 34.55 -9.04
CA LEU G 138 -10.75 33.77 -7.93
C LEU G 138 -10.54 32.31 -8.33
N PRO G 139 -9.41 31.74 -7.93
CA PRO G 139 -9.13 30.34 -8.29
C PRO G 139 -10.08 29.38 -7.66
N ARG G 140 -10.16 28.19 -8.25
CA ARG G 140 -10.96 27.10 -7.73
C ARG G 140 -10.09 25.85 -7.87
N GLU G 141 -10.25 24.91 -6.95
CA GLU G 141 -9.50 23.67 -6.95
C GLU G 141 -9.67 22.90 -8.26
N ASP G 142 -10.80 23.06 -8.92
CA ASP G 142 -11.05 22.39 -10.16
C ASP G 142 -10.51 23.14 -11.34
N HIS G 143 -9.81 24.23 -11.06
CA HIS G 143 -9.17 25.09 -12.05
C HIS G 143 -10.07 25.87 -12.94
N LEU G 144 -11.27 26.13 -12.38
CA LEU G 144 -12.34 26.97 -12.94
C LEU G 144 -12.27 28.23 -12.09
N PHE G 145 -13.05 29.24 -12.41
CA PHE G 145 -12.99 30.48 -11.64
C PHE G 145 -14.26 30.90 -10.86
N ARG G 146 -14.12 31.92 -10.01
CA ARG G 146 -15.19 32.54 -9.21
C ARG G 146 -15.01 34.03 -9.39
N LYS G 147 -16.09 34.77 -9.17
CA LYS G 147 -16.03 36.23 -9.23
C LYS G 147 -17.29 36.75 -8.56
N PHE G 148 -17.16 37.88 -7.88
CA PHE G 148 -18.28 38.53 -7.20
C PHE G 148 -18.47 39.95 -7.69
N HIS G 149 -19.73 40.34 -7.90
CA HIS G 149 -20.08 41.71 -8.25
C HIS G 149 -21.00 42.25 -7.14
N TYR G 150 -20.93 43.55 -6.87
CA TYR G 150 -21.68 44.08 -5.74
C TYR G 150 -22.48 45.29 -6.06
N LEU G 151 -23.71 45.34 -5.56
CA LEU G 151 -24.56 46.49 -5.80
C LEU G 151 -25.20 47.02 -4.50
N PRO G 152 -24.62 48.08 -3.93
CA PRO G 152 -25.19 48.62 -2.70
C PRO G 152 -26.57 49.16 -3.12
N PHE G 153 -27.62 48.83 -2.39
CA PHE G 153 -28.87 49.37 -2.80
C PHE G 153 -29.71 49.68 -1.55
N LEU G 154 -30.81 50.42 -1.76
CA LEU G 154 -31.71 50.76 -0.68
C LEU G 154 -33.02 50.00 -0.98
N PRO G 155 -33.31 48.98 -0.18
CA PRO G 155 -34.50 48.13 -0.33
C PRO G 155 -35.83 48.90 -0.57
N SER G 156 -36.62 48.43 -1.55
CA SER G 156 -37.89 49.07 -1.97
C SER G 156 -38.78 48.14 -2.80
N THR G 157 -40.08 48.31 -2.68
CA THR G 157 -41.00 47.49 -3.41
C THR G 157 -41.10 47.89 -4.85
N GLU G 158 -40.89 49.15 -5.15
CA GLU G 158 -41.01 49.58 -6.51
C GLU G 158 -39.88 49.13 -7.43
N ASP G 159 -38.98 48.31 -6.94
CA ASP G 159 -37.87 47.90 -7.78
C ASP G 159 -37.57 46.42 -7.88
N VAL G 160 -37.04 46.05 -9.04
CA VAL G 160 -36.60 44.69 -9.26
C VAL G 160 -35.21 44.83 -9.78
N TYR G 161 -34.44 43.79 -9.50
CA TYR G 161 -33.05 43.73 -9.92
C TYR G 161 -32.69 42.45 -10.64
N ASP G 162 -31.75 42.57 -11.55
CA ASP G 162 -31.19 41.43 -12.27
C ASP G 162 -29.70 41.64 -12.47
N CYS G 163 -28.94 40.55 -12.32
CA CYS G 163 -27.53 40.58 -12.54
C CYS G 163 -27.48 39.90 -13.89
N ARG G 164 -26.97 40.57 -14.92
CA ARG G 164 -26.89 40.00 -16.27
C ARG G 164 -25.45 39.56 -16.62
N VAL G 165 -25.28 38.27 -16.85
CA VAL G 165 -23.97 37.70 -17.08
C VAL G 165 -23.82 37.11 -18.48
N GLU G 166 -22.79 37.58 -19.19
CA GLU G 166 -22.43 37.13 -20.52
C GLU G 166 -21.12 36.32 -20.45
N HIS G 167 -21.11 35.09 -20.94
CA HIS G 167 -19.92 34.24 -20.94
C HIS G 167 -19.99 33.38 -22.21
N TRP G 168 -18.86 33.11 -22.87
CA TRP G 168 -18.82 32.30 -24.11
C TRP G 168 -19.54 30.95 -24.02
N GLY G 169 -19.58 30.34 -22.84
CA GLY G 169 -20.25 29.05 -22.72
C GLY G 169 -21.76 29.10 -22.54
N LEU G 170 -22.31 30.31 -22.57
CA LEU G 170 -23.75 30.55 -22.43
C LEU G 170 -24.39 30.89 -23.78
N ASP G 171 -25.42 30.10 -24.18
CA ASP G 171 -26.15 30.30 -25.45
C ASP G 171 -26.60 31.78 -25.54
N GLU G 172 -27.14 32.27 -24.42
CA GLU G 172 -27.59 33.65 -24.28
C GLU G 172 -27.31 34.20 -22.84
N PRO G 173 -27.18 35.55 -22.71
CA PRO G 173 -26.92 36.24 -21.45
C PRO G 173 -27.85 35.66 -20.42
N LEU G 174 -27.32 35.39 -19.23
CA LEU G 174 -28.11 34.88 -18.12
C LEU G 174 -28.51 36.03 -17.20
N LEU G 175 -29.81 36.25 -16.95
CA LEU G 175 -30.28 37.33 -16.04
C LEU G 175 -30.86 36.67 -14.79
N LYS G 176 -30.18 36.87 -13.66
CA LYS G 176 -30.61 36.38 -12.33
C LYS G 176 -31.32 37.53 -11.62
N HIS G 177 -32.57 37.27 -11.28
CA HIS G 177 -33.49 38.22 -10.68
C HIS G 177 -33.52 38.34 -9.16
N TRP G 178 -33.71 39.55 -8.67
CA TRP G 178 -33.83 39.75 -7.25
C TRP G 178 -34.94 40.79 -7.09
N GLU G 179 -35.79 40.56 -6.12
CA GLU G 179 -36.88 41.45 -5.95
C GLU G 179 -37.52 41.33 -4.55
N ARG H 4 -13.49 32.23 -31.94
CA ARG H 4 -12.02 32.03 -31.94
C ARG H 4 -11.51 31.30 -30.67
N PRO H 5 -10.79 30.17 -30.81
CA PRO H 5 -10.31 29.41 -29.65
C PRO H 5 -9.37 30.14 -28.68
N ARG H 6 -9.56 29.80 -27.39
CA ARG H 6 -8.76 30.33 -26.33
C ARG H 6 -7.90 29.24 -25.79
N PHE H 7 -6.74 29.64 -25.30
CA PHE H 7 -5.77 28.74 -24.70
C PHE H 7 -5.46 29.40 -23.38
N LEU H 8 -5.50 28.60 -22.31
CA LEU H 8 -5.27 29.14 -20.98
C LEU H 8 -4.17 28.43 -20.20
N TRP H 9 -3.38 29.27 -19.50
CA TRP H 9 -2.30 28.82 -18.64
C TRP H 9 -2.43 29.42 -17.24
N GLN H 10 -2.40 28.54 -16.26
CA GLN H 10 -2.42 28.95 -14.86
C GLN H 10 -1.26 28.31 -14.11
N LEU H 11 -0.72 29.08 -13.18
CA LEU H 11 0.34 28.61 -12.29
C LEU H 11 -0.11 28.94 -10.88
N LYS H 12 -0.05 27.94 -10.00
CA LYS H 12 -0.46 28.10 -8.64
C LYS H 12 0.56 27.59 -7.66
N PHE H 13 0.81 28.38 -6.62
CA PHE H 13 1.66 27.99 -5.50
C PHE H 13 0.72 27.99 -4.27
N GLU H 14 0.51 26.81 -3.65
CA GLU H 14 -0.36 26.62 -2.47
C GLU H 14 0.40 26.26 -1.20
N CYS H 15 0.18 27.06 -0.18
CA CYS H 15 0.82 26.83 1.12
C CYS H 15 -0.26 26.39 2.10
N HIS H 16 -0.16 25.13 2.50
CA HIS H 16 -1.09 24.46 3.42
C HIS H 16 -0.46 24.44 4.79
N PHE H 17 -1.15 25.02 5.75
CA PHE H 17 -0.63 25.08 7.11
C PHE H 17 -1.42 24.15 8.05
N PHE H 18 -0.72 23.42 8.91
CA PHE H 18 -1.35 22.53 9.90
C PHE H 18 -0.78 22.84 11.25
N ASN H 19 -1.66 23.04 12.22
CA ASN H 19 -1.27 23.36 13.58
C ASN H 19 -0.33 24.56 13.56
N GLY H 20 -0.82 25.65 13.02
CA GLY H 20 0.00 26.85 12.94
C GLY H 20 0.85 26.68 11.73
N THR H 21 2.14 26.80 11.92
CA THR H 21 3.10 26.58 10.86
C THR H 21 3.92 25.36 11.32
N GLU H 22 3.31 24.55 12.18
CA GLU H 22 3.96 23.35 12.67
C GLU H 22 4.28 22.53 11.43
N ARG H 23 3.25 22.21 10.67
CA ARG H 23 3.36 21.42 9.44
C ARG H 23 3.00 22.38 8.31
N VAL H 24 3.76 22.38 7.24
CA VAL H 24 3.47 23.19 6.07
C VAL H 24 3.77 22.38 4.81
N ARG H 25 2.89 22.42 3.83
CA ARG H 25 3.11 21.72 2.58
C ARG H 25 2.95 22.77 1.44
N LEU H 26 3.89 22.78 0.53
CA LEU H 26 3.81 23.71 -0.57
C LEU H 26 3.60 22.93 -1.86
N LEU H 27 2.62 23.37 -2.63
CA LEU H 27 2.35 22.75 -3.92
C LEU H 27 2.45 23.78 -5.03
N GLU H 28 3.27 23.50 -6.04
CA GLU H 28 3.31 24.34 -7.21
C GLU H 28 2.52 23.48 -8.24
N ARG H 29 1.61 24.09 -9.03
CA ARG H 29 0.77 23.37 -10.00
C ARG H 29 0.69 24.12 -11.27
N CYS H 30 0.83 23.38 -12.37
CA CYS H 30 0.76 23.94 -13.72
C CYS H 30 -0.45 23.31 -14.37
N ILE H 31 -1.31 24.19 -14.87
CA ILE H 31 -2.58 23.80 -15.47
C ILE H 31 -2.72 24.42 -16.88
N TYR H 32 -2.86 23.55 -17.88
CA TYR H 32 -3.08 23.98 -19.25
C TYR H 32 -4.59 23.83 -19.45
N ASN H 33 -5.25 24.94 -19.79
CA ASN H 33 -6.70 24.99 -19.93
C ASN H 33 -7.41 24.55 -18.62
N GLN H 34 -7.87 23.31 -18.51
CA GLN H 34 -8.48 22.84 -17.26
C GLN H 34 -7.82 21.54 -16.79
N GLU H 35 -6.62 21.25 -17.31
CA GLU H 35 -5.88 20.04 -16.96
C GLU H 35 -4.55 20.38 -16.29
N GLU H 36 -4.39 19.91 -15.04
CA GLU H 36 -3.13 20.09 -14.30
C GLU H 36 -2.18 19.05 -14.93
N SER H 37 -1.12 19.57 -15.57
CA SER H 37 -0.10 18.79 -16.26
C SER H 37 1.14 18.38 -15.45
N VAL H 38 1.59 19.24 -14.55
CA VAL H 38 2.77 18.95 -13.69
C VAL H 38 2.63 19.73 -12.35
N ARG H 39 3.26 19.23 -11.29
CA ARG H 39 3.19 19.86 -9.98
C ARG H 39 4.38 19.46 -9.13
N PHE H 40 4.72 20.34 -8.19
CA PHE H 40 5.78 20.11 -7.23
C PHE H 40 5.06 19.95 -5.88
N ASP H 41 5.30 18.83 -5.22
CA ASP H 41 4.73 18.61 -3.91
C ASP H 41 5.88 18.62 -2.91
N SER H 42 5.92 19.58 -1.97
CA SER H 42 6.97 19.66 -0.94
C SER H 42 7.13 18.31 -0.24
N ASP H 43 6.05 17.54 -0.10
CA ASP H 43 6.13 16.25 0.57
C ASP H 43 6.86 15.20 -0.27
N VAL H 44 6.93 15.42 -1.57
CA VAL H 44 7.63 14.55 -2.47
C VAL H 44 9.05 15.06 -2.70
N GLY H 45 9.24 16.35 -2.72
CA GLY H 45 10.57 16.87 -2.96
C GLY H 45 10.92 17.12 -4.42
N GLU H 46 10.11 16.65 -5.36
CA GLU H 46 10.41 16.95 -6.74
C GLU H 46 9.15 17.02 -7.57
N TYR H 47 9.30 17.43 -8.83
CA TYR H 47 8.20 17.53 -9.76
C TYR H 47 7.73 16.14 -10.18
N ARG H 48 6.48 16.08 -10.63
CA ARG H 48 5.84 14.87 -11.12
C ARG H 48 4.87 15.31 -12.19
N ALA H 49 4.85 14.60 -13.30
CA ALA H 49 3.95 14.89 -14.42
C ALA H 49 2.58 14.43 -13.96
N VAL H 50 1.57 15.28 -14.00
CA VAL H 50 0.25 14.85 -13.57
C VAL H 50 -0.41 14.18 -14.80
N THR H 51 -0.12 14.71 -15.98
CA THR H 51 -0.59 14.13 -17.22
C THR H 51 0.60 14.13 -18.16
N GLU H 52 0.55 13.24 -19.14
CA GLU H 52 1.59 13.12 -20.16
C GLU H 52 2.12 14.45 -20.83
N LEU H 53 1.29 15.50 -20.89
CA LEU H 53 1.63 16.84 -21.45
C LEU H 53 2.62 17.56 -20.51
N GLY H 54 2.65 17.16 -19.24
CA GLY H 54 3.58 17.74 -18.30
C GLY H 54 4.77 16.84 -18.04
N ARG H 55 4.98 15.76 -18.79
CA ARG H 55 6.14 14.90 -18.53
C ARG H 55 7.47 15.60 -18.88
N PRO H 56 7.49 16.31 -20.02
CA PRO H 56 8.71 17.03 -20.43
C PRO H 56 9.19 17.91 -19.29
N ASP H 57 8.27 18.70 -18.72
CA ASP H 57 8.56 19.64 -17.65
C ASP H 57 9.11 18.96 -16.42
N ALA H 58 8.47 17.87 -16.03
CA ALA H 58 8.92 17.13 -14.86
C ALA H 58 10.35 16.57 -15.07
N GLU H 59 10.59 15.91 -16.22
CA GLU H 59 11.90 15.36 -16.61
C GLU H 59 12.90 16.47 -16.53
N TYR H 60 12.61 17.48 -17.33
CA TYR H 60 13.37 18.68 -17.40
C TYR H 60 13.66 19.21 -16.03
N TRP H 61 12.71 19.87 -15.38
CA TRP H 61 12.87 20.46 -14.04
C TRP H 61 13.54 19.65 -12.93
N ASN H 62 13.36 18.34 -12.94
CA ASN H 62 13.96 17.48 -11.94
C ASN H 62 15.46 17.38 -12.20
N SER H 63 15.84 17.68 -13.44
CA SER H 63 17.23 17.68 -13.83
C SER H 63 17.95 18.90 -13.28
N GLN H 64 17.19 19.86 -12.75
CA GLN H 64 17.77 21.09 -12.23
C GLN H 64 17.79 21.15 -10.71
N LYS H 65 18.88 20.60 -10.13
CA LYS H 65 19.11 20.52 -8.69
C LYS H 65 18.87 21.82 -7.90
N ASP H 66 19.16 22.97 -8.51
CA ASP H 66 19.00 24.26 -7.84
C ASP H 66 17.55 24.71 -7.78
N LEU H 67 16.79 24.39 -8.84
CA LEU H 67 15.36 24.70 -8.89
C LEU H 67 14.69 23.84 -7.77
N LEU H 68 15.12 22.60 -7.64
CA LEU H 68 14.60 21.74 -6.60
C LEU H 68 15.01 22.18 -5.23
N GLU H 69 16.22 22.68 -5.07
CA GLU H 69 16.61 23.11 -3.74
C GLU H 69 15.84 24.34 -3.35
N GLN H 70 15.67 25.26 -4.30
CA GLN H 70 14.93 26.49 -4.12
C GLN H 70 13.49 26.18 -3.64
N ARG H 71 12.84 25.27 -4.34
CA ARG H 71 11.48 24.89 -4.00
C ARG H 71 11.37 24.22 -2.68
N ARG H 72 12.25 23.27 -2.44
CA ARG H 72 12.19 22.54 -1.18
C ARG H 72 12.22 23.48 0.02
N ALA H 73 12.86 24.62 -0.18
CA ALA H 73 13.12 25.60 0.84
C ALA H 73 12.10 26.68 0.99
N ALA H 74 11.23 26.78 -0.01
CA ALA H 74 10.19 27.81 -0.06
C ALA H 74 9.18 27.63 1.07
N VAL H 75 9.16 26.43 1.65
CA VAL H 75 8.31 26.09 2.79
C VAL H 75 8.65 27.01 3.99
N ASP H 76 9.89 27.47 4.04
CA ASP H 76 10.35 28.36 5.07
C ASP H 76 10.44 29.80 4.60
N THR H 77 11.08 29.99 3.45
CA THR H 77 11.30 31.32 2.86
C THR H 77 10.05 31.99 2.27
N TYR H 78 9.12 31.15 1.82
CA TYR H 78 7.91 31.60 1.21
C TYR H 78 6.68 31.38 2.07
N CYS H 79 6.38 30.10 2.32
CA CYS H 79 5.20 29.73 3.06
C CYS H 79 5.11 30.28 4.46
N ARG H 80 6.11 29.94 5.27
CA ARG H 80 6.15 30.42 6.66
C ARG H 80 6.39 31.94 6.82
N HIS H 81 7.12 32.49 5.86
CA HIS H 81 7.37 33.89 5.89
C HIS H 81 6.06 34.66 5.69
N ASN H 82 5.35 34.32 4.61
CA ASN H 82 4.09 34.97 4.25
C ASN H 82 2.99 34.78 5.29
N TYR H 83 2.97 33.62 5.94
CA TYR H 83 2.01 33.34 7.00
C TYR H 83 2.27 34.35 8.12
N GLY H 84 3.55 34.63 8.37
CA GLY H 84 3.91 35.54 9.43
C GLY H 84 3.52 36.95 9.10
N VAL H 85 3.85 37.37 7.88
CA VAL H 85 3.55 38.70 7.46
C VAL H 85 2.06 38.94 7.51
N GLY H 86 1.30 37.95 7.07
CA GLY H 86 -0.14 38.12 7.01
C GLY H 86 -0.98 37.73 8.18
N GLU H 87 -0.44 36.94 9.10
CA GLU H 87 -1.20 36.50 10.28
C GLU H 87 -2.18 37.49 11.01
N SER H 88 -1.72 38.70 11.28
CA SER H 88 -2.52 39.67 12.02
C SER H 88 -3.86 39.97 11.38
N PHE H 89 -3.87 40.11 10.05
CA PHE H 89 -5.06 40.44 9.30
C PHE H 89 -5.76 39.28 8.60
N THR H 90 -5.26 38.06 8.79
CA THR H 90 -5.85 36.91 8.14
C THR H 90 -6.21 35.81 9.15
N VAL H 91 -5.23 35.04 9.59
CA VAL H 91 -5.44 33.96 10.59
C VAL H 91 -6.20 34.45 11.85
N GLN H 92 -5.86 35.66 12.31
CA GLN H 92 -6.46 36.20 13.50
C GLN H 92 -7.67 37.08 13.32
N ARG H 93 -8.12 37.26 12.07
CA ARG H 93 -9.31 38.07 11.77
C ARG H 93 -10.55 37.50 12.37
N ARG H 94 -11.26 38.37 13.07
CA ARG H 94 -12.49 37.99 13.69
C ARG H 94 -13.57 39.08 13.59
N VAL H 95 -14.72 38.67 13.06
CA VAL H 95 -15.88 39.50 12.91
C VAL H 95 -17.09 38.70 13.45
N GLU H 96 -17.87 39.33 14.32
CA GLU H 96 -19.01 38.70 14.99
C GLU H 96 -20.22 38.67 14.10
N PRO H 97 -20.99 37.58 14.14
CA PRO H 97 -22.19 37.41 13.33
C PRO H 97 -23.42 38.18 13.78
N LYS H 98 -24.19 38.67 12.82
CA LYS H 98 -25.47 39.36 13.07
C LYS H 98 -26.49 38.18 13.02
N VAL H 99 -27.19 37.93 14.10
CA VAL H 99 -28.15 36.86 14.13
C VAL H 99 -29.58 37.42 14.10
N THR H 100 -30.43 36.89 13.23
CA THR H 100 -31.80 37.31 13.02
C THR H 100 -32.67 36.09 12.89
N VAL H 101 -33.80 36.06 13.59
CA VAL H 101 -34.74 34.90 13.47
C VAL H 101 -36.07 35.43 12.91
N TYR H 102 -36.60 34.76 11.91
CA TYR H 102 -37.84 35.18 11.34
C TYR H 102 -38.54 34.08 10.59
N PRO H 103 -39.89 34.02 10.67
CA PRO H 103 -40.62 32.97 9.96
C PRO H 103 -40.64 33.29 8.48
N SER H 104 -40.33 32.32 7.64
CA SER H 104 -40.26 32.57 6.19
C SER H 104 -41.51 33.16 5.56
N LYS H 105 -42.67 32.90 6.14
CA LYS H 105 -43.91 33.47 5.62
C LYS H 105 -44.79 33.80 6.79
N THR H 106 -45.81 34.61 6.53
CA THR H 106 -46.75 34.96 7.58
C THR H 106 -47.90 33.94 7.60
N GLN H 107 -47.64 32.68 7.19
CA GLN H 107 -48.63 31.57 7.19
C GLN H 107 -49.11 31.33 8.62
N PRO H 108 -50.26 31.89 9.02
CA PRO H 108 -50.94 31.84 10.32
C PRO H 108 -50.75 30.65 11.26
N LEU H 109 -50.82 30.93 12.57
CA LEU H 109 -50.63 29.95 13.64
C LEU H 109 -51.30 28.58 13.39
N GLN H 110 -50.71 27.52 13.92
CA GLN H 110 -51.23 26.19 13.73
C GLN H 110 -50.91 25.65 12.36
N HIS H 111 -50.22 26.41 11.50
CA HIS H 111 -49.84 25.93 10.16
C HIS H 111 -48.33 25.77 10.00
N HIS H 112 -47.89 24.76 9.23
CA HIS H 112 -46.45 24.52 9.01
C HIS H 112 -45.72 25.80 8.58
N ASN H 113 -44.54 26.00 9.14
CA ASN H 113 -43.77 27.18 8.76
C ASN H 113 -42.29 26.90 8.93
N LEU H 114 -41.50 27.66 8.18
CA LEU H 114 -40.05 27.53 8.16
C LEU H 114 -39.45 28.70 8.89
N LEU H 115 -38.89 28.41 10.04
CA LEU H 115 -38.28 29.44 10.86
C LEU H 115 -36.86 29.59 10.39
N VAL H 116 -36.49 30.80 10.02
CA VAL H 116 -35.15 31.06 9.50
C VAL H 116 -34.20 31.74 10.47
N CYS H 117 -33.05 31.12 10.67
CA CYS H 117 -32.01 31.73 11.48
C CYS H 117 -30.95 32.28 10.53
N SER H 118 -30.95 33.59 10.36
CA SER H 118 -30.02 34.24 9.49
C SER H 118 -28.74 34.68 10.26
N VAL H 119 -27.62 34.03 9.94
CA VAL H 119 -26.34 34.36 10.56
C VAL H 119 -25.46 35.01 9.50
N SER H 120 -25.13 36.27 9.71
CA SER H 120 -24.38 37.00 8.72
C SER H 120 -23.21 37.83 9.22
N GLY H 121 -22.40 38.22 8.24
CA GLY H 121 -21.25 39.08 8.46
C GLY H 121 -20.13 38.58 9.33
N PHE H 122 -20.08 37.27 9.56
CA PHE H 122 -19.05 36.71 10.37
C PHE H 122 -17.75 36.30 9.66
N TYR H 123 -16.70 36.21 10.47
CA TYR H 123 -15.38 35.80 10.05
C TYR H 123 -14.64 35.35 11.32
N PRO H 124 -14.02 34.16 11.31
CA PRO H 124 -13.91 33.20 10.21
C PRO H 124 -15.12 32.33 9.87
N GLY H 125 -14.89 31.42 8.93
CA GLY H 125 -15.93 30.53 8.49
C GLY H 125 -16.61 29.65 9.51
N SER H 126 -15.82 28.97 10.34
CA SER H 126 -16.38 28.04 11.32
C SER H 126 -17.39 28.64 12.28
N ILE H 127 -18.52 27.95 12.42
CA ILE H 127 -19.66 28.39 13.24
C ILE H 127 -20.63 27.25 13.49
N GLU H 128 -21.30 27.26 14.62
CA GLU H 128 -22.25 26.21 14.96
C GLU H 128 -23.54 26.97 15.20
N VAL H 129 -24.63 26.53 14.54
CA VAL H 129 -25.98 27.11 14.66
C VAL H 129 -26.87 25.98 15.07
N ARG H 130 -27.49 26.12 16.22
CA ARG H 130 -28.41 25.13 16.76
C ARG H 130 -29.83 25.73 16.97
N TRP H 131 -30.84 24.87 16.86
CA TRP H 131 -32.25 25.24 17.04
C TRP H 131 -32.76 24.57 18.29
N PHE H 132 -33.55 25.31 19.04
CA PHE H 132 -34.13 24.82 20.28
C PHE H 132 -35.63 25.17 20.32
N ARG H 133 -36.43 24.21 20.77
CA ARG H 133 -37.84 24.48 20.96
C ARG H 133 -38.06 24.30 22.45
N ASN H 134 -38.52 25.40 23.04
CA ASN H 134 -38.78 25.47 24.46
C ASN H 134 -37.58 24.88 25.15
N GLY H 135 -36.39 25.32 24.73
CA GLY H 135 -35.17 24.87 25.36
C GLY H 135 -34.64 23.48 25.08
N GLN H 136 -35.38 22.67 24.37
CA GLN H 136 -34.86 21.36 24.04
C GLN H 136 -34.29 21.57 22.64
N GLU H 137 -33.12 21.04 22.36
CA GLU H 137 -32.56 21.23 21.02
C GLU H 137 -33.33 20.42 20.00
N GLU H 138 -33.56 21.01 18.83
CA GLU H 138 -34.30 20.36 17.76
C GLU H 138 -33.36 20.00 16.65
N LYS H 139 -33.04 18.71 16.53
CA LYS H 139 -32.10 18.20 15.53
C LYS H 139 -32.72 17.82 14.18
N ALA H 140 -34.03 17.63 14.15
CA ALA H 140 -34.71 17.28 12.94
C ALA H 140 -35.36 18.47 12.25
N GLY H 141 -35.62 18.32 10.97
CA GLY H 141 -36.27 19.36 10.25
C GLY H 141 -35.42 20.56 10.04
N VAL H 142 -34.10 20.39 10.12
CA VAL H 142 -33.20 21.53 9.89
C VAL H 142 -32.70 21.55 8.46
N VAL H 143 -32.87 22.69 7.82
CA VAL H 143 -32.51 22.87 6.43
C VAL H 143 -31.53 24.07 6.39
N SER H 144 -30.27 23.80 6.09
CA SER H 144 -29.21 24.81 6.07
C SER H 144 -28.61 25.09 4.71
N THR H 145 -28.39 26.37 4.41
CA THR H 145 -27.75 26.71 3.16
C THR H 145 -26.27 26.38 3.24
N GLY H 146 -25.78 26.03 4.42
CA GLY H 146 -24.36 25.79 4.57
C GLY H 146 -23.71 27.18 4.51
N LEU H 147 -22.40 27.19 4.68
CA LEU H 147 -21.61 28.42 4.70
C LEU H 147 -21.53 29.11 3.37
N ILE H 148 -21.76 30.43 3.36
CA ILE H 148 -21.68 31.25 2.15
C ILE H 148 -20.59 32.35 2.20
N GLN H 149 -19.63 32.26 1.32
CA GLN H 149 -18.57 33.20 1.35
C GLN H 149 -18.98 34.37 0.45
N ASN H 150 -19.11 35.55 1.03
CA ASN H 150 -19.52 36.76 0.29
C ASN H 150 -18.44 37.46 -0.53
N GLY H 151 -17.19 37.02 -0.38
CA GLY H 151 -16.10 37.60 -1.13
C GLY H 151 -15.56 38.94 -0.68
N ASP H 152 -15.76 39.26 0.59
CA ASP H 152 -15.33 40.53 1.16
C ASP H 152 -14.79 40.27 2.56
N TRP H 153 -14.40 39.04 2.82
CA TRP H 153 -13.86 38.67 4.10
C TRP H 153 -14.92 38.55 5.15
N THR H 154 -16.10 38.10 4.76
CA THR H 154 -17.21 37.84 5.68
C THR H 154 -17.97 36.69 5.05
N PHE H 155 -18.69 35.95 5.90
CA PHE H 155 -19.56 34.81 5.55
C PHE H 155 -20.99 35.04 6.02
N GLN H 156 -21.86 34.15 5.59
CA GLN H 156 -23.27 34.15 6.00
C GLN H 156 -23.84 32.73 5.85
N THR H 157 -24.89 32.46 6.59
CA THR H 157 -25.54 31.19 6.54
C THR H 157 -26.96 31.39 7.08
N LEU H 158 -27.88 30.59 6.56
CA LEU H 158 -29.27 30.59 6.96
C LEU H 158 -29.58 29.14 7.31
N VAL H 159 -30.15 28.95 8.49
CA VAL H 159 -30.50 27.64 8.98
C VAL H 159 -31.95 27.66 9.40
N MET H 160 -32.75 26.92 8.63
CA MET H 160 -34.16 26.84 8.87
C MET H 160 -34.65 25.63 9.64
N LEU H 161 -35.66 25.88 10.45
CA LEU H 161 -36.29 24.84 11.22
C LEU H 161 -37.73 24.70 10.72
N GLU H 162 -38.11 23.45 10.45
CA GLU H 162 -39.45 23.14 10.00
C GLU H 162 -40.23 23.04 11.28
N THR H 163 -41.24 23.90 11.41
CA THR H 163 -42.07 23.98 12.60
C THR H 163 -43.54 24.08 12.24
N VAL H 164 -44.40 23.83 13.23
CA VAL H 164 -45.86 24.03 13.16
C VAL H 164 -45.99 24.67 14.55
N PRO H 165 -45.80 25.98 14.63
CA PRO H 165 -45.86 26.74 15.88
C PRO H 165 -47.19 26.77 16.58
N ARG H 166 -47.24 26.11 17.71
CA ARG H 166 -48.43 26.16 18.49
C ARG H 166 -48.11 27.31 19.45
N SER H 167 -49.12 28.11 19.79
CA SER H 167 -48.94 29.29 20.64
C SER H 167 -48.33 28.94 21.96
N GLY H 168 -47.49 29.86 22.44
CA GLY H 168 -46.78 29.60 23.69
C GLY H 168 -45.80 28.45 23.45
N GLU H 169 -44.83 28.75 22.57
CA GLU H 169 -43.75 27.82 22.18
C GLU H 169 -42.66 28.82 21.85
N VAL H 170 -41.50 28.63 22.49
CA VAL H 170 -40.35 29.52 22.32
C VAL H 170 -39.26 28.81 21.54
N TYR H 171 -38.95 29.42 20.39
CA TYR H 171 -37.91 28.91 19.48
C TYR H 171 -36.68 29.75 19.62
N THR H 172 -35.55 29.06 19.81
CA THR H 172 -34.29 29.76 19.97
C THR H 172 -33.22 29.30 19.01
N CYS H 173 -32.55 30.26 18.42
CA CYS H 173 -31.44 29.97 17.54
C CYS H 173 -30.17 30.28 18.35
N GLN H 174 -29.30 29.28 18.49
CA GLN H 174 -28.06 29.47 19.22
C GLN H 174 -26.82 29.41 18.31
N VAL H 175 -25.99 30.44 18.35
CA VAL H 175 -24.79 30.53 17.51
C VAL H 175 -23.51 30.55 18.29
N GLU H 176 -22.62 29.63 17.97
CA GLU H 176 -21.31 29.54 18.56
C GLU H 176 -20.30 29.83 17.44
N HIS H 177 -19.44 30.80 17.68
CA HIS H 177 -18.40 31.28 16.75
C HIS H 177 -17.19 31.83 17.57
N PRO H 178 -15.97 31.73 17.03
CA PRO H 178 -14.72 32.19 17.66
C PRO H 178 -14.76 33.63 18.17
N SER H 179 -15.47 34.49 17.45
CA SER H 179 -15.51 35.87 17.84
C SER H 179 -16.29 36.20 19.11
N VAL H 180 -16.90 35.21 19.77
CA VAL H 180 -17.72 35.48 20.97
C VAL H 180 -17.42 34.49 22.09
N THR H 181 -17.38 35.02 23.33
CA THR H 181 -17.06 34.29 24.57
C THR H 181 -18.17 33.33 24.96
N SER H 182 -19.40 33.82 24.90
CA SER H 182 -20.64 33.06 25.17
C SER H 182 -21.52 33.03 23.88
N PRO H 183 -22.28 31.93 23.63
CA PRO H 183 -23.16 31.72 22.48
C PRO H 183 -24.20 32.79 22.30
N LEU H 184 -24.36 33.28 21.07
CA LEU H 184 -25.39 34.27 20.77
C LEU H 184 -26.67 33.48 20.67
N THR H 185 -27.79 34.08 21.05
CA THR H 185 -29.12 33.45 20.98
C THR H 185 -30.17 34.50 20.62
N VAL H 186 -31.13 34.07 19.83
CA VAL H 186 -32.21 34.92 19.40
C VAL H 186 -33.45 34.03 19.57
N GLU H 187 -34.51 34.61 20.13
CA GLU H 187 -35.71 33.85 20.36
C GLU H 187 -36.81 34.37 19.47
N TRP H 188 -37.66 33.44 19.03
CA TRP H 188 -38.85 33.75 18.22
C TRP H 188 -39.94 32.99 18.98
N ARG H 189 -40.94 33.74 19.43
CA ARG H 189 -42.08 33.21 20.19
C ARG H 189 -43.32 33.27 19.34
N ALA H 190 -44.08 32.21 19.38
CA ALA H 190 -45.31 32.15 18.60
C ALA H 190 -46.52 32.85 19.32
N GLY I 2 10.62 40.09 7.60
CA GLY I 2 10.14 41.37 7.11
C GLY I 2 8.63 41.63 7.23
N SER I 3 8.13 42.48 6.35
CA SER I 3 6.72 42.83 6.28
C SER I 3 6.42 42.71 4.79
N ASP I 4 7.44 42.24 4.07
CA ASP I 4 7.46 42.03 2.64
C ASP I 4 6.77 40.73 2.29
N TRP I 5 5.72 40.86 1.46
CA TRP I 5 4.95 39.72 0.99
C TRP I 5 5.79 39.16 -0.14
N ARG I 6 6.24 37.91 0.04
CA ARG I 6 7.07 37.24 -0.97
C ARG I 6 6.25 36.44 -1.96
N PHE I 7 6.84 36.11 -3.09
CA PHE I 7 6.14 35.35 -4.10
C PHE I 7 7.09 34.42 -4.80
N LEU I 8 6.60 33.34 -5.41
CA LEU I 8 7.48 32.44 -6.19
C LEU I 8 7.28 32.74 -7.65
N ARG I 9 8.22 32.35 -8.47
CA ARG I 9 8.09 32.57 -9.90
C ARG I 9 8.19 31.21 -10.57
N GLY I 10 7.50 31.05 -11.69
CA GLY I 10 7.54 29.78 -12.40
C GLY I 10 8.76 29.67 -13.29
N TYR I 11 9.25 28.43 -13.42
CA TYR I 11 10.41 28.12 -14.23
C TYR I 11 10.02 28.07 -15.69
N HIS I 12 10.98 28.04 -16.58
CA HIS I 12 10.68 27.98 -17.99
C HIS I 12 10.33 26.56 -18.49
N GLN I 13 9.23 26.47 -19.21
CA GLN I 13 8.78 25.20 -19.78
C GLN I 13 9.82 24.61 -20.73
N TYR I 14 9.86 23.28 -20.78
CA TYR I 14 10.73 22.56 -21.68
C TYR I 14 10.25 22.90 -23.10
N ALA I 15 11.06 23.57 -23.89
CA ALA I 15 10.64 23.91 -25.24
C ALA I 15 11.28 23.00 -26.27
N GLU J 3 -21.87 19.25 -33.34
CA GLU J 3 -22.23 17.87 -32.97
C GLU J 3 -23.67 17.67 -32.54
N GLU J 4 -24.35 16.83 -33.29
CA GLU J 4 -25.75 16.52 -33.05
C GLU J 4 -26.09 15.62 -31.84
N HIS J 5 -25.42 14.48 -31.69
CA HIS J 5 -25.77 13.56 -30.60
C HIS J 5 -24.55 12.78 -30.12
N VAL J 6 -24.72 12.08 -29.01
CA VAL J 6 -23.66 11.29 -28.39
C VAL J 6 -24.33 10.14 -27.68
N ILE J 7 -23.88 8.94 -28.01
CA ILE J 7 -24.37 7.74 -27.36
C ILE J 7 -23.19 7.22 -26.53
N ILE J 8 -23.40 7.06 -25.22
CA ILE J 8 -22.37 6.61 -24.33
C ILE J 8 -22.65 5.29 -23.64
N GLN J 9 -21.72 4.34 -23.83
CA GLN J 9 -21.80 3.04 -23.15
C GLN J 9 -20.89 3.32 -21.96
N ALA J 10 -21.43 3.24 -20.76
CA ALA J 10 -20.65 3.53 -19.57
C ALA J 10 -20.77 2.42 -18.57
N GLU J 11 -19.64 1.91 -18.09
CA GLU J 11 -19.61 0.83 -17.11
C GLU J 11 -18.65 1.23 -15.97
N PHE J 12 -18.78 0.60 -14.81
CA PHE J 12 -17.88 0.90 -13.72
C PHE J 12 -17.87 -0.27 -12.79
N TYR J 13 -16.83 -0.36 -11.99
CA TYR J 13 -16.72 -1.41 -11.00
C TYR J 13 -16.13 -0.70 -9.80
N LEU J 14 -16.69 -0.97 -8.64
CA LEU J 14 -16.26 -0.33 -7.43
C LEU J 14 -15.93 -1.26 -6.27
N ASN J 15 -14.72 -1.09 -5.74
CA ASN J 15 -14.25 -1.85 -4.61
C ASN J 15 -14.09 -0.86 -3.44
N PRO J 16 -14.28 -1.35 -2.21
CA PRO J 16 -14.62 -2.75 -1.91
C PRO J 16 -16.06 -3.13 -1.96
N ASP J 17 -16.90 -2.29 -2.54
CA ASP J 17 -18.34 -2.59 -2.56
C ASP J 17 -18.72 -3.70 -3.51
N GLN J 18 -17.86 -3.95 -4.50
CA GLN J 18 -18.06 -4.95 -5.54
C GLN J 18 -19.33 -4.57 -6.28
N SER J 19 -19.46 -3.29 -6.58
CA SER J 19 -20.62 -2.82 -7.26
C SER J 19 -20.26 -2.49 -8.67
N GLY J 20 -21.01 -3.01 -9.62
CA GLY J 20 -20.72 -2.71 -11.01
C GLY J 20 -21.92 -2.13 -11.71
N GLU J 21 -21.71 -1.50 -12.86
CA GLU J 21 -22.84 -0.94 -13.60
C GLU J 21 -22.57 -0.99 -15.10
N PHE J 22 -23.62 -1.23 -15.87
CA PHE J 22 -23.57 -1.27 -17.32
C PHE J 22 -24.76 -0.49 -17.80
N MET J 23 -24.56 0.51 -18.65
CA MET J 23 -25.69 1.28 -19.15
C MET J 23 -25.41 2.03 -20.45
N PHE J 24 -26.47 2.50 -21.09
CA PHE J 24 -26.31 3.32 -22.28
C PHE J 24 -26.91 4.68 -22.01
N ASP J 25 -26.34 5.69 -22.66
CA ASP J 25 -26.75 7.06 -22.46
C ASP J 25 -26.89 7.80 -23.79
N PHE J 26 -28.00 8.47 -24.00
CA PHE J 26 -28.20 9.22 -25.22
C PHE J 26 -28.53 10.61 -24.77
N ASP J 27 -27.62 11.51 -25.12
CA ASP J 27 -27.75 12.94 -24.85
C ASP J 27 -28.12 13.35 -23.40
N GLY J 28 -27.64 12.62 -22.40
CA GLY J 28 -27.91 12.91 -21.02
C GLY J 28 -28.87 11.94 -20.43
N ASP J 29 -29.62 11.27 -21.32
CA ASP J 29 -30.64 10.33 -20.91
C ASP J 29 -30.29 8.88 -21.01
N GLU J 30 -30.67 8.12 -19.98
CA GLU J 30 -30.43 6.65 -19.88
C GLU J 30 -31.30 5.89 -20.85
N ILE J 31 -30.68 5.12 -21.72
CA ILE J 31 -31.42 4.32 -22.66
C ILE J 31 -31.85 3.03 -21.94
N PHE J 32 -30.93 2.46 -21.18
CA PHE J 32 -31.20 1.23 -20.44
C PHE J 32 -29.94 0.91 -19.60
N HIS J 33 -30.03 -0.12 -18.77
CA HIS J 33 -28.93 -0.56 -17.95
C HIS J 33 -29.21 -2.03 -17.67
N VAL J 34 -28.18 -2.79 -17.31
CA VAL J 34 -28.38 -4.20 -17.04
C VAL J 34 -28.44 -4.46 -15.54
N ASP J 35 -29.54 -5.05 -15.09
CA ASP J 35 -29.69 -5.43 -13.69
C ASP J 35 -28.71 -6.57 -13.51
N MET J 36 -27.63 -6.32 -12.79
CA MET J 36 -26.59 -7.33 -12.57
C MET J 36 -27.12 -8.50 -11.79
N ALA J 37 -27.87 -8.22 -10.72
CA ALA J 37 -28.45 -9.29 -9.89
C ALA J 37 -29.45 -10.16 -10.67
N LYS J 38 -30.44 -9.54 -11.30
CA LYS J 38 -31.45 -10.27 -12.07
C LYS J 38 -30.94 -10.65 -13.43
N LYS J 39 -29.75 -10.17 -13.76
CA LYS J 39 -29.13 -10.39 -15.05
C LYS J 39 -30.10 -10.05 -16.19
N GLU J 40 -30.66 -8.85 -16.13
CA GLU J 40 -31.59 -8.46 -17.17
C GLU J 40 -31.51 -7.03 -17.61
N THR J 41 -31.80 -6.82 -18.88
CA THR J 41 -31.82 -5.47 -19.47
C THR J 41 -33.05 -4.74 -18.97
N VAL J 42 -32.88 -3.50 -18.52
CA VAL J 42 -33.98 -2.73 -18.04
C VAL J 42 -33.97 -1.46 -18.87
N TRP J 43 -34.96 -1.25 -19.74
CA TRP J 43 -35.05 -0.05 -20.59
C TRP J 43 -35.65 1.15 -19.80
N ARG J 44 -35.14 2.35 -20.05
CA ARG J 44 -35.58 3.54 -19.32
C ARG J 44 -37.04 3.82 -19.55
N LEU J 45 -37.48 3.69 -20.79
CA LEU J 45 -38.88 3.88 -21.12
C LEU J 45 -39.26 2.55 -21.74
N GLU J 46 -40.25 1.88 -21.15
CA GLU J 46 -40.73 0.56 -21.58
C GLU J 46 -40.77 0.40 -23.10
N GLU J 47 -41.35 1.41 -23.76
CA GLU J 47 -41.52 1.53 -25.23
C GLU J 47 -40.25 1.27 -26.05
N PHE J 48 -39.12 1.58 -25.42
CA PHE J 48 -37.82 1.41 -25.99
C PHE J 48 -37.59 -0.04 -26.34
N GLY J 49 -37.86 -0.91 -25.39
CA GLY J 49 -37.62 -2.32 -25.61
C GLY J 49 -38.47 -3.01 -26.66
N ARG J 50 -39.21 -2.25 -27.46
CA ARG J 50 -40.04 -2.89 -28.46
C ARG J 50 -39.47 -2.46 -29.79
N PHE J 51 -38.38 -1.72 -29.70
CA PHE J 51 -37.71 -1.27 -30.89
C PHE J 51 -36.30 -1.87 -30.98
N ALA J 52 -35.86 -2.53 -29.93
CA ALA J 52 -34.52 -3.06 -29.91
C ALA J 52 -34.39 -4.12 -28.90
N SER J 53 -33.25 -4.82 -28.94
CA SER J 53 -32.96 -5.84 -27.97
C SER J 53 -31.51 -5.80 -27.59
N PHE J 54 -31.22 -6.23 -26.37
CA PHE J 54 -29.87 -6.28 -25.82
C PHE J 54 -29.76 -7.49 -24.92
N GLU J 55 -28.74 -8.31 -25.15
CA GLU J 55 -28.53 -9.49 -24.30
C GLU J 55 -27.68 -9.20 -23.06
N ALA J 56 -28.36 -9.24 -21.91
CA ALA J 56 -27.77 -8.98 -20.63
C ALA J 56 -26.52 -9.76 -20.33
N GLN J 57 -26.43 -11.01 -20.76
CA GLN J 57 -25.21 -11.79 -20.51
C GLN J 57 -23.90 -11.09 -20.95
N GLY J 58 -23.93 -10.33 -22.05
CA GLY J 58 -22.76 -9.62 -22.55
C GLY J 58 -22.22 -8.57 -21.61
N ALA J 59 -23.14 -7.83 -21.02
CA ALA J 59 -22.82 -6.79 -20.06
C ALA J 59 -22.20 -7.41 -18.82
N LEU J 60 -22.72 -8.56 -18.42
CA LEU J 60 -22.22 -9.27 -17.26
C LEU J 60 -20.72 -9.67 -17.44
N ALA J 61 -20.34 -9.94 -18.70
CA ALA J 61 -18.98 -10.34 -19.06
C ALA J 61 -18.12 -9.14 -18.99
N ASN J 62 -18.61 -8.05 -19.55
CA ASN J 62 -17.88 -6.80 -19.51
C ASN J 62 -17.60 -6.42 -18.06
N ILE J 63 -18.56 -6.54 -17.18
CA ILE J 63 -18.29 -6.14 -15.84
C ILE J 63 -17.15 -6.95 -15.25
N ALA J 64 -17.04 -8.19 -15.69
CA ALA J 64 -16.00 -9.07 -15.19
C ALA J 64 -14.57 -8.63 -15.56
N VAL J 65 -14.39 -8.20 -16.80
CA VAL J 65 -13.10 -7.70 -17.28
C VAL J 65 -12.80 -6.48 -16.46
N ASP J 66 -13.85 -5.68 -16.20
CA ASP J 66 -13.79 -4.43 -15.44
C ASP J 66 -13.31 -4.72 -14.04
N LYS J 67 -13.94 -5.67 -13.37
CA LYS J 67 -13.53 -6.08 -12.03
C LYS J 67 -12.04 -6.42 -12.09
N ALA J 68 -11.66 -7.17 -13.12
CA ALA J 68 -10.28 -7.61 -13.30
C ALA J 68 -9.32 -6.47 -13.51
N ASN J 69 -9.65 -5.57 -14.42
CA ASN J 69 -8.79 -4.45 -14.73
C ASN J 69 -8.67 -3.50 -13.56
N LEU J 70 -9.72 -3.40 -12.75
CA LEU J 70 -9.71 -2.55 -11.56
C LEU J 70 -8.64 -3.08 -10.58
N GLU J 71 -8.55 -4.42 -10.44
CA GLU J 71 -7.58 -5.03 -9.52
C GLU J 71 -6.15 -4.66 -9.93
N ILE J 72 -5.90 -4.83 -11.21
CA ILE J 72 -4.62 -4.50 -11.81
C ILE J 72 -4.31 -3.02 -11.59
N MET J 73 -5.28 -2.15 -11.86
CA MET J 73 -5.10 -0.71 -11.74
C MET J 73 -4.88 -0.27 -10.35
N THR J 74 -5.55 -0.89 -9.39
CA THR J 74 -5.41 -0.50 -8.00
C THR J 74 -3.97 -0.70 -7.53
N LYS J 75 -3.45 -1.90 -7.81
CA LYS J 75 -2.07 -2.24 -7.46
C LYS J 75 -1.08 -1.36 -8.27
N ARG J 76 -1.32 -1.20 -9.57
CA ARG J 76 -0.45 -0.36 -10.41
C ARG J 76 -0.30 1.05 -9.84
N SER J 77 -1.38 1.56 -9.25
CA SER J 77 -1.44 2.88 -8.61
C SER J 77 -0.90 2.83 -7.17
N ASN J 78 -0.55 1.65 -6.68
CA ASN J 78 -0.01 1.51 -5.32
C ASN J 78 -1.12 1.82 -4.35
N TYR J 79 -2.28 1.30 -4.74
CA TYR J 79 -3.54 1.40 -3.99
C TYR J 79 -4.01 2.78 -3.67
N THR J 80 -3.89 3.65 -4.66
CA THR J 80 -4.36 4.99 -4.48
C THR J 80 -5.88 4.97 -4.43
N PRO J 81 -6.44 5.51 -3.36
CA PRO J 81 -7.88 5.55 -3.17
C PRO J 81 -8.52 6.80 -3.78
N ILE J 82 -9.83 6.67 -4.03
CA ILE J 82 -10.60 7.76 -4.60
C ILE J 82 -10.87 8.87 -3.59
N THR J 83 -10.83 10.10 -4.08
CA THR J 83 -11.15 11.26 -3.30
C THR J 83 -12.67 11.55 -3.45
N ASN J 84 -13.42 11.31 -2.38
CA ASN J 84 -14.84 11.59 -2.38
C ASN J 84 -15.13 13.03 -2.81
N VAL J 85 -16.14 13.20 -3.66
CA VAL J 85 -16.59 14.53 -4.09
C VAL J 85 -18.06 14.46 -3.70
N PRO J 86 -18.49 15.28 -2.72
CA PRO J 86 -19.91 15.28 -2.30
C PRO J 86 -20.80 15.90 -3.41
N PRO J 87 -22.06 15.46 -3.49
CA PRO J 87 -23.05 15.93 -4.48
C PRO J 87 -23.75 17.26 -4.33
N GLU J 88 -24.11 17.88 -5.45
CA GLU J 88 -24.96 19.08 -5.44
C GLU J 88 -26.39 18.48 -5.57
N VAL J 89 -27.28 18.84 -4.65
CA VAL J 89 -28.65 18.35 -4.64
C VAL J 89 -29.68 19.44 -4.96
N THR J 90 -30.61 19.11 -5.84
CA THR J 90 -31.69 20.00 -6.29
C THR J 90 -33.01 19.26 -6.25
N VAL J 91 -34.03 19.94 -5.79
CA VAL J 91 -35.37 19.37 -5.76
C VAL J 91 -36.29 20.24 -6.62
N LEU J 92 -37.05 19.57 -7.46
CA LEU J 92 -37.97 20.30 -8.30
C LEU J 92 -39.14 19.39 -8.55
N THR J 93 -40.05 19.86 -9.37
CA THR J 93 -41.22 19.14 -9.76
C THR J 93 -41.28 19.03 -11.28
N ASN J 94 -41.91 17.98 -11.75
CA ASN J 94 -42.05 17.78 -13.17
C ASN J 94 -42.64 18.99 -13.89
N SER J 95 -43.64 19.65 -13.30
CA SER J 95 -44.24 20.82 -13.92
C SER J 95 -44.80 21.78 -12.86
N PRO J 96 -45.34 22.93 -13.27
CA PRO J 96 -45.92 23.90 -12.33
C PRO J 96 -46.95 23.25 -11.43
N VAL J 97 -46.75 23.36 -10.13
CA VAL J 97 -47.66 22.73 -9.18
C VAL J 97 -49.01 23.43 -9.07
N GLU J 98 -50.05 22.60 -9.08
CA GLU J 98 -51.42 23.07 -8.96
C GLU J 98 -51.95 22.22 -7.86
N LEU J 99 -52.55 22.84 -6.86
CA LEU J 99 -53.06 22.15 -5.69
C LEU J 99 -54.06 21.09 -6.07
N ARG J 100 -53.95 19.94 -5.41
CA ARG J 100 -54.84 18.82 -5.64
C ARG J 100 -54.77 18.16 -7.04
N GLU J 101 -53.71 18.44 -7.80
CA GLU J 101 -53.49 17.85 -9.14
C GLU J 101 -52.12 17.19 -9.04
N PRO J 102 -52.02 15.89 -9.31
CA PRO J 102 -50.85 15.02 -9.28
C PRO J 102 -49.61 15.61 -9.96
N ASN J 103 -48.46 15.45 -9.31
CA ASN J 103 -47.24 16.00 -9.86
C ASN J 103 -46.12 15.09 -9.42
N VAL J 104 -44.88 15.44 -9.80
CA VAL J 104 -43.74 14.62 -9.40
C VAL J 104 -42.61 15.48 -8.94
N LEU J 105 -42.04 15.06 -7.82
CA LEU J 105 -40.88 15.70 -7.19
C LEU J 105 -39.64 14.96 -7.66
N ILE J 106 -38.74 15.73 -8.25
CA ILE J 106 -37.50 15.17 -8.74
C ILE J 106 -36.37 15.65 -7.85
N CYS J 107 -35.58 14.71 -7.37
CA CYS J 107 -34.42 15.04 -6.55
C CYS J 107 -33.20 14.75 -7.43
N PHE J 108 -32.56 15.82 -7.91
CA PHE J 108 -31.39 15.73 -8.74
C PHE J 108 -30.05 15.83 -7.99
N ILE J 109 -29.34 14.70 -7.92
CA ILE J 109 -28.03 14.53 -7.27
C ILE J 109 -26.94 14.61 -8.39
N ASP J 110 -26.09 15.65 -8.36
CA ASP J 110 -25.10 15.89 -9.42
C ASP J 110 -23.64 16.09 -8.96
N LYS J 111 -22.67 15.83 -9.86
CA LYS J 111 -21.22 15.98 -9.65
C LYS J 111 -20.60 15.35 -8.38
N PHE J 112 -20.84 14.08 -8.15
CA PHE J 112 -20.31 13.37 -7.01
C PHE J 112 -19.62 12.07 -7.43
N THR J 113 -18.75 11.55 -6.59
CA THR J 113 -18.06 10.29 -6.81
C THR J 113 -17.44 9.97 -5.47
N PRO J 114 -17.34 8.68 -5.11
CA PRO J 114 -17.77 7.54 -5.93
C PRO J 114 -19.33 7.40 -6.04
N PRO J 115 -19.77 6.48 -6.92
CA PRO J 115 -21.18 6.21 -7.16
C PRO J 115 -21.81 5.36 -6.06
N VAL J 116 -21.94 5.95 -4.88
CA VAL J 116 -22.61 5.32 -3.74
C VAL J 116 -23.29 6.48 -3.02
N VAL J 117 -24.64 6.49 -3.01
CA VAL J 117 -25.44 7.56 -2.37
C VAL J 117 -26.63 6.90 -1.69
N ASN J 118 -27.13 7.49 -0.60
CA ASN J 118 -28.32 7.00 0.09
C ASN J 118 -29.26 8.18 0.05
N VAL J 119 -30.39 8.03 -0.64
CA VAL J 119 -31.46 9.08 -0.77
C VAL J 119 -32.81 8.66 -0.14
N THR J 120 -33.38 9.56 0.64
CA THR J 120 -34.66 9.35 1.32
C THR J 120 -35.57 10.54 1.08
N TRP J 121 -36.85 10.24 0.83
CA TRP J 121 -37.87 11.27 0.63
C TRP J 121 -38.56 11.30 1.98
N LEU J 122 -38.66 12.51 2.54
CA LEU J 122 -39.34 12.72 3.81
C LEU J 122 -40.51 13.65 3.59
N ARG J 123 -41.70 13.23 4.01
CA ARG J 123 -42.93 14.03 3.89
C ARG J 123 -43.18 14.36 5.33
N ASN J 124 -43.27 15.64 5.63
CA ASN J 124 -43.47 16.12 6.98
C ASN J 124 -42.52 15.41 7.94
N GLY J 125 -41.27 15.23 7.52
CA GLY J 125 -40.29 14.57 8.38
C GLY J 125 -40.32 13.07 8.46
N LYS J 126 -41.30 12.45 7.81
CA LYS J 126 -41.44 11.00 7.83
C LYS J 126 -41.13 10.51 6.43
N PRO J 127 -40.35 9.46 6.34
CA PRO J 127 -39.96 8.88 5.05
C PRO J 127 -41.13 8.37 4.24
N VAL J 128 -41.08 8.59 2.94
CA VAL J 128 -42.12 8.16 2.00
C VAL J 128 -41.50 7.15 0.97
N THR J 129 -42.24 6.10 0.61
CA THR J 129 -41.78 5.14 -0.42
C THR J 129 -42.81 4.92 -1.53
N THR J 130 -44.06 5.19 -1.22
CA THR J 130 -45.08 5.01 -2.20
C THR J 130 -44.74 5.57 -3.59
N GLY J 131 -44.52 4.63 -4.50
CA GLY J 131 -44.28 4.98 -5.88
C GLY J 131 -43.01 5.67 -6.24
N VAL J 132 -42.05 5.67 -5.32
CA VAL J 132 -40.81 6.32 -5.61
C VAL J 132 -40.02 5.44 -6.57
N SER J 133 -39.17 6.08 -7.36
CA SER J 133 -38.26 5.42 -8.31
C SER J 133 -37.00 6.31 -8.45
N GLU J 134 -36.00 5.82 -9.14
CA GLU J 134 -34.73 6.52 -9.29
C GLU J 134 -34.01 5.97 -10.50
N THR J 135 -33.04 6.72 -11.03
CA THR J 135 -32.24 6.24 -12.16
C THR J 135 -30.99 5.57 -11.61
N VAL J 136 -30.18 4.95 -12.46
CA VAL J 136 -28.91 4.35 -12.02
C VAL J 136 -27.89 5.52 -12.08
N PHE J 137 -26.62 5.30 -11.78
CA PHE J 137 -25.69 6.44 -11.88
C PHE J 137 -25.43 6.77 -13.32
N LEU J 138 -25.63 8.02 -13.71
CA LEU J 138 -25.37 8.49 -15.06
C LEU J 138 -23.97 9.14 -15.15
N PRO J 139 -23.25 8.85 -16.22
CA PRO J 139 -21.92 9.39 -16.42
C PRO J 139 -21.92 10.88 -16.64
N ARG J 140 -20.77 11.51 -16.40
CA ARG J 140 -20.54 12.93 -16.63
C ARG J 140 -19.16 12.97 -17.29
N GLU J 141 -18.91 14.03 -18.04
CA GLU J 141 -17.68 14.21 -18.77
C GLU J 141 -16.50 14.42 -17.87
N ASP J 142 -16.74 14.81 -16.63
CA ASP J 142 -15.63 15.02 -15.69
C ASP J 142 -15.36 13.75 -14.90
N HIS J 143 -16.14 12.74 -15.25
CA HIS J 143 -16.02 11.41 -14.65
C HIS J 143 -16.62 11.24 -13.28
N LEU J 144 -17.47 12.20 -12.93
CA LEU J 144 -18.26 12.21 -11.72
C LEU J 144 -19.62 11.64 -12.21
N PHE J 145 -20.59 11.51 -11.32
CA PHE J 145 -21.88 10.97 -11.70
C PHE J 145 -23.08 11.89 -11.45
N ARG J 146 -24.21 11.47 -12.01
CA ARG J 146 -25.54 12.08 -11.89
C ARG J 146 -26.51 10.98 -11.46
N LYS J 147 -27.63 11.36 -10.88
CA LYS J 147 -28.66 10.41 -10.46
C LYS J 147 -29.93 11.21 -10.20
N PHE J 148 -31.08 10.57 -10.45
CA PHE J 148 -32.39 11.19 -10.22
C PHE J 148 -33.25 10.30 -9.40
N HIS J 149 -33.94 10.93 -8.45
CA HIS J 149 -34.91 10.21 -7.64
C HIS J 149 -36.27 10.90 -7.83
N TYR J 150 -37.35 10.13 -7.86
CA TYR J 150 -38.68 10.65 -8.15
C TYR J 150 -39.68 10.29 -7.11
N LEU J 151 -40.57 11.24 -6.81
CA LEU J 151 -41.66 11.07 -5.81
C LEU J 151 -42.96 11.62 -6.37
N PRO J 152 -43.86 10.75 -6.81
CA PRO J 152 -45.14 11.24 -7.37
C PRO J 152 -45.89 11.78 -6.17
N PHE J 153 -46.48 12.95 -6.26
CA PHE J 153 -47.18 13.43 -5.07
C PHE J 153 -48.40 14.25 -5.49
N LEU J 154 -49.32 14.45 -4.56
CA LEU J 154 -50.52 15.24 -4.82
C LEU J 154 -50.34 16.54 -4.04
N PRO J 155 -49.99 17.62 -4.72
CA PRO J 155 -49.77 18.91 -4.08
C PRO J 155 -50.88 19.41 -3.18
N SER J 156 -50.50 19.89 -1.99
CA SER J 156 -51.46 20.53 -1.06
C SER J 156 -50.70 21.46 -0.21
N THR J 157 -51.42 22.41 0.36
CA THR J 157 -50.84 23.34 1.27
C THR J 157 -50.40 22.61 2.55
N GLU J 158 -50.96 21.47 2.84
CA GLU J 158 -50.62 20.77 4.05
C GLU J 158 -49.21 20.16 4.23
N ASP J 159 -48.59 19.71 3.16
CA ASP J 159 -47.32 19.06 3.33
C ASP J 159 -46.12 19.86 2.93
N VAL J 160 -44.98 19.48 3.51
CA VAL J 160 -43.67 20.04 3.14
C VAL J 160 -42.85 18.74 2.85
N TYR J 161 -41.78 18.87 2.05
CA TYR J 161 -40.95 17.73 1.62
C TYR J 161 -39.48 18.04 1.61
N ASP J 162 -38.72 16.97 1.76
CA ASP J 162 -37.28 17.02 1.72
C ASP J 162 -36.75 15.73 1.12
N CYS J 163 -35.68 15.90 0.34
CA CYS J 163 -34.94 14.78 -0.23
C CYS J 163 -33.69 14.74 0.66
N ARG J 164 -33.55 13.66 1.40
CA ARG J 164 -32.38 13.53 2.23
C ARG J 164 -31.32 12.67 1.57
N VAL J 165 -30.21 13.31 1.22
CA VAL J 165 -29.03 12.69 0.58
C VAL J 165 -27.82 12.41 1.50
N GLU J 166 -27.34 11.18 1.47
CA GLU J 166 -26.19 10.77 2.23
C GLU J 166 -25.06 10.32 1.27
N HIS J 167 -23.90 10.97 1.35
CA HIS J 167 -22.71 10.63 0.54
C HIS J 167 -21.43 10.77 1.42
N TRP J 168 -20.42 9.91 1.20
CA TRP J 168 -19.15 9.93 1.92
C TRP J 168 -18.42 11.26 1.95
N GLY J 169 -18.59 12.09 0.92
CA GLY J 169 -17.98 13.41 0.93
C GLY J 169 -18.77 14.52 1.64
N LEU J 170 -19.88 14.15 2.29
CA LEU J 170 -20.70 15.09 3.01
C LEU J 170 -20.45 14.88 4.51
N ASP J 171 -20.20 16.01 5.21
CA ASP J 171 -19.98 16.02 6.67
C ASP J 171 -21.22 15.41 7.37
N GLU J 172 -22.40 15.81 6.91
CA GLU J 172 -23.66 15.29 7.39
C GLU J 172 -24.69 15.23 6.25
N PRO J 173 -25.71 14.37 6.39
CA PRO J 173 -26.79 14.18 5.42
C PRO J 173 -27.36 15.51 5.02
N LEU J 174 -27.51 15.69 3.71
CA LEU J 174 -28.02 16.93 3.14
C LEU J 174 -29.52 16.76 2.93
N LEU J 175 -30.33 17.71 3.42
CA LEU J 175 -31.80 17.70 3.28
C LEU J 175 -32.13 18.88 2.36
N LYS J 176 -32.79 18.60 1.23
CA LYS J 176 -33.21 19.64 0.30
C LYS J 176 -34.75 19.69 0.38
N HIS J 177 -35.25 20.86 0.70
CA HIS J 177 -36.65 21.10 0.97
C HIS J 177 -37.51 21.56 -0.20
N TRP J 178 -38.82 21.27 -0.10
CA TRP J 178 -39.82 21.70 -1.09
C TRP J 178 -41.16 21.78 -0.33
N GLU J 179 -41.99 22.78 -0.64
CA GLU J 179 -43.31 23.00 -0.02
C GLU J 179 -43.98 24.19 -0.68
N ARG K 4 -13.00 3.30 5.18
CA ARG K 4 -12.64 2.22 4.26
C ARG K 4 -12.40 2.83 2.83
N PRO K 5 -11.16 2.70 2.30
CA PRO K 5 -10.93 3.28 0.95
C PRO K 5 -11.55 2.51 -0.21
N ARG K 6 -11.94 3.29 -1.22
CA ARG K 6 -12.57 2.79 -2.45
C ARG K 6 -11.65 3.10 -3.61
N PHE K 7 -11.74 2.17 -4.58
CA PHE K 7 -10.95 2.19 -5.82
C PHE K 7 -11.99 1.99 -6.89
N LEU K 8 -12.02 2.90 -7.85
CA LEU K 8 -13.03 2.84 -8.89
C LEU K 8 -12.48 2.77 -10.34
N TRP K 9 -13.10 1.96 -11.18
CA TRP K 9 -12.71 1.79 -12.57
C TRP K 9 -13.93 2.03 -13.43
N GLN K 10 -13.78 2.84 -14.46
CA GLN K 10 -14.86 3.15 -15.42
C GLN K 10 -14.34 2.96 -16.83
N LEU K 11 -15.22 2.46 -17.68
CA LEU K 11 -14.88 2.28 -19.07
C LEU K 11 -16.02 2.91 -19.87
N LYS K 12 -15.66 3.80 -20.77
CA LYS K 12 -16.64 4.48 -21.58
C LYS K 12 -16.32 4.50 -23.06
N PHE K 13 -17.34 4.21 -23.87
CA PHE K 13 -17.28 4.22 -25.32
C PHE K 13 -18.28 5.30 -25.77
N GLU K 14 -17.77 6.40 -26.31
CA GLU K 14 -18.60 7.49 -26.74
C GLU K 14 -18.68 7.63 -28.26
N CYS K 15 -19.90 7.66 -28.80
CA CYS K 15 -20.07 7.79 -30.23
C CYS K 15 -20.67 9.15 -30.43
N HIS K 16 -19.88 10.02 -31.07
CA HIS K 16 -20.21 11.42 -31.38
C HIS K 16 -20.66 11.51 -32.82
N PHE K 17 -21.85 12.04 -33.03
CA PHE K 17 -22.41 12.09 -34.37
C PHE K 17 -22.54 13.50 -34.89
N PHE K 18 -22.06 13.76 -36.11
CA PHE K 18 -22.17 15.05 -36.76
C PHE K 18 -22.90 14.93 -38.08
N ASN K 19 -23.89 15.81 -38.27
CA ASN K 19 -24.72 15.86 -39.47
C ASN K 19 -25.21 14.44 -39.77
N GLY K 20 -26.08 13.93 -38.91
CA GLY K 20 -26.61 12.60 -39.08
C GLY K 20 -25.52 11.69 -38.63
N THR K 21 -25.12 10.80 -39.52
CA THR K 21 -24.03 9.85 -39.27
C THR K 21 -22.95 10.20 -40.32
N GLU K 22 -23.03 11.42 -40.84
CA GLU K 22 -22.09 11.87 -41.82
C GLU K 22 -20.73 11.78 -41.25
N ARG K 23 -20.59 12.29 -40.04
CA ARG K 23 -19.32 12.25 -39.33
C ARG K 23 -19.55 11.58 -37.99
N VAL K 24 -18.79 10.56 -37.68
CA VAL K 24 -18.87 9.85 -36.43
C VAL K 24 -17.48 9.67 -35.76
N ARG K 25 -17.36 9.98 -34.47
CA ARG K 25 -16.08 9.80 -33.76
C ARG K 25 -16.29 8.83 -32.57
N LEU K 26 -15.43 7.83 -32.47
CA LEU K 26 -15.53 6.88 -31.37
C LEU K 26 -14.42 7.09 -30.36
N LEU K 27 -14.79 7.19 -29.09
CA LEU K 27 -13.86 7.39 -28.04
C LEU K 27 -14.02 6.37 -26.96
N GLU K 28 -12.96 5.59 -26.75
CA GLU K 28 -12.94 4.63 -25.63
C GLU K 28 -12.07 5.33 -24.57
N ARG K 29 -12.56 5.35 -23.32
CA ARG K 29 -11.84 5.99 -22.22
C ARG K 29 -11.78 5.12 -21.00
N CYS K 30 -10.61 5.04 -20.40
CA CYS K 30 -10.44 4.26 -19.18
C CYS K 30 -10.10 5.30 -18.11
N ILE K 31 -10.82 5.19 -17.00
CA ILE K 31 -10.71 6.11 -15.89
C ILE K 31 -10.52 5.38 -14.57
N TYR K 32 -9.39 5.63 -13.93
CA TYR K 32 -9.13 5.04 -12.64
C TYR K 32 -9.52 6.19 -11.68
N ASN K 33 -10.47 5.89 -10.78
CA ASN K 33 -10.97 6.86 -9.82
C ASN K 33 -11.52 8.08 -10.56
N GLN K 34 -10.82 9.19 -10.58
CA GLN K 34 -11.32 10.31 -11.33
C GLN K 34 -10.32 10.72 -12.40
N GLU K 35 -9.35 9.86 -12.67
CA GLU K 35 -8.32 10.17 -13.65
C GLU K 35 -8.39 9.28 -14.87
N GLU K 36 -8.62 9.88 -16.05
CA GLU K 36 -8.66 9.12 -17.33
C GLU K 36 -7.18 8.84 -17.63
N SER K 37 -6.85 7.55 -17.77
CA SER K 37 -5.48 7.09 -17.95
C SER K 37 -5.07 6.79 -19.36
N VAL K 38 -5.99 6.23 -20.12
CA VAL K 38 -5.79 5.84 -21.52
C VAL K 38 -7.10 5.95 -22.34
N ARG K 39 -6.97 6.28 -23.60
CA ARG K 39 -8.10 6.39 -24.48
C ARG K 39 -7.82 6.04 -25.95
N PHE K 40 -8.84 5.49 -26.63
CA PHE K 40 -8.75 5.23 -28.07
C PHE K 40 -9.64 6.30 -28.76
N ASP K 41 -9.06 7.14 -29.61
CA ASP K 41 -9.80 8.16 -30.36
C ASP K 41 -9.80 7.68 -31.82
N SER K 42 -10.97 7.44 -32.41
CA SER K 42 -11.05 6.96 -33.79
C SER K 42 -10.36 7.90 -34.76
N ASP K 43 -10.27 9.17 -34.42
CA ASP K 43 -9.59 10.13 -35.28
C ASP K 43 -8.06 9.98 -35.25
N VAL K 44 -7.56 9.30 -34.21
CA VAL K 44 -6.14 9.03 -34.01
C VAL K 44 -5.84 7.64 -34.57
N GLY K 45 -6.67 6.66 -34.24
CA GLY K 45 -6.46 5.35 -34.80
C GLY K 45 -5.80 4.40 -33.87
N GLU K 46 -5.28 4.90 -32.75
CA GLU K 46 -4.68 3.98 -31.78
C GLU K 46 -4.81 4.52 -30.39
N TYR K 47 -4.45 3.71 -29.40
CA TYR K 47 -4.49 4.13 -28.01
C TYR K 47 -3.41 5.14 -27.69
N ARG K 48 -3.65 5.90 -26.63
CA ARG K 48 -2.68 6.88 -26.16
C ARG K 48 -2.87 6.95 -24.67
N ALA K 49 -1.78 7.15 -23.95
CA ALA K 49 -1.81 7.24 -22.51
C ALA K 49 -2.17 8.69 -22.26
N VAL K 50 -3.08 8.89 -21.32
CA VAL K 50 -3.50 10.23 -20.99
C VAL K 50 -2.63 10.62 -19.79
N THR K 51 -2.38 9.59 -19.00
CA THR K 51 -1.56 9.72 -17.85
C THR K 51 -0.55 8.55 -17.78
N GLU K 52 0.47 8.73 -16.95
CA GLU K 52 1.48 7.74 -16.77
C GLU K 52 0.94 6.34 -16.44
N LEU K 53 -0.14 6.32 -15.68
CA LEU K 53 -0.74 5.06 -15.23
C LEU K 53 -1.35 4.27 -16.37
N GLY K 54 -1.54 4.94 -17.49
CA GLY K 54 -2.11 4.27 -18.65
C GLY K 54 -1.12 4.05 -19.76
N ARG K 55 0.12 4.43 -19.54
CA ARG K 55 1.14 4.21 -20.55
C ARG K 55 1.29 2.71 -20.89
N PRO K 56 1.33 1.84 -19.86
CA PRO K 56 1.46 0.40 -20.09
C PRO K 56 0.42 -0.05 -21.05
N ASP K 57 -0.84 0.31 -20.76
CA ASP K 57 -1.97 -0.11 -21.57
C ASP K 57 -1.89 0.39 -22.96
N ALA K 58 -1.48 1.63 -23.12
CA ALA K 58 -1.34 2.15 -24.49
C ALA K 58 -0.35 1.29 -25.27
N GLU K 59 0.79 0.99 -24.60
CA GLU K 59 1.90 0.20 -25.17
C GLU K 59 1.43 -1.22 -25.58
N TYR K 60 0.79 -1.89 -24.64
CA TYR K 60 0.31 -3.24 -24.87
C TYR K 60 -0.78 -3.40 -25.89
N TRP K 61 -1.84 -2.63 -25.75
CA TRP K 61 -2.95 -2.73 -26.63
C TRP K 61 -2.61 -2.30 -28.04
N ASN K 62 -1.78 -1.29 -28.17
CA ASN K 62 -1.41 -0.85 -29.51
C ASN K 62 -0.64 -1.93 -30.28
N SER K 63 -0.18 -2.92 -29.53
CA SER K 63 0.51 -4.05 -30.07
C SER K 63 -0.48 -5.23 -30.36
N GLN K 64 -1.68 -5.24 -29.76
CA GLN K 64 -2.62 -6.34 -30.02
C GLN K 64 -3.30 -6.25 -31.41
N LYS K 65 -2.83 -5.26 -32.17
CA LYS K 65 -3.14 -4.96 -33.57
C LYS K 65 -4.42 -5.34 -34.33
N ASP K 66 -4.99 -6.52 -34.01
CA ASP K 66 -6.27 -6.92 -34.62
C ASP K 66 -7.31 -6.14 -33.79
N LEU K 67 -6.91 -5.72 -32.58
CA LEU K 67 -7.74 -4.91 -31.70
C LEU K 67 -7.82 -3.53 -32.33
N LEU K 68 -6.68 -3.03 -32.78
CA LEU K 68 -6.74 -1.74 -33.37
C LEU K 68 -7.65 -1.77 -34.58
N GLU K 69 -7.69 -2.89 -35.27
CA GLU K 69 -8.55 -2.95 -36.42
C GLU K 69 -9.99 -2.96 -35.95
N GLN K 70 -10.28 -3.83 -34.98
CA GLN K 70 -11.61 -4.00 -34.39
C GLN K 70 -12.15 -2.62 -34.04
N ARG K 71 -11.35 -1.84 -33.31
CA ARG K 71 -11.73 -0.51 -32.87
C ARG K 71 -11.87 0.48 -33.99
N ARG K 72 -11.01 0.39 -34.96
CA ARG K 72 -11.07 1.36 -36.05
C ARG K 72 -12.35 1.23 -36.85
N ALA K 73 -12.94 0.04 -36.75
CA ALA K 73 -14.16 -0.29 -37.49
C ALA K 73 -15.46 -0.20 -36.72
N ALA K 74 -15.32 0.13 -35.43
CA ALA K 74 -16.44 0.23 -34.47
C ALA K 74 -17.29 1.43 -34.83
N VAL K 75 -16.68 2.36 -35.53
CA VAL K 75 -17.37 3.54 -36.01
C VAL K 75 -18.53 3.16 -36.95
N ASP K 76 -18.44 1.99 -37.59
CA ASP K 76 -19.51 1.51 -38.46
C ASP K 76 -20.29 0.38 -37.81
N THR K 77 -19.55 -0.59 -37.29
CA THR K 77 -20.17 -1.77 -36.68
C THR K 77 -20.90 -1.53 -35.35
N TYR K 78 -20.50 -0.47 -34.66
CA TYR K 78 -21.04 -0.13 -33.37
C TYR K 78 -21.76 1.20 -33.37
N CYS K 79 -21.05 2.25 -33.73
CA CYS K 79 -21.62 3.58 -33.67
C CYS K 79 -22.76 3.77 -34.60
N ARG K 80 -22.52 3.64 -35.89
CA ARG K 80 -23.59 3.80 -36.89
C ARG K 80 -24.67 2.74 -36.77
N HIS K 81 -24.33 1.56 -36.28
CA HIS K 81 -25.30 0.48 -36.14
C HIS K 81 -26.37 0.89 -35.11
N ASN K 82 -25.89 1.17 -33.90
CA ASN K 82 -26.67 1.56 -32.76
C ASN K 82 -27.44 2.83 -33.02
N TYR K 83 -26.84 3.77 -33.75
CA TYR K 83 -27.54 4.99 -34.17
C TYR K 83 -28.78 4.56 -35.00
N GLY K 84 -28.59 3.61 -35.95
CA GLY K 84 -29.64 3.12 -36.84
C GLY K 84 -30.74 2.40 -36.09
N VAL K 85 -30.35 1.51 -35.18
CA VAL K 85 -31.29 0.80 -34.32
C VAL K 85 -31.99 1.76 -33.31
N GLY K 86 -31.31 2.83 -32.90
CA GLY K 86 -31.86 3.68 -31.89
C GLY K 86 -32.60 4.85 -32.40
N GLU K 87 -32.34 5.21 -33.63
CA GLU K 87 -32.93 6.38 -34.25
C GLU K 87 -34.40 6.75 -33.98
N SER K 88 -35.29 5.79 -34.10
CA SER K 88 -36.75 6.01 -33.96
C SER K 88 -37.21 6.54 -32.63
N PHE K 89 -36.62 6.04 -31.58
CA PHE K 89 -36.97 6.40 -30.26
C PHE K 89 -36.04 7.37 -29.49
N THR K 90 -34.94 7.77 -30.10
CA THR K 90 -34.00 8.69 -29.48
C THR K 90 -33.77 9.89 -30.39
N VAL K 91 -32.97 9.72 -31.43
CA VAL K 91 -32.70 10.78 -32.39
C VAL K 91 -34.04 11.40 -32.87
N GLN K 92 -35.01 10.56 -33.19
CA GLN K 92 -36.28 11.00 -33.71
C GLN K 92 -37.34 11.23 -32.62
N ARG K 93 -37.02 11.00 -31.36
CA ARG K 93 -38.02 11.19 -30.32
C ARG K 93 -38.49 12.65 -30.25
N ARG K 94 -39.81 12.81 -30.18
CA ARG K 94 -40.43 14.11 -30.18
C ARG K 94 -41.68 14.10 -29.35
N VAL K 95 -41.65 14.88 -28.28
CA VAL K 95 -42.78 15.00 -27.39
C VAL K 95 -43.08 16.50 -27.35
N GLU K 96 -44.33 16.85 -27.59
CA GLU K 96 -44.73 18.26 -27.64
C GLU K 96 -44.78 18.88 -26.24
N PRO K 97 -44.43 20.17 -26.14
CA PRO K 97 -44.45 20.83 -24.83
C PRO K 97 -45.86 21.28 -24.36
N LYS K 98 -46.09 21.20 -23.04
CA LYS K 98 -47.28 21.73 -22.38
C LYS K 98 -46.87 23.22 -22.03
N VAL K 99 -47.50 24.22 -22.66
CA VAL K 99 -47.22 25.62 -22.39
C VAL K 99 -48.34 26.23 -21.50
N THR K 100 -47.93 26.96 -20.47
CA THR K 100 -48.82 27.55 -19.48
C THR K 100 -48.30 28.94 -19.18
N VAL K 101 -49.16 29.93 -19.10
CA VAL K 101 -48.72 31.29 -18.75
C VAL K 101 -49.46 31.76 -17.49
N TYR K 102 -48.74 32.28 -16.51
CA TYR K 102 -49.39 32.70 -15.29
C TYR K 102 -48.52 33.74 -14.57
N PRO K 103 -49.15 34.68 -13.83
CA PRO K 103 -48.36 35.68 -13.10
C PRO K 103 -47.82 35.03 -11.85
N SER K 104 -46.58 35.34 -11.55
CA SER K 104 -45.92 34.75 -10.43
C SER K 104 -46.50 35.19 -9.07
N LYS K 105 -46.61 36.49 -8.84
CA LYS K 105 -47.09 36.93 -7.53
C LYS K 105 -48.54 37.20 -7.60
N THR K 106 -49.15 37.32 -6.42
CA THR K 106 -50.57 37.62 -6.28
C THR K 106 -50.69 39.13 -6.02
N GLN K 107 -50.72 39.91 -7.09
CA GLN K 107 -50.82 41.37 -6.99
C GLN K 107 -51.73 41.97 -8.06
N PRO K 108 -52.36 43.11 -7.75
CA PRO K 108 -53.27 43.83 -8.66
C PRO K 108 -52.49 44.49 -9.80
N LEU K 109 -53.20 45.12 -10.72
CA LEU K 109 -52.57 45.78 -11.86
C LEU K 109 -51.80 47.03 -11.44
N GLN K 110 -51.14 47.66 -12.41
CA GLN K 110 -50.34 48.86 -12.18
C GLN K 110 -49.23 48.59 -11.18
N HIS K 111 -48.71 47.38 -11.20
CA HIS K 111 -47.63 46.97 -10.30
C HIS K 111 -46.72 46.01 -11.05
N HIS K 112 -45.46 45.99 -10.63
CA HIS K 112 -44.45 45.13 -11.23
C HIS K 112 -44.73 43.68 -10.97
N ASN K 113 -44.67 42.86 -12.01
CA ASN K 113 -44.91 41.45 -11.81
C ASN K 113 -44.11 40.65 -12.85
N LEU K 114 -43.94 39.38 -12.53
CA LEU K 114 -43.18 38.48 -13.36
C LEU K 114 -44.14 37.51 -14.00
N LEU K 115 -44.31 37.62 -15.30
CA LEU K 115 -45.18 36.70 -16.00
C LEU K 115 -44.37 35.46 -16.35
N VAL K 116 -44.86 34.30 -15.94
CA VAL K 116 -44.14 33.06 -16.17
C VAL K 116 -44.70 32.27 -17.32
N CYS K 117 -43.81 31.89 -18.23
CA CYS K 117 -44.17 31.02 -19.34
C CYS K 117 -43.56 29.67 -19.05
N SER K 118 -44.39 28.75 -18.60
CA SER K 118 -43.92 27.42 -18.32
C SER K 118 -44.06 26.49 -19.53
N VAL K 119 -42.92 25.96 -19.98
CA VAL K 119 -42.86 25.00 -21.08
C VAL K 119 -42.28 23.66 -20.50
N SER K 120 -43.14 22.67 -20.32
CA SER K 120 -42.72 21.42 -19.72
C SER K 120 -43.10 20.19 -20.54
N GLY K 121 -42.45 19.06 -20.26
CA GLY K 121 -42.74 17.82 -20.93
C GLY K 121 -42.28 17.63 -22.34
N PHE K 122 -41.39 18.48 -22.84
CA PHE K 122 -40.93 18.35 -24.19
C PHE K 122 -39.66 17.56 -24.47
N TYR K 123 -39.58 17.05 -25.69
CA TYR K 123 -38.41 16.34 -26.20
C TYR K 123 -38.40 16.44 -27.73
N PRO K 124 -37.26 16.82 -28.33
CA PRO K 124 -35.96 17.09 -27.68
C PRO K 124 -35.78 18.47 -26.95
N GLY K 125 -34.56 18.64 -26.44
CA GLY K 125 -34.17 19.82 -25.72
C GLY K 125 -34.27 21.11 -26.47
N SER K 126 -33.97 21.15 -27.76
CA SER K 126 -34.02 22.45 -28.45
C SER K 126 -35.42 23.05 -28.59
N ILE K 127 -35.53 24.32 -28.22
CA ILE K 127 -36.79 25.03 -28.21
C ILE K 127 -36.50 26.53 -28.16
N GLU K 128 -37.46 27.31 -28.70
CA GLU K 128 -37.41 28.78 -28.73
C GLU K 128 -38.67 29.22 -28.06
N VAL K 129 -38.56 30.11 -27.09
CA VAL K 129 -39.70 30.66 -26.33
C VAL K 129 -39.55 32.17 -26.41
N ARG K 130 -40.53 32.85 -26.99
CA ARG K 130 -40.49 34.30 -27.09
C ARG K 130 -41.66 34.92 -26.38
N TRP K 131 -41.48 36.17 -25.95
CA TRP K 131 -42.53 36.92 -25.25
C TRP K 131 -42.98 38.08 -26.16
N PHE K 132 -44.27 38.35 -26.19
CA PHE K 132 -44.81 39.46 -27.01
C PHE K 132 -45.80 40.29 -26.20
N ARG K 133 -45.94 41.58 -26.54
CA ARG K 133 -46.87 42.46 -25.81
C ARG K 133 -47.60 43.26 -26.87
N ASN K 134 -48.92 43.10 -26.98
CA ASN K 134 -49.70 43.79 -28.05
C ASN K 134 -49.03 43.70 -29.42
N GLY K 135 -48.57 42.49 -29.72
CA GLY K 135 -47.95 42.16 -30.98
C GLY K 135 -46.51 42.53 -31.19
N GLN K 136 -45.87 43.07 -30.17
CA GLN K 136 -44.49 43.45 -30.35
C GLN K 136 -43.66 42.55 -29.44
N GLU K 137 -42.63 41.90 -30.00
CA GLU K 137 -41.80 41.00 -29.21
C GLU K 137 -41.06 41.76 -28.15
N GLU K 138 -41.06 41.19 -26.95
CA GLU K 138 -40.40 41.82 -25.83
C GLU K 138 -39.12 41.11 -25.62
N LYS K 139 -38.04 41.79 -25.95
CA LYS K 139 -36.76 41.18 -25.79
C LYS K 139 -36.10 41.46 -24.42
N ALA K 140 -36.49 42.56 -23.79
CA ALA K 140 -35.92 42.89 -22.51
C ALA K 140 -36.69 42.31 -21.32
N GLY K 141 -36.04 42.30 -20.17
CA GLY K 141 -36.64 41.81 -18.95
C GLY K 141 -37.02 40.37 -18.95
N VAL K 142 -36.44 39.58 -19.86
CA VAL K 142 -36.71 38.14 -19.91
C VAL K 142 -35.73 37.33 -19.04
N VAL K 143 -36.23 36.63 -18.04
CA VAL K 143 -35.42 35.86 -17.10
C VAL K 143 -35.78 34.41 -17.36
N SER K 144 -34.83 33.64 -17.90
CA SER K 144 -35.06 32.22 -18.18
C SER K 144 -34.33 31.27 -17.22
N THR K 145 -34.90 30.10 -16.96
CA THR K 145 -34.24 29.11 -16.09
C THR K 145 -33.28 28.30 -16.96
N GLY K 146 -33.37 28.46 -18.27
CA GLY K 146 -32.57 27.65 -19.15
C GLY K 146 -33.20 26.26 -19.08
N LEU K 147 -32.75 25.42 -19.98
CA LEU K 147 -33.23 24.06 -20.13
C LEU K 147 -32.94 23.14 -18.96
N ILE K 148 -33.94 22.39 -18.53
CA ILE K 148 -33.83 21.47 -17.41
C ILE K 148 -34.23 20.05 -17.88
N GLN K 149 -33.29 19.14 -17.76
CA GLN K 149 -33.48 17.77 -18.16
C GLN K 149 -33.98 17.04 -16.91
N ASN K 150 -35.20 16.49 -17.00
CA ASN K 150 -35.87 15.80 -15.86
C ASN K 150 -35.44 14.36 -15.64
N GLY K 151 -34.63 13.87 -16.59
CA GLY K 151 -34.13 12.52 -16.49
C GLY K 151 -35.09 11.38 -16.80
N ASP K 152 -36.19 11.67 -17.51
CA ASP K 152 -37.20 10.67 -17.90
C ASP K 152 -37.57 10.81 -19.35
N TRP K 153 -36.66 11.40 -20.10
CA TRP K 153 -36.82 11.62 -21.52
C TRP K 153 -37.72 12.77 -21.85
N THR K 154 -37.74 13.74 -20.92
CA THR K 154 -38.45 15.01 -21.08
C THR K 154 -37.61 16.17 -20.48
N PHE K 155 -37.93 17.38 -20.93
CA PHE K 155 -37.32 18.63 -20.52
C PHE K 155 -38.43 19.61 -20.12
N GLN K 156 -38.03 20.68 -19.44
CA GLN K 156 -38.92 21.76 -19.06
C GLN K 156 -38.10 23.01 -18.98
N THR K 157 -38.76 24.15 -19.02
CA THR K 157 -38.10 25.43 -18.93
C THR K 157 -39.16 26.46 -18.58
N LEU K 158 -38.74 27.49 -17.87
CA LEU K 158 -39.60 28.59 -17.48
C LEU K 158 -38.96 29.87 -17.95
N VAL K 159 -39.73 30.66 -18.67
CA VAL K 159 -39.19 31.90 -19.18
C VAL K 159 -40.08 33.02 -18.67
N MET K 160 -39.50 33.83 -17.80
CA MET K 160 -40.22 34.94 -17.21
C MET K 160 -40.04 36.30 -17.86
N LEU K 161 -41.14 37.06 -17.83
CA LEU K 161 -41.14 38.39 -18.38
C LEU K 161 -41.43 39.36 -17.28
N GLU K 162 -40.57 40.35 -17.15
CA GLU K 162 -40.75 41.42 -16.19
C GLU K 162 -41.74 42.45 -16.81
N THR K 163 -42.90 42.59 -16.18
CA THR K 163 -43.96 43.47 -16.64
C THR K 163 -44.46 44.32 -15.50
N VAL K 164 -45.37 45.23 -15.87
CA VAL K 164 -46.12 46.17 -14.98
C VAL K 164 -47.34 46.26 -15.89
N PRO K 165 -48.21 45.28 -15.81
CA PRO K 165 -49.43 45.19 -16.64
C PRO K 165 -50.54 46.26 -16.47
N ARG K 166 -51.02 46.81 -17.57
CA ARG K 166 -52.10 47.77 -17.47
C ARG K 166 -53.31 47.33 -18.27
N SER K 167 -53.47 46.00 -18.40
CA SER K 167 -54.59 45.41 -19.13
C SER K 167 -54.77 45.89 -20.58
N GLY K 168 -54.10 46.98 -20.95
CA GLY K 168 -54.16 47.52 -22.29
C GLY K 168 -53.04 46.86 -23.09
N GLU K 169 -52.59 45.72 -22.61
CA GLU K 169 -51.53 44.89 -23.21
C GLU K 169 -51.93 43.40 -23.01
N VAL K 170 -51.88 42.66 -24.13
CA VAL K 170 -52.12 41.22 -24.16
C VAL K 170 -50.71 40.69 -24.31
N TYR K 171 -50.36 39.77 -23.41
CA TYR K 171 -49.04 39.12 -23.37
C TYR K 171 -49.16 37.72 -23.95
N THR K 172 -48.28 37.44 -24.91
CA THR K 172 -48.20 36.15 -25.59
C THR K 172 -46.82 35.48 -25.54
N CYS K 173 -46.87 34.22 -25.11
CA CYS K 173 -45.69 33.36 -25.02
C CYS K 173 -45.73 32.52 -26.26
N GLN K 174 -44.71 32.65 -27.09
CA GLN K 174 -44.65 31.86 -28.31
C GLN K 174 -43.55 30.80 -28.27
N VAL K 175 -43.92 29.55 -28.48
CA VAL K 175 -43.00 28.43 -28.45
C VAL K 175 -42.80 27.73 -29.79
N GLU K 176 -41.54 27.58 -30.17
CA GLU K 176 -41.15 26.91 -31.39
C GLU K 176 -40.34 25.69 -30.93
N HIS K 177 -40.79 24.51 -31.35
CA HIS K 177 -40.15 23.23 -31.03
C HIS K 177 -40.38 22.24 -32.20
N PRO K 178 -39.40 21.36 -32.49
CA PRO K 178 -39.47 20.38 -33.57
C PRO K 178 -40.69 19.49 -33.56
N SER K 179 -41.32 19.33 -32.41
CA SER K 179 -42.51 18.51 -32.37
C SER K 179 -43.79 19.16 -32.93
N VAL K 180 -43.73 20.42 -33.37
CA VAL K 180 -44.92 21.11 -33.89
C VAL K 180 -44.64 21.85 -35.22
N THR K 181 -45.62 21.85 -36.13
CA THR K 181 -45.53 22.48 -37.45
C THR K 181 -45.54 24.02 -37.35
N SER K 182 -46.38 24.52 -36.46
CA SER K 182 -46.57 25.95 -36.26
C SER K 182 -46.30 26.22 -34.79
N PRO K 183 -45.78 27.42 -34.45
CA PRO K 183 -45.48 27.80 -33.07
C PRO K 183 -46.68 27.78 -32.15
N LEU K 184 -46.46 27.29 -30.92
CA LEU K 184 -47.48 27.26 -29.89
C LEU K 184 -47.54 28.66 -29.25
N THR K 185 -48.74 29.13 -28.94
CA THR K 185 -48.92 30.44 -28.30
C THR K 185 -49.96 30.38 -27.22
N VAL K 186 -49.73 31.17 -26.19
CA VAL K 186 -50.61 31.23 -25.04
C VAL K 186 -50.65 32.71 -24.68
N GLU K 187 -51.86 33.25 -24.58
CA GLU K 187 -52.03 34.65 -24.24
C GLU K 187 -52.46 34.85 -22.83
N TRP K 188 -52.07 35.98 -22.29
CA TRP K 188 -52.45 36.27 -20.94
C TRP K 188 -52.75 37.73 -20.89
N ARG K 189 -53.85 38.03 -20.24
CA ARG K 189 -54.26 39.40 -20.08
C ARG K 189 -54.64 39.52 -18.58
N ALA K 190 -54.25 40.63 -17.98
CA ALA K 190 -54.54 40.91 -16.59
C ALA K 190 -55.98 41.36 -16.40
N ARG K 191 -56.41 41.47 -15.15
CA ARG K 191 -57.78 41.85 -14.76
C ARG K 191 -58.50 42.87 -15.61
N GLY L 2 -29.89 -4.58 -37.85
CA GLY L 2 -30.72 -5.24 -36.84
C GLY L 2 -31.64 -4.44 -35.94
N SER L 3 -32.02 -5.13 -34.87
CA SER L 3 -32.83 -4.60 -33.75
C SER L 3 -31.89 -4.85 -32.57
N ASP L 4 -30.75 -5.48 -32.88
CA ASP L 4 -29.74 -5.80 -31.90
C ASP L 4 -28.95 -4.54 -31.59
N TRP L 5 -28.94 -4.20 -30.30
CA TRP L 5 -28.21 -3.07 -29.79
C TRP L 5 -26.87 -3.68 -29.47
N ARG L 6 -25.85 -3.19 -30.14
CA ARG L 6 -24.51 -3.70 -29.91
C ARG L 6 -23.72 -2.99 -28.81
N PHE L 7 -22.68 -3.66 -28.33
CA PHE L 7 -21.81 -3.08 -27.33
C PHE L 7 -20.36 -3.47 -27.59
N LEU L 8 -19.43 -2.69 -27.05
CA LEU L 8 -18.00 -2.98 -27.15
C LEU L 8 -17.55 -3.53 -25.81
N ARG L 9 -16.48 -4.32 -25.78
CA ARG L 9 -15.98 -4.83 -24.51
C ARG L 9 -14.58 -4.28 -24.31
N GLY L 10 -14.17 -4.20 -23.07
CA GLY L 10 -12.82 -3.71 -22.85
C GLY L 10 -11.78 -4.82 -22.91
N TYR L 11 -10.59 -4.43 -23.36
CA TYR L 11 -9.46 -5.32 -23.47
C TYR L 11 -8.89 -5.58 -22.07
N HIS L 12 -7.99 -6.52 -21.94
CA HIS L 12 -7.37 -6.76 -20.65
C HIS L 12 -6.16 -5.86 -20.39
N GLN L 13 -6.13 -5.28 -19.19
CA GLN L 13 -5.07 -4.38 -18.77
C GLN L 13 -3.74 -5.08 -18.79
N TYR L 14 -2.69 -4.30 -19.02
CA TYR L 14 -1.30 -4.81 -18.99
C TYR L 14 -1.02 -5.20 -17.49
N ALA L 15 -0.82 -6.49 -17.20
CA ALA L 15 -0.56 -6.92 -15.86
C ALA L 15 0.93 -7.19 -15.60
#